data_9NGD
# 
_entry.id   9NGD 
# 
_audit_conform.dict_name       mmcif_pdbx.dic 
_audit_conform.dict_version    5.403 
_audit_conform.dict_location   http://mmcif.pdb.org/dictionaries/ascii/mmcif_pdbx.dic 
# 
loop_
_database_2.database_id 
_database_2.database_code 
_database_2.pdbx_database_accession 
_database_2.pdbx_DOI 
PDB   9NGD         pdb_00009ngd 10.2210/pdb9ngd/pdb 
WWPDB D_1000293336 ?            ?                   
# 
_pdbx_audit_revision_history.ordinal             1 
_pdbx_audit_revision_history.data_content_type   'Structure model' 
_pdbx_audit_revision_history.major_revision      1 
_pdbx_audit_revision_history.minor_revision      0 
_pdbx_audit_revision_history.revision_date       2025-04-02 
_pdbx_audit_revision_history.part_number         ? 
# 
_pdbx_audit_revision_details.ordinal             1 
_pdbx_audit_revision_details.revision_ordinal    1 
_pdbx_audit_revision_details.data_content_type   'Structure model' 
_pdbx_audit_revision_details.provider            repository 
_pdbx_audit_revision_details.type                'Initial release' 
_pdbx_audit_revision_details.description         ? 
_pdbx_audit_revision_details.details             ? 
# 
_pdbx_database_status.status_code                     REL 
_pdbx_database_status.status_code_sf                  REL 
_pdbx_database_status.status_code_mr                  ? 
_pdbx_database_status.entry_id                        9NGD 
_pdbx_database_status.recvd_initial_deposition_date   2025-02-22 
_pdbx_database_status.SG_entry                        N 
_pdbx_database_status.deposit_site                    RCSB 
_pdbx_database_status.process_site                    RCSB 
_pdbx_database_status.status_code_cs                  ? 
_pdbx_database_status.status_code_nmr_data            ? 
_pdbx_database_status.methods_development_category    ? 
_pdbx_database_status.pdb_format_compatible           Y 
# 
loop_
_pdbx_contact_author.id 
_pdbx_contact_author.email 
_pdbx_contact_author.name_first 
_pdbx_contact_author.name_last 
_pdbx_contact_author.name_mi 
_pdbx_contact_author.role 
_pdbx_contact_author.identifier_ORCID 
2 geiger@chemistry.msu.edu James Geiger H 'principal investigator/group leader' 0000-0002-9443-4488 
3 draths@chemistry.msu.edu Karen Draths ? 'principal investigator/group leader' 0000-0001-7852-1090 
# 
loop_
_audit_author.name 
_audit_author.pdbx_ordinal 
_audit_author.identifier_ORCID 
'Silva, K.'    1 ? 
'Geiger, J.H.' 2 ? 
'Draths, K.'   3 ? 
# 
_citation.abstract                  ? 
_citation.abstract_id_CAS           ? 
_citation.book_id_ISBN              ? 
_citation.book_publisher            ? 
_citation.book_publisher_city       ? 
_citation.book_title                ? 
_citation.coordinate_linkage        ? 
_citation.country                   ? 
_citation.database_id_Medline       ? 
_citation.details                   ? 
_citation.id                        primary 
_citation.journal_abbrev            'To Be Published' 
_citation.journal_id_ASTM           ? 
_citation.journal_id_CSD            0353 
_citation.journal_id_ISSN           ? 
_citation.journal_full              ? 
_citation.journal_issue             ? 
_citation.journal_volume            ? 
_citation.language                  ? 
_citation.page_first                ? 
_citation.page_last                 ? 
_citation.title                     'cis-CaaD/Cg10062 chimera' 
_citation.year                      ? 
_citation.database_id_CSD           ? 
_citation.pdbx_database_id_DOI      ? 
_citation.pdbx_database_id_PubMed   ? 
_citation.pdbx_database_id_patent   ? 
_citation.unpublished_flag          ? 
# 
loop_
_citation_author.citation_id 
_citation_author.name 
_citation_author.ordinal 
_citation_author.identifier_ORCID 
primary 'Silva, K.'    1 ? 
primary 'Geiger, J.H.' 2 ? 
primary 'Draths, K.'   3 ? 
# 
loop_
_entity.id 
_entity.type 
_entity.src_method 
_entity.pdbx_description 
_entity.formula_weight 
_entity.pdbx_number_of_molecules 
_entity.pdbx_ec 
_entity.pdbx_mutation 
_entity.pdbx_fragment 
_entity.details 
1 polymer     man 'Cis-3-chloroacrylic acid dehalogenase,4-oxalocrotonate tautomerase' 18495.596 1  ? ? ? ? 
2 non-polymer syn 'CHLORIDE ION'                                                       35.453    1  ? ? ? ? 
3 water       nat water                                                                18.015    10 ? ? ? ? 
# 
_entity_poly.entity_id                      1 
_entity_poly.type                           'polypeptide(L)' 
_entity_poly.nstd_linkage                   no 
_entity_poly.nstd_monomer                   no 
_entity_poly.pdbx_seq_one_letter_code       
;PVYMVYVSQDRLTPSAKHAVAKAITDAHRGLTGTQHFLAQVNFQEQPAGNVFLGGVQQGGDTIFVHGLHREGRSADLKGQ
LAQRIVDDVSVAAEIDRKHIWVYFGEMPAQQMVEYGRFLMEPGEEEKWFNSLPEGLRERLTELEGSSEENLYFQGLEHHH
HHH
;
_entity_poly.pdbx_seq_one_letter_code_can   
;PVYMVYVSQDRLTPSAKHAVAKAITDAHRGLTGTQHFLAQVNFQEQPAGNVFLGGVQQGGDTIFVHGLHREGRSADLKGQ
LAQRIVDDVSVAAEIDRKHIWVYFGEMPAQQMVEYGRFLMEPGEEEKWFNSLPEGLRERLTELEGSSEENLYFQGLEHHH
HHH
;
_entity_poly.pdbx_strand_id                 A 
_entity_poly.pdbx_target_identifier         ? 
# 
loop_
_pdbx_entity_nonpoly.entity_id 
_pdbx_entity_nonpoly.name 
_pdbx_entity_nonpoly.comp_id 
2 'CHLORIDE ION' CL  
3 water          HOH 
# 
loop_
_entity_poly_seq.entity_id 
_entity_poly_seq.num 
_entity_poly_seq.mon_id 
_entity_poly_seq.hetero 
1 1   PRO n 
1 2   VAL n 
1 3   TYR n 
1 4   MET n 
1 5   VAL n 
1 6   TYR n 
1 7   VAL n 
1 8   SER n 
1 9   GLN n 
1 10  ASP n 
1 11  ARG n 
1 12  LEU n 
1 13  THR n 
1 14  PRO n 
1 15  SER n 
1 16  ALA n 
1 17  LYS n 
1 18  HIS n 
1 19  ALA n 
1 20  VAL n 
1 21  ALA n 
1 22  LYS n 
1 23  ALA n 
1 24  ILE n 
1 25  THR n 
1 26  ASP n 
1 27  ALA n 
1 28  HIS n 
1 29  ARG n 
1 30  GLY n 
1 31  LEU n 
1 32  THR n 
1 33  GLY n 
1 34  THR n 
1 35  GLN n 
1 36  HIS n 
1 37  PHE n 
1 38  LEU n 
1 39  ALA n 
1 40  GLN n 
1 41  VAL n 
1 42  ASN n 
1 43  PHE n 
1 44  GLN n 
1 45  GLU n 
1 46  GLN n 
1 47  PRO n 
1 48  ALA n 
1 49  GLY n 
1 50  ASN n 
1 51  VAL n 
1 52  PHE n 
1 53  LEU n 
1 54  GLY n 
1 55  GLY n 
1 56  VAL n 
1 57  GLN n 
1 58  GLN n 
1 59  GLY n 
1 60  GLY n 
1 61  ASP n 
1 62  THR n 
1 63  ILE n 
1 64  PHE n 
1 65  VAL n 
1 66  HIS n 
1 67  GLY n 
1 68  LEU n 
1 69  HIS n 
1 70  ARG n 
1 71  GLU n 
1 72  GLY n 
1 73  ARG n 
1 74  SER n 
1 75  ALA n 
1 76  ASP n 
1 77  LEU n 
1 78  LYS n 
1 79  GLY n 
1 80  GLN n 
1 81  LEU n 
1 82  ALA n 
1 83  GLN n 
1 84  ARG n 
1 85  ILE n 
1 86  VAL n 
1 87  ASP n 
1 88  ASP n 
1 89  VAL n 
1 90  SER n 
1 91  VAL n 
1 92  ALA n 
1 93  ALA n 
1 94  GLU n 
1 95  ILE n 
1 96  ASP n 
1 97  ARG n 
1 98  LYS n 
1 99  HIS n 
1 100 ILE n 
1 101 TRP n 
1 102 VAL n 
1 103 TYR n 
1 104 PHE n 
1 105 GLY n 
1 106 GLU n 
1 107 MET n 
1 108 PRO n 
1 109 ALA n 
1 110 GLN n 
1 111 GLN n 
1 112 MET n 
1 113 VAL n 
1 114 GLU n 
1 115 TYR n 
1 116 GLY n 
1 117 ARG n 
1 118 PHE n 
1 119 LEU n 
1 120 MET n 
1 121 GLU n 
1 122 PRO n 
1 123 GLY n 
1 124 GLU n 
1 125 GLU n 
1 126 GLU n 
1 127 LYS n 
1 128 TRP n 
1 129 PHE n 
1 130 ASN n 
1 131 SER n 
1 132 LEU n 
1 133 PRO n 
1 134 GLU n 
1 135 GLY n 
1 136 LEU n 
1 137 ARG n 
1 138 GLU n 
1 139 ARG n 
1 140 LEU n 
1 141 THR n 
1 142 GLU n 
1 143 LEU n 
1 144 GLU n 
1 145 GLY n 
1 146 SER n 
1 147 SER n 
1 148 GLU n 
1 149 GLU n 
1 150 ASN n 
1 151 LEU n 
1 152 TYR n 
1 153 PHE n 
1 154 GLN n 
1 155 GLY n 
1 156 LEU n 
1 157 GLU n 
1 158 HIS n 
1 159 HIS n 
1 160 HIS n 
1 161 HIS n 
1 162 HIS n 
1 163 HIS n 
# 
loop_
_entity_src_gen.entity_id 
_entity_src_gen.pdbx_src_id 
_entity_src_gen.pdbx_alt_source_flag 
_entity_src_gen.pdbx_seq_type 
_entity_src_gen.pdbx_beg_seq_num 
_entity_src_gen.pdbx_end_seq_num 
_entity_src_gen.gene_src_common_name 
_entity_src_gen.gene_src_genus 
_entity_src_gen.pdbx_gene_src_gene 
_entity_src_gen.gene_src_species 
_entity_src_gen.gene_src_strain 
_entity_src_gen.gene_src_tissue 
_entity_src_gen.gene_src_tissue_fraction 
_entity_src_gen.gene_src_details 
_entity_src_gen.pdbx_gene_src_fragment 
_entity_src_gen.pdbx_gene_src_scientific_name 
_entity_src_gen.pdbx_gene_src_ncbi_taxonomy_id 
_entity_src_gen.pdbx_gene_src_variant 
_entity_src_gen.pdbx_gene_src_cell_line 
_entity_src_gen.pdbx_gene_src_atcc 
_entity_src_gen.pdbx_gene_src_organ 
_entity_src_gen.pdbx_gene_src_organelle 
_entity_src_gen.pdbx_gene_src_cell 
_entity_src_gen.pdbx_gene_src_cellular_location 
_entity_src_gen.host_org_common_name 
_entity_src_gen.pdbx_host_org_scientific_name 
_entity_src_gen.pdbx_host_org_ncbi_taxonomy_id 
_entity_src_gen.host_org_genus 
_entity_src_gen.pdbx_host_org_gene 
_entity_src_gen.pdbx_host_org_organ 
_entity_src_gen.host_org_species 
_entity_src_gen.pdbx_host_org_tissue 
_entity_src_gen.pdbx_host_org_tissue_fraction 
_entity_src_gen.pdbx_host_org_strain 
_entity_src_gen.pdbx_host_org_variant 
_entity_src_gen.pdbx_host_org_cell_line 
_entity_src_gen.pdbx_host_org_atcc 
_entity_src_gen.pdbx_host_org_culture_collection 
_entity_src_gen.pdbx_host_org_cell 
_entity_src_gen.pdbx_host_org_organelle 
_entity_src_gen.pdbx_host_org_cellular_location 
_entity_src_gen.pdbx_host_org_vector_type 
_entity_src_gen.pdbx_host_org_vector 
_entity_src_gen.host_org_details 
_entity_src_gen.expression_system_id 
_entity_src_gen.plasmid_name 
_entity_src_gen.plasmid_details 
_entity_src_gen.pdbx_description 
1 1 sample 'Biological sequence' 1   119 ? ? cis-caaD                   ? ? ? ? ? ? 'coryneform bacterium' 1728 ? ? ? ? ? ? ? ? 
'Escherichia coli' 562 ? ? ? ? ? ? ? ? ? ? ? ? ? ? ? ? ? ? ? ? ? 
1 2 sample 'Biological sequence' 120 163 ? ? 'AUP69_07050, AUP70_06515' ? ? ? ? ? ? 'coryneform bacterium' 1728 ? ? ? ? ? ? ? ? 
'Escherichia coli' 562 ? ? ? ? ? ? ? ? ? ? ? ? ? ? ? ? ? ? ? ? ? 
# 
loop_
_chem_comp.id 
_chem_comp.type 
_chem_comp.mon_nstd_flag 
_chem_comp.name 
_chem_comp.pdbx_synonyms 
_chem_comp.formula 
_chem_comp.formula_weight 
ALA 'L-peptide linking' y ALANINE         ? 'C3 H7 N O2'     89.093  
ARG 'L-peptide linking' y ARGININE        ? 'C6 H15 N4 O2 1' 175.209 
ASN 'L-peptide linking' y ASPARAGINE      ? 'C4 H8 N2 O3'    132.118 
ASP 'L-peptide linking' y 'ASPARTIC ACID' ? 'C4 H7 N O4'     133.103 
CL  non-polymer         . 'CHLORIDE ION'  ? 'Cl -1'          35.453  
GLN 'L-peptide linking' y GLUTAMINE       ? 'C5 H10 N2 O3'   146.144 
GLU 'L-peptide linking' y 'GLUTAMIC ACID' ? 'C5 H9 N O4'     147.129 
GLY 'peptide linking'   y GLYCINE         ? 'C2 H5 N O2'     75.067  
HIS 'L-peptide linking' y HISTIDINE       ? 'C6 H10 N3 O2 1' 156.162 
HOH non-polymer         . WATER           ? 'H2 O'           18.015  
ILE 'L-peptide linking' y ISOLEUCINE      ? 'C6 H13 N O2'    131.173 
LEU 'L-peptide linking' y LEUCINE         ? 'C6 H13 N O2'    131.173 
LYS 'L-peptide linking' y LYSINE          ? 'C6 H15 N2 O2 1' 147.195 
MET 'L-peptide linking' y METHIONINE      ? 'C5 H11 N O2 S'  149.211 
PHE 'L-peptide linking' y PHENYLALANINE   ? 'C9 H11 N O2'    165.189 
PRO 'L-peptide linking' y PROLINE         ? 'C5 H9 N O2'     115.130 
SER 'L-peptide linking' y SERINE          ? 'C3 H7 N O3'     105.093 
THR 'L-peptide linking' y THREONINE       ? 'C4 H9 N O3'     119.119 
TRP 'L-peptide linking' y TRYPTOPHAN      ? 'C11 H12 N2 O2'  204.225 
TYR 'L-peptide linking' y TYROSINE        ? 'C9 H11 N O3'    181.189 
VAL 'L-peptide linking' y VALINE          ? 'C5 H11 N O2'    117.146 
# 
loop_
_pdbx_poly_seq_scheme.asym_id 
_pdbx_poly_seq_scheme.entity_id 
_pdbx_poly_seq_scheme.seq_id 
_pdbx_poly_seq_scheme.mon_id 
_pdbx_poly_seq_scheme.ndb_seq_num 
_pdbx_poly_seq_scheme.pdb_seq_num 
_pdbx_poly_seq_scheme.auth_seq_num 
_pdbx_poly_seq_scheme.pdb_mon_id 
_pdbx_poly_seq_scheme.auth_mon_id 
_pdbx_poly_seq_scheme.pdb_strand_id 
_pdbx_poly_seq_scheme.pdb_ins_code 
_pdbx_poly_seq_scheme.hetero 
A 1 1   PRO 1   1   1   PRO PRO A . n 
A 1 2   VAL 2   2   2   VAL VAL A . n 
A 1 3   TYR 3   3   3   TYR TYR A . n 
A 1 4   MET 4   4   4   MET MET A . n 
A 1 5   VAL 5   5   5   VAL VAL A . n 
A 1 6   TYR 6   6   6   TYR TYR A . n 
A 1 7   VAL 7   7   7   VAL VAL A . n 
A 1 8   SER 8   8   8   SER SER A . n 
A 1 9   GLN 9   9   9   GLN GLN A . n 
A 1 10  ASP 10  10  10  ASP ASP A . n 
A 1 11  ARG 11  11  11  ARG ARG A . n 
A 1 12  LEU 12  12  12  LEU LEU A . n 
A 1 13  THR 13  13  13  THR THR A . n 
A 1 14  PRO 14  14  14  PRO PRO A . n 
A 1 15  SER 15  15  15  SER SER A . n 
A 1 16  ALA 16  16  16  ALA ALA A . n 
A 1 17  LYS 17  17  17  LYS LYS A . n 
A 1 18  HIS 18  18  18  HIS HIS A . n 
A 1 19  ALA 19  19  19  ALA ALA A . n 
A 1 20  VAL 20  20  20  VAL VAL A . n 
A 1 21  ALA 21  21  21  ALA ALA A . n 
A 1 22  LYS 22  22  22  LYS LYS A . n 
A 1 23  ALA 23  23  23  ALA ALA A . n 
A 1 24  ILE 24  24  24  ILE ILE A . n 
A 1 25  THR 25  25  25  THR THR A . n 
A 1 26  ASP 26  26  26  ASP ASP A . n 
A 1 27  ALA 27  27  27  ALA ALA A . n 
A 1 28  HIS 28  28  28  HIS HIS A . n 
A 1 29  ARG 29  29  29  ARG ARG A . n 
A 1 30  GLY 30  30  30  GLY GLY A . n 
A 1 31  LEU 31  31  31  LEU LEU A . n 
A 1 32  THR 32  32  32  THR THR A . n 
A 1 33  GLY 33  33  33  GLY GLY A . n 
A 1 34  THR 34  34  34  THR THR A . n 
A 1 35  GLN 35  35  35  GLN GLN A . n 
A 1 36  HIS 36  36  36  HIS HIS A . n 
A 1 37  PHE 37  37  37  PHE PHE A . n 
A 1 38  LEU 38  38  38  LEU LEU A . n 
A 1 39  ALA 39  39  39  ALA ALA A . n 
A 1 40  GLN 40  40  40  GLN GLN A . n 
A 1 41  VAL 41  41  41  VAL VAL A . n 
A 1 42  ASN 42  42  42  ASN ASN A . n 
A 1 43  PHE 43  43  43  PHE PHE A . n 
A 1 44  GLN 44  44  44  GLN GLN A . n 
A 1 45  GLU 45  45  45  GLU GLU A . n 
A 1 46  GLN 46  46  46  GLN GLN A . n 
A 1 47  PRO 47  47  47  PRO PRO A . n 
A 1 48  ALA 48  48  48  ALA ALA A . n 
A 1 49  GLY 49  49  49  GLY GLY A . n 
A 1 50  ASN 50  50  50  ASN ASN A . n 
A 1 51  VAL 51  51  51  VAL VAL A . n 
A 1 52  PHE 52  52  52  PHE PHE A . n 
A 1 53  LEU 53  53  53  LEU LEU A . n 
A 1 54  GLY 54  54  54  GLY GLY A . n 
A 1 55  GLY 55  55  55  GLY GLY A . n 
A 1 56  VAL 56  56  56  VAL VAL A . n 
A 1 57  GLN 57  57  57  GLN GLN A . n 
A 1 58  GLN 58  58  58  GLN GLN A . n 
A 1 59  GLY 59  59  59  GLY GLY A . n 
A 1 60  GLY 60  60  60  GLY GLY A . n 
A 1 61  ASP 61  61  61  ASP ASP A . n 
A 1 62  THR 62  62  62  THR THR A . n 
A 1 63  ILE 63  63  63  ILE ILE A . n 
A 1 64  PHE 64  64  64  PHE PHE A . n 
A 1 65  VAL 65  65  65  VAL VAL A . n 
A 1 66  HIS 66  66  66  HIS HIS A . n 
A 1 67  GLY 67  67  67  GLY GLY A . n 
A 1 68  LEU 68  68  68  LEU LEU A . n 
A 1 69  HIS 69  69  69  HIS HIS A . n 
A 1 70  ARG 70  70  70  ARG ARG A . n 
A 1 71  GLU 71  71  71  GLU GLU A . n 
A 1 72  GLY 72  72  72  GLY GLY A . n 
A 1 73  ARG 73  73  73  ARG ARG A . n 
A 1 74  SER 74  74  74  SER SER A . n 
A 1 75  ALA 75  75  75  ALA ALA A . n 
A 1 76  ASP 76  76  76  ASP ASP A . n 
A 1 77  LEU 77  77  77  LEU LEU A . n 
A 1 78  LYS 78  78  78  LYS LYS A . n 
A 1 79  GLY 79  79  79  GLY GLY A . n 
A 1 80  GLN 80  80  80  GLN GLN A . n 
A 1 81  LEU 81  81  81  LEU LEU A . n 
A 1 82  ALA 82  82  82  ALA ALA A . n 
A 1 83  GLN 83  83  83  GLN GLN A . n 
A 1 84  ARG 84  84  84  ARG ARG A . n 
A 1 85  ILE 85  85  85  ILE ILE A . n 
A 1 86  VAL 86  86  86  VAL VAL A . n 
A 1 87  ASP 87  87  87  ASP ASP A . n 
A 1 88  ASP 88  88  88  ASP ASP A . n 
A 1 89  VAL 89  89  89  VAL VAL A . n 
A 1 90  SER 90  90  90  SER SER A . n 
A 1 91  VAL 91  91  91  VAL VAL A . n 
A 1 92  ALA 92  92  92  ALA ALA A . n 
A 1 93  ALA 93  93  93  ALA ALA A . n 
A 1 94  GLU 94  94  94  GLU GLU A . n 
A 1 95  ILE 95  95  95  ILE ILE A . n 
A 1 96  ASP 96  96  96  ASP ASP A . n 
A 1 97  ARG 97  97  97  ARG ARG A . n 
A 1 98  LYS 98  98  98  LYS LYS A . n 
A 1 99  HIS 99  99  99  HIS HIS A . n 
A 1 100 ILE 100 100 100 ILE ILE A . n 
A 1 101 TRP 101 101 101 TRP TRP A . n 
A 1 102 VAL 102 102 102 VAL VAL A . n 
A 1 103 TYR 103 103 103 TYR TYR A . n 
A 1 104 PHE 104 104 104 PHE PHE A . n 
A 1 105 GLY 105 105 105 GLY GLY A . n 
A 1 106 GLU 106 106 106 GLU GLU A . n 
A 1 107 MET 107 107 107 MET MET A . n 
A 1 108 PRO 108 108 108 PRO PRO A . n 
A 1 109 ALA 109 109 109 ALA ALA A . n 
A 1 110 GLN 110 110 110 GLN GLN A . n 
A 1 111 GLN 111 111 111 GLN GLN A . n 
A 1 112 MET 112 112 112 MET MET A . n 
A 1 113 VAL 113 113 113 VAL VAL A . n 
A 1 114 GLU 114 114 114 GLU GLU A . n 
A 1 115 TYR 115 115 115 TYR TYR A . n 
A 1 116 GLY 116 116 116 GLY GLY A . n 
A 1 117 ARG 117 117 117 ARG ARG A . n 
A 1 118 PHE 118 118 118 PHE PHE A . n 
A 1 119 LEU 119 119 119 LEU LEU A . n 
A 1 120 MET 120 120 120 MET MET A . n 
A 1 121 GLU 121 121 121 GLU GLU A . n 
A 1 122 PRO 122 122 122 PRO PRO A . n 
A 1 123 GLY 123 123 123 GLY GLY A . n 
A 1 124 GLU 124 124 ?   ?   ?   A . n 
A 1 125 GLU 125 125 ?   ?   ?   A . n 
A 1 126 GLU 126 126 ?   ?   ?   A . n 
A 1 127 LYS 127 127 ?   ?   ?   A . n 
A 1 128 TRP 128 128 ?   ?   ?   A . n 
A 1 129 PHE 129 129 ?   ?   ?   A . n 
A 1 130 ASN 130 130 ?   ?   ?   A . n 
A 1 131 SER 131 131 ?   ?   ?   A . n 
A 1 132 LEU 132 132 ?   ?   ?   A . n 
A 1 133 PRO 133 133 ?   ?   ?   A . n 
A 1 134 GLU 134 134 ?   ?   ?   A . n 
A 1 135 GLY 135 135 ?   ?   ?   A . n 
A 1 136 LEU 136 136 ?   ?   ?   A . n 
A 1 137 ARG 137 137 ?   ?   ?   A . n 
A 1 138 GLU 138 138 ?   ?   ?   A . n 
A 1 139 ARG 139 139 ?   ?   ?   A . n 
A 1 140 LEU 140 140 ?   ?   ?   A . n 
A 1 141 THR 141 141 ?   ?   ?   A . n 
A 1 142 GLU 142 142 ?   ?   ?   A . n 
A 1 143 LEU 143 143 ?   ?   ?   A . n 
A 1 144 GLU 144 144 ?   ?   ?   A . n 
A 1 145 GLY 145 145 ?   ?   ?   A . n 
A 1 146 SER 146 146 ?   ?   ?   A . n 
A 1 147 SER 147 147 ?   ?   ?   A . n 
A 1 148 GLU 148 148 ?   ?   ?   A . n 
A 1 149 GLU 149 149 ?   ?   ?   A . n 
A 1 150 ASN 150 150 ?   ?   ?   A . n 
A 1 151 LEU 151 151 ?   ?   ?   A . n 
A 1 152 TYR 152 152 ?   ?   ?   A . n 
A 1 153 PHE 153 153 ?   ?   ?   A . n 
A 1 154 GLN 154 154 ?   ?   ?   A . n 
A 1 155 GLY 155 155 ?   ?   ?   A . n 
A 1 156 LEU 156 156 ?   ?   ?   A . n 
A 1 157 GLU 157 157 ?   ?   ?   A . n 
A 1 158 HIS 158 158 ?   ?   ?   A . n 
A 1 159 HIS 159 159 ?   ?   ?   A . n 
A 1 160 HIS 160 160 ?   ?   ?   A . n 
A 1 161 HIS 161 161 ?   ?   ?   A . n 
A 1 162 HIS 162 162 ?   ?   ?   A . n 
A 1 163 HIS 163 163 ?   ?   ?   A . n 
# 
loop_
_pdbx_nonpoly_scheme.asym_id 
_pdbx_nonpoly_scheme.entity_id 
_pdbx_nonpoly_scheme.mon_id 
_pdbx_nonpoly_scheme.ndb_seq_num 
_pdbx_nonpoly_scheme.pdb_seq_num 
_pdbx_nonpoly_scheme.auth_seq_num 
_pdbx_nonpoly_scheme.pdb_mon_id 
_pdbx_nonpoly_scheme.auth_mon_id 
_pdbx_nonpoly_scheme.pdb_strand_id 
_pdbx_nonpoly_scheme.pdb_ins_code 
B 2 CL  1  201 1  CL  CL  A . 
C 3 HOH 1  301 11 HOH HOH A . 
C 3 HOH 2  302 10 HOH HOH A . 
C 3 HOH 3  303 12 HOH HOH A . 
C 3 HOH 4  304 13 HOH HOH A . 
C 3 HOH 5  305 3  HOH HOH A . 
C 3 HOH 6  306 2  HOH HOH A . 
C 3 HOH 7  307 1  HOH HOH A . 
C 3 HOH 8  308 8  HOH HOH A . 
C 3 HOH 9  309 21 HOH HOH A . 
C 3 HOH 10 310 18 HOH HOH A . 
# 
loop_
_software.citation_id 
_software.classification 
_software.compiler_name 
_software.compiler_version 
_software.contact_author 
_software.contact_author_email 
_software.date 
_software.description 
_software.dependencies 
_software.hardware 
_software.language 
_software.location 
_software.mods 
_software.name 
_software.os 
_software.os_version 
_software.type 
_software.version 
_software.pdbx_ordinal 
? refinement       ? ? ? ? ? ? ? ? ? ? ? PHENIX   ? ? ? 1.21.2_5419 1 
? 'data reduction' ? ? ? ? ? ? ? ? ? ? ? HKL-2000 ? ? ? .           2 
? 'data scaling'   ? ? ? ? ? ? ? ? ? ? ? HKL-2000 ? ? ? .           3 
? phasing          ? ? ? ? ? ? ? ? ? ? ? PHASER   ? ? ? .           4 
# 
_cell.angle_alpha                  90.000 
_cell.angle_alpha_esd              ? 
_cell.angle_beta                   90.000 
_cell.angle_beta_esd               ? 
_cell.angle_gamma                  120.000 
_cell.angle_gamma_esd              ? 
_cell.entry_id                     9NGD 
_cell.details                      ? 
_cell.formula_units_Z              ? 
_cell.length_a                     59.828 
_cell.length_a_esd                 ? 
_cell.length_b                     59.828 
_cell.length_b_esd                 ? 
_cell.length_c                     57.111 
_cell.length_c_esd                 ? 
_cell.volume                       177035.094 
_cell.volume_esd                   ? 
_cell.Z_PDB                        6 
_cell.reciprocal_angle_alpha       ? 
_cell.reciprocal_angle_beta        ? 
_cell.reciprocal_angle_gamma       ? 
_cell.reciprocal_angle_alpha_esd   ? 
_cell.reciprocal_angle_beta_esd    ? 
_cell.reciprocal_angle_gamma_esd   ? 
_cell.reciprocal_length_a          ? 
_cell.reciprocal_length_b          ? 
_cell.reciprocal_length_c          ? 
_cell.reciprocal_length_a_esd      ? 
_cell.reciprocal_length_b_esd      ? 
_cell.reciprocal_length_c_esd      ? 
_cell.pdbx_unique_axis             ? 
_cell.pdbx_esd_method              ? 
# 
_symmetry.entry_id                         9NGD 
_symmetry.cell_setting                     ? 
_symmetry.Int_Tables_number                173 
_symmetry.space_group_name_Hall            'P 6c' 
_symmetry.space_group_name_H-M             'P 63' 
_symmetry.pdbx_full_space_group_name_H-M   ? 
# 
_exptl.absorpt_coefficient_mu     ? 
_exptl.absorpt_correction_T_max   ? 
_exptl.absorpt_correction_T_min   ? 
_exptl.absorpt_correction_type    ? 
_exptl.absorpt_process_details    ? 
_exptl.entry_id                   9NGD 
_exptl.crystals_number            1 
_exptl.details                    ? 
_exptl.method                     'X-RAY DIFFRACTION' 
_exptl.method_details             ? 
# 
_exptl_crystal.colour                       ? 
_exptl_crystal.density_diffrn               ? 
_exptl_crystal.density_Matthews             1.60 
_exptl_crystal.density_method               ? 
_exptl_crystal.density_percent_sol          22.90 
_exptl_crystal.description                  ? 
_exptl_crystal.F_000                        ? 
_exptl_crystal.id                           1 
_exptl_crystal.preparation                  ? 
_exptl_crystal.size_max                     ? 
_exptl_crystal.size_mid                     ? 
_exptl_crystal.size_min                     ? 
_exptl_crystal.size_rad                     ? 
_exptl_crystal.colour_lustre                ? 
_exptl_crystal.colour_modifier              ? 
_exptl_crystal.colour_primary               ? 
_exptl_crystal.density_meas                 ? 
_exptl_crystal.density_meas_esd             ? 
_exptl_crystal.density_meas_gt              ? 
_exptl_crystal.density_meas_lt              ? 
_exptl_crystal.density_meas_temp            ? 
_exptl_crystal.density_meas_temp_esd        ? 
_exptl_crystal.density_meas_temp_gt         ? 
_exptl_crystal.density_meas_temp_lt         ? 
_exptl_crystal.pdbx_crystal_image_url       ? 
_exptl_crystal.pdbx_crystal_image_format    ? 
_exptl_crystal.pdbx_mosaicity               ? 
_exptl_crystal.pdbx_mosaicity_esd           ? 
_exptl_crystal.pdbx_mosaic_method           ? 
_exptl_crystal.pdbx_mosaic_block_size       ? 
_exptl_crystal.pdbx_mosaic_block_size_esd   ? 
# 
_exptl_crystal_grow.apparatus       ? 
_exptl_crystal_grow.atmosphere      ? 
_exptl_crystal_grow.crystal_id      1 
_exptl_crystal_grow.details         ? 
_exptl_crystal_grow.method          'VAPOR DIFFUSION, HANGING DROP' 
_exptl_crystal_grow.method_ref      ? 
_exptl_crystal_grow.pH              ? 
_exptl_crystal_grow.pressure        ? 
_exptl_crystal_grow.pressure_esd    ? 
_exptl_crystal_grow.seeding         ? 
_exptl_crystal_grow.seeding_ref     ? 
_exptl_crystal_grow.temp_details    ? 
_exptl_crystal_grow.temp_esd        ? 
_exptl_crystal_grow.time            ? 
_exptl_crystal_grow.pdbx_details    '0.2 M lithium chloride 20% w/v PEG 3,350' 
_exptl_crystal_grow.pdbx_pH_range   ? 
_exptl_crystal_grow.temp            296 
# 
_diffrn.ambient_environment              ? 
_diffrn.ambient_temp                     100 
_diffrn.ambient_temp_details             ? 
_diffrn.ambient_temp_esd                 ? 
_diffrn.crystal_id                       1 
_diffrn.crystal_support                  ? 
_diffrn.crystal_treatment                ? 
_diffrn.details                          ? 
_diffrn.id                               1 
_diffrn.ambient_pressure                 ? 
_diffrn.ambient_pressure_esd             ? 
_diffrn.ambient_pressure_gt              ? 
_diffrn.ambient_pressure_lt              ? 
_diffrn.ambient_temp_gt                  ? 
_diffrn.ambient_temp_lt                  ? 
_diffrn.pdbx_serial_crystal_experiment   N 
# 
_diffrn_detector.details                      ? 
_diffrn_detector.detector                     PIXEL 
_diffrn_detector.diffrn_id                    1 
_diffrn_detector.type                         'DECTRIS EIGER2 S 9M' 
_diffrn_detector.area_resol_mean              ? 
_diffrn_detector.dtime                        ? 
_diffrn_detector.pdbx_frames_total            ? 
_diffrn_detector.pdbx_collection_time_total   ? 
_diffrn_detector.pdbx_collection_date         2022-07-30 
_diffrn_detector.pdbx_frequency               ? 
_diffrn_detector.id                           ? 
_diffrn_detector.number_of_axes               ? 
# 
_diffrn_radiation.collimation                      ? 
_diffrn_radiation.diffrn_id                        1 
_diffrn_radiation.filter_edge                      ? 
_diffrn_radiation.inhomogeneity                    ? 
_diffrn_radiation.monochromator                    ? 
_diffrn_radiation.polarisn_norm                    ? 
_diffrn_radiation.polarisn_ratio                   ? 
_diffrn_radiation.probe                            ? 
_diffrn_radiation.type                             ? 
_diffrn_radiation.xray_symbol                      ? 
_diffrn_radiation.wavelength_id                    1 
_diffrn_radiation.pdbx_monochromatic_or_laue_m_l   M 
_diffrn_radiation.pdbx_wavelength_list             ? 
_diffrn_radiation.pdbx_wavelength                  ? 
_diffrn_radiation.pdbx_diffrn_protocol             'SINGLE WAVELENGTH' 
_diffrn_radiation.pdbx_analyzer                    ? 
_diffrn_radiation.pdbx_scattering_type             x-ray 
# 
_diffrn_radiation_wavelength.id           1 
_diffrn_radiation_wavelength.wavelength   0.98 
_diffrn_radiation_wavelength.wt           1.0 
# 
_diffrn_source.current                     ? 
_diffrn_source.details                     ? 
_diffrn_source.diffrn_id                   1 
_diffrn_source.power                       ? 
_diffrn_source.size                        ? 
_diffrn_source.source                      SYNCHROTRON 
_diffrn_source.target                      ? 
_diffrn_source.type                        'APS BEAMLINE 21-ID-D' 
_diffrn_source.voltage                     ? 
_diffrn_source.take-off_angle              ? 
_diffrn_source.pdbx_wavelength_list        0.98 
_diffrn_source.pdbx_wavelength             ? 
_diffrn_source.pdbx_synchrotron_beamline   21-ID-D 
_diffrn_source.pdbx_synchrotron_site       APS 
# 
_reflns.B_iso_Wilson_estimate                          34.75 
_reflns.entry_id                                       9NGD 
_reflns.data_reduction_details                         ? 
_reflns.data_reduction_method                          ? 
_reflns.d_resolution_high                              2.70 
_reflns.d_resolution_low                               50.00 
_reflns.details                                        ? 
_reflns.limit_h_max                                    ? 
_reflns.limit_h_min                                    ? 
_reflns.limit_k_max                                    ? 
_reflns.limit_k_min                                    ? 
_reflns.limit_l_max                                    ? 
_reflns.limit_l_min                                    ? 
_reflns.number_all                                     ? 
_reflns.number_obs                                     2758 
_reflns.observed_criterion                             ? 
_reflns.observed_criterion_F_max                       ? 
_reflns.observed_criterion_F_min                       ? 
_reflns.observed_criterion_I_max                       ? 
_reflns.observed_criterion_I_min                       ? 
_reflns.observed_criterion_sigma_F                     ? 
_reflns.observed_criterion_sigma_I                     ? 
_reflns.percent_possible_obs                           83.3 
_reflns.R_free_details                                 ? 
_reflns.Rmerge_F_all                                   ? 
_reflns.Rmerge_F_obs                                   ? 
_reflns.Friedel_coverage                               ? 
_reflns.number_gt                                      ? 
_reflns.threshold_expression                           ? 
_reflns.pdbx_redundancy                                4.9 
_reflns.pdbx_netI_over_av_sigmaI                       ? 
_reflns.pdbx_netI_over_sigmaI                          12.27 
_reflns.pdbx_res_netI_over_av_sigmaI_2                 ? 
_reflns.pdbx_res_netI_over_sigmaI_2                    ? 
_reflns.pdbx_chi_squared                               ? 
_reflns.pdbx_scaling_rejects                           ? 
_reflns.pdbx_d_res_high_opt                            ? 
_reflns.pdbx_d_res_low_opt                             ? 
_reflns.pdbx_d_res_opt_method                          ? 
_reflns.phase_calculation_details                      ? 
_reflns.pdbx_Rrim_I_all                                ? 
_reflns.pdbx_Rpim_I_all                                0.059 
_reflns.pdbx_d_opt                                     ? 
_reflns.pdbx_number_measured_all                       ? 
_reflns.pdbx_diffrn_id                                 1 
_reflns.pdbx_ordinal                                   1 
_reflns.pdbx_CC_half                                   ? 
_reflns.pdbx_CC_star                                   ? 
_reflns.pdbx_R_split                                   ? 
_reflns.pdbx_Rmerge_I_obs                              ? 
_reflns.pdbx_Rmerge_I_all                              ? 
_reflns.pdbx_Rsym_value                                ? 
_reflns.pdbx_CC_split_method                           ? 
_reflns.pdbx_aniso_diffraction_limit_axis_1_ortho[1]   ? 
_reflns.pdbx_aniso_diffraction_limit_axis_1_ortho[2]   ? 
_reflns.pdbx_aniso_diffraction_limit_axis_1_ortho[3]   ? 
_reflns.pdbx_aniso_diffraction_limit_axis_2_ortho[1]   ? 
_reflns.pdbx_aniso_diffraction_limit_axis_2_ortho[2]   ? 
_reflns.pdbx_aniso_diffraction_limit_axis_2_ortho[3]   ? 
_reflns.pdbx_aniso_diffraction_limit_axis_3_ortho[1]   ? 
_reflns.pdbx_aniso_diffraction_limit_axis_3_ortho[2]   ? 
_reflns.pdbx_aniso_diffraction_limit_axis_3_ortho[3]   ? 
_reflns.pdbx_aniso_diffraction_limit_1                 ? 
_reflns.pdbx_aniso_diffraction_limit_2                 ? 
_reflns.pdbx_aniso_diffraction_limit_3                 ? 
_reflns.pdbx_aniso_B_tensor_eigenvector_1_ortho[1]     ? 
_reflns.pdbx_aniso_B_tensor_eigenvector_1_ortho[2]     ? 
_reflns.pdbx_aniso_B_tensor_eigenvector_1_ortho[3]     ? 
_reflns.pdbx_aniso_B_tensor_eigenvector_2_ortho[1]     ? 
_reflns.pdbx_aniso_B_tensor_eigenvector_2_ortho[2]     ? 
_reflns.pdbx_aniso_B_tensor_eigenvector_2_ortho[3]     ? 
_reflns.pdbx_aniso_B_tensor_eigenvector_3_ortho[1]     ? 
_reflns.pdbx_aniso_B_tensor_eigenvector_3_ortho[2]     ? 
_reflns.pdbx_aniso_B_tensor_eigenvector_3_ortho[3]     ? 
_reflns.pdbx_aniso_B_tensor_eigenvalue_1               ? 
_reflns.pdbx_aniso_B_tensor_eigenvalue_2               ? 
_reflns.pdbx_aniso_B_tensor_eigenvalue_3               ? 
_reflns.pdbx_orthogonalization_convention              ? 
_reflns.pdbx_percent_possible_ellipsoidal              ? 
_reflns.pdbx_percent_possible_spherical                ? 
_reflns.pdbx_percent_possible_ellipsoidal_anomalous    ? 
_reflns.pdbx_percent_possible_spherical_anomalous      ? 
_reflns.pdbx_redundancy_anomalous                      ? 
_reflns.pdbx_CC_half_anomalous                         ? 
_reflns.pdbx_absDiff_over_sigma_anomalous              ? 
_reflns.pdbx_percent_possible_anomalous                ? 
_reflns.pdbx_observed_signal_threshold                 ? 
_reflns.pdbx_signal_type                               ? 
_reflns.pdbx_signal_details                            ? 
_reflns.pdbx_signal_software_id                        ? 
# 
_reflns_shell.d_res_high                                    2.70 
_reflns_shell.d_res_low                                     2.75 
_reflns_shell.meanI_over_sigI_all                           ? 
_reflns_shell.meanI_over_sigI_obs                           ? 
_reflns_shell.number_measured_all                           ? 
_reflns_shell.number_measured_obs                           ? 
_reflns_shell.number_possible                               ? 
_reflns_shell.number_unique_all                             ? 
_reflns_shell.number_unique_obs                             160 
_reflns_shell.percent_possible_obs                          ? 
_reflns_shell.Rmerge_F_all                                  ? 
_reflns_shell.Rmerge_F_obs                                  ? 
_reflns_shell.meanI_over_sigI_gt                            ? 
_reflns_shell.meanI_over_uI_all                             ? 
_reflns_shell.meanI_over_uI_gt                              ? 
_reflns_shell.number_measured_gt                            ? 
_reflns_shell.number_unique_gt                              ? 
_reflns_shell.percent_possible_gt                           ? 
_reflns_shell.Rmerge_F_gt                                   ? 
_reflns_shell.Rmerge_I_gt                                   ? 
_reflns_shell.pdbx_redundancy                               ? 
_reflns_shell.pdbx_chi_squared                              ? 
_reflns_shell.pdbx_netI_over_sigmaI_all                     ? 
_reflns_shell.pdbx_netI_over_sigmaI_obs                     ? 
_reflns_shell.pdbx_Rrim_I_all                               ? 
_reflns_shell.pdbx_Rpim_I_all                               0.143 
_reflns_shell.pdbx_rejects                                  ? 
_reflns_shell.pdbx_ordinal                                  1 
_reflns_shell.pdbx_diffrn_id                                1 
_reflns_shell.pdbx_CC_half                                  ? 
_reflns_shell.pdbx_CC_star                                  ? 
_reflns_shell.pdbx_R_split                                  ? 
_reflns_shell.percent_possible_all                          ? 
_reflns_shell.Rmerge_I_all                                  ? 
_reflns_shell.Rmerge_I_obs                                  ? 
_reflns_shell.pdbx_Rsym_value                               ? 
_reflns_shell.pdbx_percent_possible_ellipsoidal             ? 
_reflns_shell.pdbx_percent_possible_spherical               ? 
_reflns_shell.pdbx_percent_possible_ellipsoidal_anomalous   ? 
_reflns_shell.pdbx_percent_possible_spherical_anomalous     ? 
_reflns_shell.pdbx_redundancy_anomalous                     ? 
_reflns_shell.pdbx_CC_half_anomalous                        ? 
_reflns_shell.pdbx_absDiff_over_sigma_anomalous             ? 
_reflns_shell.pdbx_percent_possible_anomalous               ? 
# 
_refine.aniso_B[1][1]                            ? 
_refine.aniso_B[1][2]                            ? 
_refine.aniso_B[1][3]                            ? 
_refine.aniso_B[2][2]                            ? 
_refine.aniso_B[2][3]                            ? 
_refine.aniso_B[3][3]                            ? 
_refine.B_iso_max                                ? 
_refine.B_iso_mean                               46.73 
_refine.B_iso_min                                ? 
_refine.correlation_coeff_Fo_to_Fc               ? 
_refine.correlation_coeff_Fo_to_Fc_free          ? 
_refine.details                                  ? 
_refine.diff_density_max                         ? 
_refine.diff_density_max_esd                     ? 
_refine.diff_density_min                         ? 
_refine.diff_density_min_esd                     ? 
_refine.diff_density_rms                         ? 
_refine.diff_density_rms_esd                     ? 
_refine.entry_id                                 9NGD 
_refine.pdbx_refine_id                           'X-RAY DIFFRACTION' 
_refine.ls_abs_structure_details                 ? 
_refine.ls_abs_structure_Flack                   ? 
_refine.ls_abs_structure_Flack_esd               ? 
_refine.ls_abs_structure_Rogers                  ? 
_refine.ls_abs_structure_Rogers_esd              ? 
_refine.ls_d_res_high                            2.7 
_refine.ls_d_res_low                             38.37 
_refine.ls_extinction_coef                       ? 
_refine.ls_extinction_coef_esd                   ? 
_refine.ls_extinction_expression                 ? 
_refine.ls_extinction_method                     ? 
_refine.ls_goodness_of_fit_all                   ? 
_refine.ls_goodness_of_fit_all_esd               ? 
_refine.ls_goodness_of_fit_obs                   ? 
_refine.ls_goodness_of_fit_obs_esd               ? 
_refine.ls_hydrogen_treatment                    ? 
_refine.ls_matrix_type                           ? 
_refine.ls_number_constraints                    ? 
_refine.ls_number_parameters                     ? 
_refine.ls_number_reflns_all                     ? 
_refine.ls_number_reflns_obs                     2751 
_refine.ls_number_reflns_R_free                  482 
_refine.ls_number_reflns_R_work                  4256 
_refine.ls_number_restraints                     ? 
_refine.ls_percent_reflns_obs                    74.25 
_refine.ls_percent_reflns_R_free                 10.17 
_refine.ls_R_factor_all                          ? 
_refine.ls_R_factor_obs                          0.2492 
_refine.ls_R_factor_R_free                       0.3361 
_refine.ls_R_factor_R_free_error                 ? 
_refine.ls_R_factor_R_free_error_details         ? 
_refine.ls_R_factor_R_work                       0.2394 
_refine.ls_R_Fsqd_factor_obs                     ? 
_refine.ls_R_I_factor_obs                        ? 
_refine.ls_redundancy_reflns_all                 ? 
_refine.ls_redundancy_reflns_obs                 ? 
_refine.ls_restrained_S_all                      ? 
_refine.ls_restrained_S_obs                      ? 
_refine.ls_shift_over_esd_max                    ? 
_refine.ls_shift_over_esd_mean                   ? 
_refine.ls_structure_factor_coef                 ? 
_refine.ls_weighting_details                     ? 
_refine.ls_weighting_scheme                      ? 
_refine.ls_wR_factor_all                         ? 
_refine.ls_wR_factor_obs                         ? 
_refine.ls_wR_factor_R_free                      ? 
_refine.ls_wR_factor_R_work                      ? 
_refine.occupancy_max                            ? 
_refine.occupancy_min                            ? 
_refine.solvent_model_details                    'FLAT BULK SOLVENT MODEL' 
_refine.solvent_model_param_bsol                 ? 
_refine.solvent_model_param_ksol                 ? 
_refine.correlation_coeff_I_to_Fcsqd_work        ? 
_refine.correlation_coeff_I_to_Fcsqd_free        ? 
_refine.pdbx_R_complete                          ? 
_refine.ls_R_factor_gt                           ? 
_refine.ls_goodness_of_fit_gt                    ? 
_refine.ls_goodness_of_fit_ref                   ? 
_refine.ls_shift_over_su_max                     ? 
_refine.ls_shift_over_su_max_lt                  ? 
_refine.ls_shift_over_su_mean                    ? 
_refine.ls_shift_over_su_mean_lt                 ? 
_refine.pdbx_ls_sigma_I                          ? 
_refine.pdbx_ls_sigma_F                          1.35 
_refine.pdbx_ls_sigma_Fsqd                       ? 
_refine.pdbx_data_cutoff_high_absF               ? 
_refine.pdbx_data_cutoff_high_rms_absF           ? 
_refine.pdbx_data_cutoff_low_absF                ? 
_refine.pdbx_isotropic_thermal_model             ? 
_refine.pdbx_ls_cross_valid_method               'FREE R-VALUE' 
_refine.pdbx_method_to_determine_struct          'MOLECULAR REPLACEMENT' 
_refine.pdbx_starting_model                      ? 
_refine.pdbx_stereochemistry_target_values       'GeoStd + Monomer Library + CDL v1.2' 
_refine.pdbx_R_Free_selection_details            ? 
_refine.pdbx_stereochem_target_val_spec_case     ? 
_refine.pdbx_overall_ESU_R                       ? 
_refine.pdbx_overall_ESU_R_Free                  ? 
_refine.pdbx_solvent_vdw_probe_radii             1.1000 
_refine.pdbx_solvent_ion_probe_radii             ? 
_refine.pdbx_solvent_shrinkage_radii             0.9000 
_refine.pdbx_real_space_R                        ? 
_refine.pdbx_density_correlation                 ? 
_refine.pdbx_pd_number_of_powder_patterns        ? 
_refine.pdbx_pd_number_of_points                 ? 
_refine.pdbx_pd_meas_number_of_points            ? 
_refine.pdbx_pd_proc_ls_prof_R_factor            ? 
_refine.pdbx_pd_proc_ls_prof_wR_factor           ? 
_refine.pdbx_pd_Marquardt_correlation_coeff      ? 
_refine.pdbx_pd_Fsqrd_R_factor                   ? 
_refine.pdbx_pd_ls_matrix_band_width             ? 
_refine.pdbx_overall_phase_error                 39.2263 
_refine.pdbx_overall_SU_R_free_Cruickshank_DPI   ? 
_refine.pdbx_overall_SU_R_free_Blow_DPI          ? 
_refine.pdbx_overall_SU_R_Blow_DPI               ? 
_refine.pdbx_TLS_residual_ADP_flag               ? 
_refine.pdbx_diffrn_id                           1 
_refine.overall_SU_B                             ? 
_refine.overall_SU_ML                            0.3646 
_refine.overall_SU_R_Cruickshank_DPI             ? 
_refine.overall_SU_R_free                        ? 
_refine.overall_FOM_free_R_set                   ? 
_refine.overall_FOM_work_R_set                   ? 
_refine.pdbx_average_fsc_overall                 ? 
_refine.pdbx_average_fsc_work                    ? 
_refine.pdbx_average_fsc_free                    ? 
# 
_refine_hist.pdbx_refine_id                   'X-RAY DIFFRACTION' 
_refine_hist.cycle_id                         LAST 
_refine_hist.details                          ? 
_refine_hist.d_res_high                       2.7 
_refine_hist.d_res_low                        38.37 
_refine_hist.number_atoms_solvent             10 
_refine_hist.number_atoms_total               970 
_refine_hist.number_reflns_all                ? 
_refine_hist.number_reflns_obs                ? 
_refine_hist.number_reflns_R_free             ? 
_refine_hist.number_reflns_R_work             ? 
_refine_hist.R_factor_all                     ? 
_refine_hist.R_factor_obs                     ? 
_refine_hist.R_factor_R_free                  ? 
_refine_hist.R_factor_R_work                  ? 
_refine_hist.pdbx_number_residues_total       ? 
_refine_hist.pdbx_B_iso_mean_ligand           ? 
_refine_hist.pdbx_B_iso_mean_solvent          ? 
_refine_hist.pdbx_number_atoms_protein        959 
_refine_hist.pdbx_number_atoms_nucleic_acid   0 
_refine_hist.pdbx_number_atoms_ligand         1 
_refine_hist.pdbx_number_atoms_lipid          ? 
_refine_hist.pdbx_number_atoms_carb           ? 
_refine_hist.pdbx_pseudo_atom_details         ? 
# 
loop_
_refine_ls_restr.pdbx_refine_id 
_refine_ls_restr.criterion 
_refine_ls_restr.dev_ideal 
_refine_ls_restr.dev_ideal_target 
_refine_ls_restr.number 
_refine_ls_restr.rejects 
_refine_ls_restr.type 
_refine_ls_restr.weight 
_refine_ls_restr.pdbx_restraint_function 
'X-RAY DIFFRACTION' ? 0.0089  ? 981  ? f_bond_d           ? ? 
'X-RAY DIFFRACTION' ? 1.1893  ? 1326 ? f_angle_d          ? ? 
'X-RAY DIFFRACTION' ? 0.0563  ? 141  ? f_chiral_restr     ? ? 
'X-RAY DIFFRACTION' ? 0.0101  ? 176  ? f_plane_restr      ? ? 
'X-RAY DIFFRACTION' ? 17.8783 ? 355  ? f_dihedral_angle_d ? ? 
# 
loop_
_refine_ls_shell.pdbx_refine_id 
_refine_ls_shell.d_res_high 
_refine_ls_shell.d_res_low 
_refine_ls_shell.number_reflns_all 
_refine_ls_shell.number_reflns_obs 
_refine_ls_shell.number_reflns_R_free 
_refine_ls_shell.number_reflns_R_work 
_refine_ls_shell.percent_reflns_obs 
_refine_ls_shell.percent_reflns_R_free 
_refine_ls_shell.R_factor_all 
_refine_ls_shell.R_factor_obs 
_refine_ls_shell.R_factor_R_free_error 
_refine_ls_shell.R_factor_R_work 
_refine_ls_shell.redundancy_reflns_all 
_refine_ls_shell.redundancy_reflns_obs 
_refine_ls_shell.wR_factor_all 
_refine_ls_shell.wR_factor_obs 
_refine_ls_shell.wR_factor_R_free 
_refine_ls_shell.wR_factor_R_work 
_refine_ls_shell.pdbx_R_complete 
_refine_ls_shell.correlation_coeff_Fo_to_Fc 
_refine_ls_shell.correlation_coeff_Fo_to_Fc_free 
_refine_ls_shell.correlation_coeff_I_to_Fcsqd_work 
_refine_ls_shell.correlation_coeff_I_to_Fcsqd_free 
_refine_ls_shell.pdbx_total_number_of_bins_used 
_refine_ls_shell.pdbx_phase_error 
_refine_ls_shell.pdbx_fsc_work 
_refine_ls_shell.pdbx_fsc_free 
_refine_ls_shell.R_factor_R_free 
'X-RAY DIFFRACTION' 2.7  3.08  . . 192 1657 86.85 . . . . 0.2871 . . . . . . . . . . . . . . . 0.3105 
'X-RAY DIFFRACTION' 3.08 3.87  . . 190 1637 86.71 . . . . 0.2211 . . . . . . . . . . . . . . . 0.3442 
'X-RAY DIFFRACTION' 3.88 38.37 . . 100 962  49.51 . . . . 0.2275 . . . . . . . . . . . . . . . 0.3450 
# 
_struct.entry_id                     9NGD 
_struct.title                        'cis-CaaD/Cg10062 chimera' 
_struct.pdbx_model_details           ? 
_struct.pdbx_formula_weight          ? 
_struct.pdbx_formula_weight_method   ? 
_struct.pdbx_model_type_details      ? 
_struct.pdbx_CASP_flag               N 
# 
_struct_keywords.entry_id        9NGD 
_struct_keywords.text            'Tautomerase, cis-CaaD, acetylenecaarboxylic acid, HYDROLASE' 
_struct_keywords.pdbx_keywords   HYDROLASE 
# 
loop_
_struct_asym.id 
_struct_asym.pdbx_blank_PDB_chainid_flag 
_struct_asym.pdbx_modified 
_struct_asym.entity_id 
_struct_asym.details 
A N N 1 ? 
B N N 2 ? 
C N N 3 ? 
# 
loop_
_struct_ref.id 
_struct_ref.db_name 
_struct_ref.db_code 
_struct_ref.pdbx_db_accession 
_struct_ref.pdbx_db_isoform 
_struct_ref.entity_id 
_struct_ref.pdbx_seq_one_letter_code 
_struct_ref.pdbx_align_begin 
1 UNP Q6VPE5_9CORY     Q6VPE5     ? 1 
;PVYMVYVSQDRLTPSAKHAVAKAITDAHRGLTGTQHFLAQVNFQEQPAGNVFLGGVQQGGDTIFVHGLHREGRSADLKGQ
LAQRIVDDVSVAAEIDRKHIWVYFGEMPAQQMVEYGRFL
;
2   
2 UNP A0A0S2T163_CORGT A0A0S2T163 ? 1 MEPGEEEKWFNSLPEGLRERLTELEGSSE 121 
# 
loop_
_struct_ref_seq.align_id 
_struct_ref_seq.ref_id 
_struct_ref_seq.pdbx_PDB_id_code 
_struct_ref_seq.pdbx_strand_id 
_struct_ref_seq.seq_align_beg 
_struct_ref_seq.pdbx_seq_align_beg_ins_code 
_struct_ref_seq.seq_align_end 
_struct_ref_seq.pdbx_seq_align_end_ins_code 
_struct_ref_seq.pdbx_db_accession 
_struct_ref_seq.db_align_beg 
_struct_ref_seq.pdbx_db_align_beg_ins_code 
_struct_ref_seq.db_align_end 
_struct_ref_seq.pdbx_db_align_end_ins_code 
_struct_ref_seq.pdbx_auth_seq_align_beg 
_struct_ref_seq.pdbx_auth_seq_align_end 
1 1 9NGD A 1   ? 119 ? Q6VPE5     2   ? 120 ? 1   119 
2 2 9NGD A 120 ? 148 ? A0A0S2T163 121 ? 149 ? 120 148 
# 
loop_
_struct_ref_seq_dif.align_id 
_struct_ref_seq_dif.pdbx_pdb_id_code 
_struct_ref_seq_dif.mon_id 
_struct_ref_seq_dif.pdbx_pdb_strand_id 
_struct_ref_seq_dif.seq_num 
_struct_ref_seq_dif.pdbx_pdb_ins_code 
_struct_ref_seq_dif.pdbx_seq_db_name 
_struct_ref_seq_dif.pdbx_seq_db_accession_code 
_struct_ref_seq_dif.db_mon_id 
_struct_ref_seq_dif.pdbx_seq_db_seq_num 
_struct_ref_seq_dif.details 
_struct_ref_seq_dif.pdbx_auth_seq_num 
_struct_ref_seq_dif.pdbx_ordinal 
2 9NGD GLU A 149 ? UNP A0A0S2T163 ? ? 'expression tag' 149 1  
2 9NGD ASN A 150 ? UNP A0A0S2T163 ? ? 'expression tag' 150 2  
2 9NGD LEU A 151 ? UNP A0A0S2T163 ? ? 'expression tag' 151 3  
2 9NGD TYR A 152 ? UNP A0A0S2T163 ? ? 'expression tag' 152 4  
2 9NGD PHE A 153 ? UNP A0A0S2T163 ? ? 'expression tag' 153 5  
2 9NGD GLN A 154 ? UNP A0A0S2T163 ? ? 'expression tag' 154 6  
2 9NGD GLY A 155 ? UNP A0A0S2T163 ? ? 'expression tag' 155 7  
2 9NGD LEU A 156 ? UNP A0A0S2T163 ? ? 'expression tag' 156 8  
2 9NGD GLU A 157 ? UNP A0A0S2T163 ? ? 'expression tag' 157 9  
2 9NGD HIS A 158 ? UNP A0A0S2T163 ? ? 'expression tag' 158 10 
2 9NGD HIS A 159 ? UNP A0A0S2T163 ? ? 'expression tag' 159 11 
2 9NGD HIS A 160 ? UNP A0A0S2T163 ? ? 'expression tag' 160 12 
2 9NGD HIS A 161 ? UNP A0A0S2T163 ? ? 'expression tag' 161 13 
2 9NGD HIS A 162 ? UNP A0A0S2T163 ? ? 'expression tag' 162 14 
2 9NGD HIS A 163 ? UNP A0A0S2T163 ? ? 'expression tag' 163 15 
# 
_pdbx_struct_assembly.id                   1 
_pdbx_struct_assembly.details              author_and_software_defined_assembly 
_pdbx_struct_assembly.method_details       PISA 
_pdbx_struct_assembly.oligomeric_details   trimeric 
_pdbx_struct_assembly.oligomeric_count     3 
# 
loop_
_pdbx_struct_assembly_prop.biol_id 
_pdbx_struct_assembly_prop.type 
_pdbx_struct_assembly_prop.value 
_pdbx_struct_assembly_prop.details 
1 'ABSA (A^2)' 8290  ? 
1 MORE         -67   ? 
1 'SSA (A^2)'  13900 ? 
# 
_pdbx_struct_assembly_gen.assembly_id       1 
_pdbx_struct_assembly_gen.oper_expression   1,2,3 
_pdbx_struct_assembly_gen.asym_id_list      A,B,C 
# 
_pdbx_struct_assembly_auth_evidence.id                     1 
_pdbx_struct_assembly_auth_evidence.assembly_id            1 
_pdbx_struct_assembly_auth_evidence.experimental_support   'gel filtration' 
_pdbx_struct_assembly_auth_evidence.details                ? 
# 
loop_
_pdbx_struct_oper_list.id 
_pdbx_struct_oper_list.type 
_pdbx_struct_oper_list.name 
_pdbx_struct_oper_list.symmetry_operation 
_pdbx_struct_oper_list.matrix[1][1] 
_pdbx_struct_oper_list.matrix[1][2] 
_pdbx_struct_oper_list.matrix[1][3] 
_pdbx_struct_oper_list.vector[1] 
_pdbx_struct_oper_list.matrix[2][1] 
_pdbx_struct_oper_list.matrix[2][2] 
_pdbx_struct_oper_list.matrix[2][3] 
_pdbx_struct_oper_list.vector[2] 
_pdbx_struct_oper_list.matrix[3][1] 
_pdbx_struct_oper_list.matrix[3][2] 
_pdbx_struct_oper_list.matrix[3][3] 
_pdbx_struct_oper_list.vector[3] 
1 'identity operation'         1_555 x,y,z       1.0000000000  0.0000000000  0.0000000000  0.0000000000  0.0000000000  1.0000000000 0.0000000000  0.0000000000   0.0000000000  0.0000000000  1.0000000000  0.0000000000   
2 'crystal symmetry operation' 2_545 -y,x-y-1,z  -0.3405588856 0.1022311456  0.9346488316  11.1128886661 -0.8531599146 0.3841728467 -0.3528872115 -6.2047422192  -0.3951427662 -0.9175837928 -0.0436139611 -15.2046893804 
3 'crystal symmetry operation' 3_655 -x+y+1,-x,z -0.3405588856 -0.8531599146 -0.3951427662 -7.5170673817 0.1022311456  0.3841728467 -0.9175837928 -12.7039664070 0.9346488316  -0.3528872115 -0.0436139611 -13.2393593182 
# 
loop_
_struct_conf.conf_type_id 
_struct_conf.id 
_struct_conf.pdbx_PDB_helix_id 
_struct_conf.beg_label_comp_id 
_struct_conf.beg_label_asym_id 
_struct_conf.beg_label_seq_id 
_struct_conf.pdbx_beg_PDB_ins_code 
_struct_conf.end_label_comp_id 
_struct_conf.end_label_asym_id 
_struct_conf.end_label_seq_id 
_struct_conf.pdbx_end_PDB_ins_code 
_struct_conf.beg_auth_comp_id 
_struct_conf.beg_auth_asym_id 
_struct_conf.beg_auth_seq_id 
_struct_conf.end_auth_comp_id 
_struct_conf.end_auth_asym_id 
_struct_conf.end_auth_seq_id 
_struct_conf.pdbx_PDB_helix_class 
_struct_conf.details 
_struct_conf.pdbx_PDB_helix_length 
HELX_P HELX_P1 AA1 SER A 15  ? GLY A 33  ? SER A 15  GLY A 33  1 ? 19 
HELX_P HELX_P2 AA2 GLN A 35  ? ALA A 39  ? GLN A 35  ALA A 39  5 ? 5  
HELX_P HELX_P3 AA3 SER A 74  ? ALA A 93  ? SER A 74  ALA A 93  1 ? 20 
HELX_P HELX_P4 AA4 ASP A 96  ? LYS A 98  ? ASP A 96  LYS A 98  5 ? 3  
HELX_P HELX_P5 AA5 PRO A 108 ? GLN A 111 ? PRO A 108 GLN A 111 5 ? 4  
# 
_struct_conf_type.id          HELX_P 
_struct_conf_type.criteria    ? 
_struct_conf_type.reference   ? 
# 
loop_
_struct_sheet.id 
_struct_sheet.type 
_struct_sheet.number_strands 
_struct_sheet.details 
AA1 ? 4 ? 
AA2 ? 2 ? 
AA3 ? 2 ? 
# 
loop_
_struct_sheet_order.sheet_id 
_struct_sheet_order.range_id_1 
_struct_sheet_order.range_id_2 
_struct_sheet_order.offset 
_struct_sheet_order.sense 
AA1 1 2 ? parallel      
AA1 2 3 ? anti-parallel 
AA1 3 4 ? parallel      
AA2 1 2 ? anti-parallel 
AA3 1 2 ? anti-parallel 
# 
loop_
_struct_sheet_range.sheet_id 
_struct_sheet_range.id 
_struct_sheet_range.beg_label_comp_id 
_struct_sheet_range.beg_label_asym_id 
_struct_sheet_range.beg_label_seq_id 
_struct_sheet_range.pdbx_beg_PDB_ins_code 
_struct_sheet_range.end_label_comp_id 
_struct_sheet_range.end_label_asym_id 
_struct_sheet_range.end_label_seq_id 
_struct_sheet_range.pdbx_end_PDB_ins_code 
_struct_sheet_range.beg_auth_comp_id 
_struct_sheet_range.beg_auth_asym_id 
_struct_sheet_range.beg_auth_seq_id 
_struct_sheet_range.end_auth_comp_id 
_struct_sheet_range.end_auth_asym_id 
_struct_sheet_range.end_auth_seq_id 
AA1 1 GLN A 40  ? GLN A 46  ? GLN A 40  GLN A 46  
AA1 2 VAL A 2   ? SER A 8   ? VAL A 2   SER A 8   
AA1 3 ILE A 63  ? ARG A 70  ? ILE A 63  ARG A 70  
AA1 4 ILE A 100 ? MET A 107 ? ILE A 100 MET A 107 
AA2 1 PHE A 52  ? LEU A 53  ? PHE A 52  LEU A 53  
AA2 2 VAL A 56  ? GLN A 57  ? VAL A 56  GLN A 57  
AA3 1 VAL A 113 ? GLU A 114 ? VAL A 113 GLU A 114 
AA3 2 ARG A 117 ? PHE A 118 ? ARG A 117 PHE A 118 
# 
loop_
_pdbx_struct_sheet_hbond.sheet_id 
_pdbx_struct_sheet_hbond.range_id_1 
_pdbx_struct_sheet_hbond.range_id_2 
_pdbx_struct_sheet_hbond.range_1_label_atom_id 
_pdbx_struct_sheet_hbond.range_1_label_comp_id 
_pdbx_struct_sheet_hbond.range_1_label_asym_id 
_pdbx_struct_sheet_hbond.range_1_label_seq_id 
_pdbx_struct_sheet_hbond.range_1_PDB_ins_code 
_pdbx_struct_sheet_hbond.range_1_auth_atom_id 
_pdbx_struct_sheet_hbond.range_1_auth_comp_id 
_pdbx_struct_sheet_hbond.range_1_auth_asym_id 
_pdbx_struct_sheet_hbond.range_1_auth_seq_id 
_pdbx_struct_sheet_hbond.range_2_label_atom_id 
_pdbx_struct_sheet_hbond.range_2_label_comp_id 
_pdbx_struct_sheet_hbond.range_2_label_asym_id 
_pdbx_struct_sheet_hbond.range_2_label_seq_id 
_pdbx_struct_sheet_hbond.range_2_PDB_ins_code 
_pdbx_struct_sheet_hbond.range_2_auth_atom_id 
_pdbx_struct_sheet_hbond.range_2_auth_comp_id 
_pdbx_struct_sheet_hbond.range_2_auth_asym_id 
_pdbx_struct_sheet_hbond.range_2_auth_seq_id 
AA1 1 2 O ASN A 42  ? O ASN A 42  N TYR A 3   ? N TYR A 3   
AA1 2 3 N VAL A 2   ? N VAL A 2   O LEU A 68  ? O LEU A 68  
AA1 3 4 N HIS A 69  ? N HIS A 69  O GLY A 105 ? O GLY A 105 
AA2 1 2 N LEU A 53  ? N LEU A 53  O VAL A 56  ? O VAL A 56  
AA3 1 2 N GLU A 114 ? N GLU A 114 O ARG A 117 ? O ARG A 117 
# 
_pdbx_entry_details.entry_id                   9NGD 
_pdbx_entry_details.nonpolymer_details         ? 
_pdbx_entry_details.sequence_details           ? 
_pdbx_entry_details.compound_details           ? 
_pdbx_entry_details.source_details             ? 
_pdbx_entry_details.has_ligand_of_interest     N 
_pdbx_entry_details.has_protein_modification   N 
# 
loop_
_pdbx_validate_close_contact.id 
_pdbx_validate_close_contact.PDB_model_num 
_pdbx_validate_close_contact.auth_atom_id_1 
_pdbx_validate_close_contact.auth_asym_id_1 
_pdbx_validate_close_contact.auth_comp_id_1 
_pdbx_validate_close_contact.auth_seq_id_1 
_pdbx_validate_close_contact.PDB_ins_code_1 
_pdbx_validate_close_contact.label_alt_id_1 
_pdbx_validate_close_contact.auth_atom_id_2 
_pdbx_validate_close_contact.auth_asym_id_2 
_pdbx_validate_close_contact.auth_comp_id_2 
_pdbx_validate_close_contact.auth_seq_id_2 
_pdbx_validate_close_contact.PDB_ins_code_2 
_pdbx_validate_close_contact.label_alt_id_2 
_pdbx_validate_close_contact.dist 
1 1 O A GLY 60 ? ? O  A HOH 301 ? ? 2.13 
2 1 O A PHE 37 ? ? OH A TYR 115 ? ? 2.17 
# 
loop_
_pdbx_validate_symm_contact.id 
_pdbx_validate_symm_contact.PDB_model_num 
_pdbx_validate_symm_contact.auth_atom_id_1 
_pdbx_validate_symm_contact.auth_asym_id_1 
_pdbx_validate_symm_contact.auth_comp_id_1 
_pdbx_validate_symm_contact.auth_seq_id_1 
_pdbx_validate_symm_contact.PDB_ins_code_1 
_pdbx_validate_symm_contact.label_alt_id_1 
_pdbx_validate_symm_contact.site_symmetry_1 
_pdbx_validate_symm_contact.auth_atom_id_2 
_pdbx_validate_symm_contact.auth_asym_id_2 
_pdbx_validate_symm_contact.auth_comp_id_2 
_pdbx_validate_symm_contact.auth_seq_id_2 
_pdbx_validate_symm_contact.PDB_ins_code_2 
_pdbx_validate_symm_contact.label_alt_id_2 
_pdbx_validate_symm_contact.site_symmetry_2 
_pdbx_validate_symm_contact.dist 
1 1 NZ A LYS 78 ? ? 1_555 O A GLN 110 ? ? 3_655 2.03 
2 1 NZ A LYS 17 ? ? 1_555 O A GLY 49  ? ? 2_545 2.14 
# 
loop_
_pdbx_validate_torsion.id 
_pdbx_validate_torsion.PDB_model_num 
_pdbx_validate_torsion.auth_comp_id 
_pdbx_validate_torsion.auth_asym_id 
_pdbx_validate_torsion.auth_seq_id 
_pdbx_validate_torsion.PDB_ins_code 
_pdbx_validate_torsion.label_alt_id 
_pdbx_validate_torsion.phi 
_pdbx_validate_torsion.psi 
1 1 ARG A 11  ? ? -149.31 -46.30 
2 1 PRO A 14  ? ? -67.75  25.46  
3 1 SER A 15  ? ? -130.59 -64.59 
4 1 HIS A 36  ? ? -23.01  -68.75 
5 1 ASP A 61  ? ? -103.26 49.66  
6 1 GLU A 94  ? ? 34.76   55.18  
7 1 GLN A 111 ? ? -102.63 42.38  
# 
_pdbx_struct_special_symmetry.id              1 
_pdbx_struct_special_symmetry.PDB_model_num   1 
_pdbx_struct_special_symmetry.auth_asym_id    A 
_pdbx_struct_special_symmetry.auth_comp_id    HOH 
_pdbx_struct_special_symmetry.auth_seq_id     309 
_pdbx_struct_special_symmetry.PDB_ins_code    ? 
_pdbx_struct_special_symmetry.label_asym_id   C 
_pdbx_struct_special_symmetry.label_comp_id   HOH 
_pdbx_struct_special_symmetry.label_seq_id    . 
# 
loop_
_space_group_symop.id 
_space_group_symop.operation_xyz 
1 x,y,z        
2 x-y,x,z+1/2  
3 y,-x+y,z+1/2 
4 -y,x-y,z     
5 -x+y,-x,z    
6 -x,-y,z+1/2  
# 
loop_
_pdbx_unobs_or_zero_occ_residues.id 
_pdbx_unobs_or_zero_occ_residues.PDB_model_num 
_pdbx_unobs_or_zero_occ_residues.polymer_flag 
_pdbx_unobs_or_zero_occ_residues.occupancy_flag 
_pdbx_unobs_or_zero_occ_residues.auth_asym_id 
_pdbx_unobs_or_zero_occ_residues.auth_comp_id 
_pdbx_unobs_or_zero_occ_residues.auth_seq_id 
_pdbx_unobs_or_zero_occ_residues.PDB_ins_code 
_pdbx_unobs_or_zero_occ_residues.label_asym_id 
_pdbx_unobs_or_zero_occ_residues.label_comp_id 
_pdbx_unobs_or_zero_occ_residues.label_seq_id 
1  1 Y 1 A GLU 124 ? A GLU 124 
2  1 Y 1 A GLU 125 ? A GLU 125 
3  1 Y 1 A GLU 126 ? A GLU 126 
4  1 Y 1 A LYS 127 ? A LYS 127 
5  1 Y 1 A TRP 128 ? A TRP 128 
6  1 Y 1 A PHE 129 ? A PHE 129 
7  1 Y 1 A ASN 130 ? A ASN 130 
8  1 Y 1 A SER 131 ? A SER 131 
9  1 Y 1 A LEU 132 ? A LEU 132 
10 1 Y 1 A PRO 133 ? A PRO 133 
11 1 Y 1 A GLU 134 ? A GLU 134 
12 1 Y 1 A GLY 135 ? A GLY 135 
13 1 Y 1 A LEU 136 ? A LEU 136 
14 1 Y 1 A ARG 137 ? A ARG 137 
15 1 Y 1 A GLU 138 ? A GLU 138 
16 1 Y 1 A ARG 139 ? A ARG 139 
17 1 Y 1 A LEU 140 ? A LEU 140 
18 1 Y 1 A THR 141 ? A THR 141 
19 1 Y 1 A GLU 142 ? A GLU 142 
20 1 Y 1 A LEU 143 ? A LEU 143 
21 1 Y 1 A GLU 144 ? A GLU 144 
22 1 Y 1 A GLY 145 ? A GLY 145 
23 1 Y 1 A SER 146 ? A SER 146 
24 1 Y 1 A SER 147 ? A SER 147 
25 1 Y 1 A GLU 148 ? A GLU 148 
26 1 Y 1 A GLU 149 ? A GLU 149 
27 1 Y 1 A ASN 150 ? A ASN 150 
28 1 Y 1 A LEU 151 ? A LEU 151 
29 1 Y 1 A TYR 152 ? A TYR 152 
30 1 Y 1 A PHE 153 ? A PHE 153 
31 1 Y 1 A GLN 154 ? A GLN 154 
32 1 Y 1 A GLY 155 ? A GLY 155 
33 1 Y 1 A LEU 156 ? A LEU 156 
34 1 Y 1 A GLU 157 ? A GLU 157 
35 1 Y 1 A HIS 158 ? A HIS 158 
36 1 Y 1 A HIS 159 ? A HIS 159 
37 1 Y 1 A HIS 160 ? A HIS 160 
38 1 Y 1 A HIS 161 ? A HIS 161 
39 1 Y 1 A HIS 162 ? A HIS 162 
40 1 Y 1 A HIS 163 ? A HIS 163 
# 
loop_
_chem_comp_atom.comp_id 
_chem_comp_atom.atom_id 
_chem_comp_atom.type_symbol 
_chem_comp_atom.pdbx_aromatic_flag 
_chem_comp_atom.pdbx_stereo_config 
_chem_comp_atom.pdbx_ordinal 
ALA N    N  N N 1   
ALA CA   C  N S 2   
ALA C    C  N N 3   
ALA O    O  N N 4   
ALA CB   C  N N 5   
ALA OXT  O  N N 6   
ALA H    H  N N 7   
ALA H2   H  N N 8   
ALA HA   H  N N 9   
ALA HB1  H  N N 10  
ALA HB2  H  N N 11  
ALA HB3  H  N N 12  
ALA HXT  H  N N 13  
ARG N    N  N N 14  
ARG CA   C  N S 15  
ARG C    C  N N 16  
ARG O    O  N N 17  
ARG CB   C  N N 18  
ARG CG   C  N N 19  
ARG CD   C  N N 20  
ARG NE   N  N N 21  
ARG CZ   C  N N 22  
ARG NH1  N  N N 23  
ARG NH2  N  N N 24  
ARG OXT  O  N N 25  
ARG H    H  N N 26  
ARG H2   H  N N 27  
ARG HA   H  N N 28  
ARG HB2  H  N N 29  
ARG HB3  H  N N 30  
ARG HG2  H  N N 31  
ARG HG3  H  N N 32  
ARG HD2  H  N N 33  
ARG HD3  H  N N 34  
ARG HE   H  N N 35  
ARG HH11 H  N N 36  
ARG HH12 H  N N 37  
ARG HH21 H  N N 38  
ARG HH22 H  N N 39  
ARG HXT  H  N N 40  
ASN N    N  N N 41  
ASN CA   C  N S 42  
ASN C    C  N N 43  
ASN O    O  N N 44  
ASN CB   C  N N 45  
ASN CG   C  N N 46  
ASN OD1  O  N N 47  
ASN ND2  N  N N 48  
ASN OXT  O  N N 49  
ASN H    H  N N 50  
ASN H2   H  N N 51  
ASN HA   H  N N 52  
ASN HB2  H  N N 53  
ASN HB3  H  N N 54  
ASN HD21 H  N N 55  
ASN HD22 H  N N 56  
ASN HXT  H  N N 57  
ASP N    N  N N 58  
ASP CA   C  N S 59  
ASP C    C  N N 60  
ASP O    O  N N 61  
ASP CB   C  N N 62  
ASP CG   C  N N 63  
ASP OD1  O  N N 64  
ASP OD2  O  N N 65  
ASP OXT  O  N N 66  
ASP H    H  N N 67  
ASP H2   H  N N 68  
ASP HA   H  N N 69  
ASP HB2  H  N N 70  
ASP HB3  H  N N 71  
ASP HD2  H  N N 72  
ASP HXT  H  N N 73  
CL  CL   CL N N 74  
GLN N    N  N N 75  
GLN CA   C  N S 76  
GLN C    C  N N 77  
GLN O    O  N N 78  
GLN CB   C  N N 79  
GLN CG   C  N N 80  
GLN CD   C  N N 81  
GLN OE1  O  N N 82  
GLN NE2  N  N N 83  
GLN OXT  O  N N 84  
GLN H    H  N N 85  
GLN H2   H  N N 86  
GLN HA   H  N N 87  
GLN HB2  H  N N 88  
GLN HB3  H  N N 89  
GLN HG2  H  N N 90  
GLN HG3  H  N N 91  
GLN HE21 H  N N 92  
GLN HE22 H  N N 93  
GLN HXT  H  N N 94  
GLU N    N  N N 95  
GLU CA   C  N S 96  
GLU C    C  N N 97  
GLU O    O  N N 98  
GLU CB   C  N N 99  
GLU CG   C  N N 100 
GLU CD   C  N N 101 
GLU OE1  O  N N 102 
GLU OE2  O  N N 103 
GLU OXT  O  N N 104 
GLU H    H  N N 105 
GLU H2   H  N N 106 
GLU HA   H  N N 107 
GLU HB2  H  N N 108 
GLU HB3  H  N N 109 
GLU HG2  H  N N 110 
GLU HG3  H  N N 111 
GLU HE2  H  N N 112 
GLU HXT  H  N N 113 
GLY N    N  N N 114 
GLY CA   C  N N 115 
GLY C    C  N N 116 
GLY O    O  N N 117 
GLY OXT  O  N N 118 
GLY H    H  N N 119 
GLY H2   H  N N 120 
GLY HA2  H  N N 121 
GLY HA3  H  N N 122 
GLY HXT  H  N N 123 
HIS N    N  N N 124 
HIS CA   C  N S 125 
HIS C    C  N N 126 
HIS O    O  N N 127 
HIS CB   C  N N 128 
HIS CG   C  Y N 129 
HIS ND1  N  Y N 130 
HIS CD2  C  Y N 131 
HIS CE1  C  Y N 132 
HIS NE2  N  Y N 133 
HIS OXT  O  N N 134 
HIS H    H  N N 135 
HIS H2   H  N N 136 
HIS HA   H  N N 137 
HIS HB2  H  N N 138 
HIS HB3  H  N N 139 
HIS HD1  H  N N 140 
HIS HD2  H  N N 141 
HIS HE1  H  N N 142 
HIS HE2  H  N N 143 
HIS HXT  H  N N 144 
HOH O    O  N N 145 
HOH H1   H  N N 146 
HOH H2   H  N N 147 
ILE N    N  N N 148 
ILE CA   C  N S 149 
ILE C    C  N N 150 
ILE O    O  N N 151 
ILE CB   C  N S 152 
ILE CG1  C  N N 153 
ILE CG2  C  N N 154 
ILE CD1  C  N N 155 
ILE OXT  O  N N 156 
ILE H    H  N N 157 
ILE H2   H  N N 158 
ILE HA   H  N N 159 
ILE HB   H  N N 160 
ILE HG12 H  N N 161 
ILE HG13 H  N N 162 
ILE HG21 H  N N 163 
ILE HG22 H  N N 164 
ILE HG23 H  N N 165 
ILE HD11 H  N N 166 
ILE HD12 H  N N 167 
ILE HD13 H  N N 168 
ILE HXT  H  N N 169 
LEU N    N  N N 170 
LEU CA   C  N S 171 
LEU C    C  N N 172 
LEU O    O  N N 173 
LEU CB   C  N N 174 
LEU CG   C  N N 175 
LEU CD1  C  N N 176 
LEU CD2  C  N N 177 
LEU OXT  O  N N 178 
LEU H    H  N N 179 
LEU H2   H  N N 180 
LEU HA   H  N N 181 
LEU HB2  H  N N 182 
LEU HB3  H  N N 183 
LEU HG   H  N N 184 
LEU HD11 H  N N 185 
LEU HD12 H  N N 186 
LEU HD13 H  N N 187 
LEU HD21 H  N N 188 
LEU HD22 H  N N 189 
LEU HD23 H  N N 190 
LEU HXT  H  N N 191 
LYS N    N  N N 192 
LYS CA   C  N S 193 
LYS C    C  N N 194 
LYS O    O  N N 195 
LYS CB   C  N N 196 
LYS CG   C  N N 197 
LYS CD   C  N N 198 
LYS CE   C  N N 199 
LYS NZ   N  N N 200 
LYS OXT  O  N N 201 
LYS H    H  N N 202 
LYS H2   H  N N 203 
LYS HA   H  N N 204 
LYS HB2  H  N N 205 
LYS HB3  H  N N 206 
LYS HG2  H  N N 207 
LYS HG3  H  N N 208 
LYS HD2  H  N N 209 
LYS HD3  H  N N 210 
LYS HE2  H  N N 211 
LYS HE3  H  N N 212 
LYS HZ1  H  N N 213 
LYS HZ2  H  N N 214 
LYS HZ3  H  N N 215 
LYS HXT  H  N N 216 
MET N    N  N N 217 
MET CA   C  N S 218 
MET C    C  N N 219 
MET O    O  N N 220 
MET CB   C  N N 221 
MET CG   C  N N 222 
MET SD   S  N N 223 
MET CE   C  N N 224 
MET OXT  O  N N 225 
MET H    H  N N 226 
MET H2   H  N N 227 
MET HA   H  N N 228 
MET HB2  H  N N 229 
MET HB3  H  N N 230 
MET HG2  H  N N 231 
MET HG3  H  N N 232 
MET HE1  H  N N 233 
MET HE2  H  N N 234 
MET HE3  H  N N 235 
MET HXT  H  N N 236 
PHE N    N  N N 237 
PHE CA   C  N S 238 
PHE C    C  N N 239 
PHE O    O  N N 240 
PHE CB   C  N N 241 
PHE CG   C  Y N 242 
PHE CD1  C  Y N 243 
PHE CD2  C  Y N 244 
PHE CE1  C  Y N 245 
PHE CE2  C  Y N 246 
PHE CZ   C  Y N 247 
PHE OXT  O  N N 248 
PHE H    H  N N 249 
PHE H2   H  N N 250 
PHE HA   H  N N 251 
PHE HB2  H  N N 252 
PHE HB3  H  N N 253 
PHE HD1  H  N N 254 
PHE HD2  H  N N 255 
PHE HE1  H  N N 256 
PHE HE2  H  N N 257 
PHE HZ   H  N N 258 
PHE HXT  H  N N 259 
PRO N    N  N N 260 
PRO CA   C  N S 261 
PRO C    C  N N 262 
PRO O    O  N N 263 
PRO CB   C  N N 264 
PRO CG   C  N N 265 
PRO CD   C  N N 266 
PRO OXT  O  N N 267 
PRO H    H  N N 268 
PRO HA   H  N N 269 
PRO HB2  H  N N 270 
PRO HB3  H  N N 271 
PRO HG2  H  N N 272 
PRO HG3  H  N N 273 
PRO HD2  H  N N 274 
PRO HD3  H  N N 275 
PRO HXT  H  N N 276 
SER N    N  N N 277 
SER CA   C  N S 278 
SER C    C  N N 279 
SER O    O  N N 280 
SER CB   C  N N 281 
SER OG   O  N N 282 
SER OXT  O  N N 283 
SER H    H  N N 284 
SER H2   H  N N 285 
SER HA   H  N N 286 
SER HB2  H  N N 287 
SER HB3  H  N N 288 
SER HG   H  N N 289 
SER HXT  H  N N 290 
THR N    N  N N 291 
THR CA   C  N S 292 
THR C    C  N N 293 
THR O    O  N N 294 
THR CB   C  N R 295 
THR OG1  O  N N 296 
THR CG2  C  N N 297 
THR OXT  O  N N 298 
THR H    H  N N 299 
THR H2   H  N N 300 
THR HA   H  N N 301 
THR HB   H  N N 302 
THR HG1  H  N N 303 
THR HG21 H  N N 304 
THR HG22 H  N N 305 
THR HG23 H  N N 306 
THR HXT  H  N N 307 
TRP N    N  N N 308 
TRP CA   C  N S 309 
TRP C    C  N N 310 
TRP O    O  N N 311 
TRP CB   C  N N 312 
TRP CG   C  Y N 313 
TRP CD1  C  Y N 314 
TRP CD2  C  Y N 315 
TRP NE1  N  Y N 316 
TRP CE2  C  Y N 317 
TRP CE3  C  Y N 318 
TRP CZ2  C  Y N 319 
TRP CZ3  C  Y N 320 
TRP CH2  C  Y N 321 
TRP OXT  O  N N 322 
TRP H    H  N N 323 
TRP H2   H  N N 324 
TRP HA   H  N N 325 
TRP HB2  H  N N 326 
TRP HB3  H  N N 327 
TRP HD1  H  N N 328 
TRP HE1  H  N N 329 
TRP HE3  H  N N 330 
TRP HZ2  H  N N 331 
TRP HZ3  H  N N 332 
TRP HH2  H  N N 333 
TRP HXT  H  N N 334 
TYR N    N  N N 335 
TYR CA   C  N S 336 
TYR C    C  N N 337 
TYR O    O  N N 338 
TYR CB   C  N N 339 
TYR CG   C  Y N 340 
TYR CD1  C  Y N 341 
TYR CD2  C  Y N 342 
TYR CE1  C  Y N 343 
TYR CE2  C  Y N 344 
TYR CZ   C  Y N 345 
TYR OH   O  N N 346 
TYR OXT  O  N N 347 
TYR H    H  N N 348 
TYR H2   H  N N 349 
TYR HA   H  N N 350 
TYR HB2  H  N N 351 
TYR HB3  H  N N 352 
TYR HD1  H  N N 353 
TYR HD2  H  N N 354 
TYR HE1  H  N N 355 
TYR HE2  H  N N 356 
TYR HH   H  N N 357 
TYR HXT  H  N N 358 
VAL N    N  N N 359 
VAL CA   C  N S 360 
VAL C    C  N N 361 
VAL O    O  N N 362 
VAL CB   C  N N 363 
VAL CG1  C  N N 364 
VAL CG2  C  N N 365 
VAL OXT  O  N N 366 
VAL H    H  N N 367 
VAL H2   H  N N 368 
VAL HA   H  N N 369 
VAL HB   H  N N 370 
VAL HG11 H  N N 371 
VAL HG12 H  N N 372 
VAL HG13 H  N N 373 
VAL HG21 H  N N 374 
VAL HG22 H  N N 375 
VAL HG23 H  N N 376 
VAL HXT  H  N N 377 
# 
loop_
_chem_comp_bond.comp_id 
_chem_comp_bond.atom_id_1 
_chem_comp_bond.atom_id_2 
_chem_comp_bond.value_order 
_chem_comp_bond.pdbx_aromatic_flag 
_chem_comp_bond.pdbx_stereo_config 
_chem_comp_bond.pdbx_ordinal 
ALA N   CA   sing N N 1   
ALA N   H    sing N N 2   
ALA N   H2   sing N N 3   
ALA CA  C    sing N N 4   
ALA CA  CB   sing N N 5   
ALA CA  HA   sing N N 6   
ALA C   O    doub N N 7   
ALA C   OXT  sing N N 8   
ALA CB  HB1  sing N N 9   
ALA CB  HB2  sing N N 10  
ALA CB  HB3  sing N N 11  
ALA OXT HXT  sing N N 12  
ARG N   CA   sing N N 13  
ARG N   H    sing N N 14  
ARG N   H2   sing N N 15  
ARG CA  C    sing N N 16  
ARG CA  CB   sing N N 17  
ARG CA  HA   sing N N 18  
ARG C   O    doub N N 19  
ARG C   OXT  sing N N 20  
ARG CB  CG   sing N N 21  
ARG CB  HB2  sing N N 22  
ARG CB  HB3  sing N N 23  
ARG CG  CD   sing N N 24  
ARG CG  HG2  sing N N 25  
ARG CG  HG3  sing N N 26  
ARG CD  NE   sing N N 27  
ARG CD  HD2  sing N N 28  
ARG CD  HD3  sing N N 29  
ARG NE  CZ   sing N N 30  
ARG NE  HE   sing N N 31  
ARG CZ  NH1  sing N N 32  
ARG CZ  NH2  doub N N 33  
ARG NH1 HH11 sing N N 34  
ARG NH1 HH12 sing N N 35  
ARG NH2 HH21 sing N N 36  
ARG NH2 HH22 sing N N 37  
ARG OXT HXT  sing N N 38  
ASN N   CA   sing N N 39  
ASN N   H    sing N N 40  
ASN N   H2   sing N N 41  
ASN CA  C    sing N N 42  
ASN CA  CB   sing N N 43  
ASN CA  HA   sing N N 44  
ASN C   O    doub N N 45  
ASN C   OXT  sing N N 46  
ASN CB  CG   sing N N 47  
ASN CB  HB2  sing N N 48  
ASN CB  HB3  sing N N 49  
ASN CG  OD1  doub N N 50  
ASN CG  ND2  sing N N 51  
ASN ND2 HD21 sing N N 52  
ASN ND2 HD22 sing N N 53  
ASN OXT HXT  sing N N 54  
ASP N   CA   sing N N 55  
ASP N   H    sing N N 56  
ASP N   H2   sing N N 57  
ASP CA  C    sing N N 58  
ASP CA  CB   sing N N 59  
ASP CA  HA   sing N N 60  
ASP C   O    doub N N 61  
ASP C   OXT  sing N N 62  
ASP CB  CG   sing N N 63  
ASP CB  HB2  sing N N 64  
ASP CB  HB3  sing N N 65  
ASP CG  OD1  doub N N 66  
ASP CG  OD2  sing N N 67  
ASP OD2 HD2  sing N N 68  
ASP OXT HXT  sing N N 69  
GLN N   CA   sing N N 70  
GLN N   H    sing N N 71  
GLN N   H2   sing N N 72  
GLN CA  C    sing N N 73  
GLN CA  CB   sing N N 74  
GLN CA  HA   sing N N 75  
GLN C   O    doub N N 76  
GLN C   OXT  sing N N 77  
GLN CB  CG   sing N N 78  
GLN CB  HB2  sing N N 79  
GLN CB  HB3  sing N N 80  
GLN CG  CD   sing N N 81  
GLN CG  HG2  sing N N 82  
GLN CG  HG3  sing N N 83  
GLN CD  OE1  doub N N 84  
GLN CD  NE2  sing N N 85  
GLN NE2 HE21 sing N N 86  
GLN NE2 HE22 sing N N 87  
GLN OXT HXT  sing N N 88  
GLU N   CA   sing N N 89  
GLU N   H    sing N N 90  
GLU N   H2   sing N N 91  
GLU CA  C    sing N N 92  
GLU CA  CB   sing N N 93  
GLU CA  HA   sing N N 94  
GLU C   O    doub N N 95  
GLU C   OXT  sing N N 96  
GLU CB  CG   sing N N 97  
GLU CB  HB2  sing N N 98  
GLU CB  HB3  sing N N 99  
GLU CG  CD   sing N N 100 
GLU CG  HG2  sing N N 101 
GLU CG  HG3  sing N N 102 
GLU CD  OE1  doub N N 103 
GLU CD  OE2  sing N N 104 
GLU OE2 HE2  sing N N 105 
GLU OXT HXT  sing N N 106 
GLY N   CA   sing N N 107 
GLY N   H    sing N N 108 
GLY N   H2   sing N N 109 
GLY CA  C    sing N N 110 
GLY CA  HA2  sing N N 111 
GLY CA  HA3  sing N N 112 
GLY C   O    doub N N 113 
GLY C   OXT  sing N N 114 
GLY OXT HXT  sing N N 115 
HIS N   CA   sing N N 116 
HIS N   H    sing N N 117 
HIS N   H2   sing N N 118 
HIS CA  C    sing N N 119 
HIS CA  CB   sing N N 120 
HIS CA  HA   sing N N 121 
HIS C   O    doub N N 122 
HIS C   OXT  sing N N 123 
HIS CB  CG   sing N N 124 
HIS CB  HB2  sing N N 125 
HIS CB  HB3  sing N N 126 
HIS CG  ND1  sing Y N 127 
HIS CG  CD2  doub Y N 128 
HIS ND1 CE1  doub Y N 129 
HIS ND1 HD1  sing N N 130 
HIS CD2 NE2  sing Y N 131 
HIS CD2 HD2  sing N N 132 
HIS CE1 NE2  sing Y N 133 
HIS CE1 HE1  sing N N 134 
HIS NE2 HE2  sing N N 135 
HIS OXT HXT  sing N N 136 
HOH O   H1   sing N N 137 
HOH O   H2   sing N N 138 
ILE N   CA   sing N N 139 
ILE N   H    sing N N 140 
ILE N   H2   sing N N 141 
ILE CA  C    sing N N 142 
ILE CA  CB   sing N N 143 
ILE CA  HA   sing N N 144 
ILE C   O    doub N N 145 
ILE C   OXT  sing N N 146 
ILE CB  CG1  sing N N 147 
ILE CB  CG2  sing N N 148 
ILE CB  HB   sing N N 149 
ILE CG1 CD1  sing N N 150 
ILE CG1 HG12 sing N N 151 
ILE CG1 HG13 sing N N 152 
ILE CG2 HG21 sing N N 153 
ILE CG2 HG22 sing N N 154 
ILE CG2 HG23 sing N N 155 
ILE CD1 HD11 sing N N 156 
ILE CD1 HD12 sing N N 157 
ILE CD1 HD13 sing N N 158 
ILE OXT HXT  sing N N 159 
LEU N   CA   sing N N 160 
LEU N   H    sing N N 161 
LEU N   H2   sing N N 162 
LEU CA  C    sing N N 163 
LEU CA  CB   sing N N 164 
LEU CA  HA   sing N N 165 
LEU C   O    doub N N 166 
LEU C   OXT  sing N N 167 
LEU CB  CG   sing N N 168 
LEU CB  HB2  sing N N 169 
LEU CB  HB3  sing N N 170 
LEU CG  CD1  sing N N 171 
LEU CG  CD2  sing N N 172 
LEU CG  HG   sing N N 173 
LEU CD1 HD11 sing N N 174 
LEU CD1 HD12 sing N N 175 
LEU CD1 HD13 sing N N 176 
LEU CD2 HD21 sing N N 177 
LEU CD2 HD22 sing N N 178 
LEU CD2 HD23 sing N N 179 
LEU OXT HXT  sing N N 180 
LYS N   CA   sing N N 181 
LYS N   H    sing N N 182 
LYS N   H2   sing N N 183 
LYS CA  C    sing N N 184 
LYS CA  CB   sing N N 185 
LYS CA  HA   sing N N 186 
LYS C   O    doub N N 187 
LYS C   OXT  sing N N 188 
LYS CB  CG   sing N N 189 
LYS CB  HB2  sing N N 190 
LYS CB  HB3  sing N N 191 
LYS CG  CD   sing N N 192 
LYS CG  HG2  sing N N 193 
LYS CG  HG3  sing N N 194 
LYS CD  CE   sing N N 195 
LYS CD  HD2  sing N N 196 
LYS CD  HD3  sing N N 197 
LYS CE  NZ   sing N N 198 
LYS CE  HE2  sing N N 199 
LYS CE  HE3  sing N N 200 
LYS NZ  HZ1  sing N N 201 
LYS NZ  HZ2  sing N N 202 
LYS NZ  HZ3  sing N N 203 
LYS OXT HXT  sing N N 204 
MET N   CA   sing N N 205 
MET N   H    sing N N 206 
MET N   H2   sing N N 207 
MET CA  C    sing N N 208 
MET CA  CB   sing N N 209 
MET CA  HA   sing N N 210 
MET C   O    doub N N 211 
MET C   OXT  sing N N 212 
MET CB  CG   sing N N 213 
MET CB  HB2  sing N N 214 
MET CB  HB3  sing N N 215 
MET CG  SD   sing N N 216 
MET CG  HG2  sing N N 217 
MET CG  HG3  sing N N 218 
MET SD  CE   sing N N 219 
MET CE  HE1  sing N N 220 
MET CE  HE2  sing N N 221 
MET CE  HE3  sing N N 222 
MET OXT HXT  sing N N 223 
PHE N   CA   sing N N 224 
PHE N   H    sing N N 225 
PHE N   H2   sing N N 226 
PHE CA  C    sing N N 227 
PHE CA  CB   sing N N 228 
PHE CA  HA   sing N N 229 
PHE C   O    doub N N 230 
PHE C   OXT  sing N N 231 
PHE CB  CG   sing N N 232 
PHE CB  HB2  sing N N 233 
PHE CB  HB3  sing N N 234 
PHE CG  CD1  doub Y N 235 
PHE CG  CD2  sing Y N 236 
PHE CD1 CE1  sing Y N 237 
PHE CD1 HD1  sing N N 238 
PHE CD2 CE2  doub Y N 239 
PHE CD2 HD2  sing N N 240 
PHE CE1 CZ   doub Y N 241 
PHE CE1 HE1  sing N N 242 
PHE CE2 CZ   sing Y N 243 
PHE CE2 HE2  sing N N 244 
PHE CZ  HZ   sing N N 245 
PHE OXT HXT  sing N N 246 
PRO N   CA   sing N N 247 
PRO N   CD   sing N N 248 
PRO N   H    sing N N 249 
PRO CA  C    sing N N 250 
PRO CA  CB   sing N N 251 
PRO CA  HA   sing N N 252 
PRO C   O    doub N N 253 
PRO C   OXT  sing N N 254 
PRO CB  CG   sing N N 255 
PRO CB  HB2  sing N N 256 
PRO CB  HB3  sing N N 257 
PRO CG  CD   sing N N 258 
PRO CG  HG2  sing N N 259 
PRO CG  HG3  sing N N 260 
PRO CD  HD2  sing N N 261 
PRO CD  HD3  sing N N 262 
PRO OXT HXT  sing N N 263 
SER N   CA   sing N N 264 
SER N   H    sing N N 265 
SER N   H2   sing N N 266 
SER CA  C    sing N N 267 
SER CA  CB   sing N N 268 
SER CA  HA   sing N N 269 
SER C   O    doub N N 270 
SER C   OXT  sing N N 271 
SER CB  OG   sing N N 272 
SER CB  HB2  sing N N 273 
SER CB  HB3  sing N N 274 
SER OG  HG   sing N N 275 
SER OXT HXT  sing N N 276 
THR N   CA   sing N N 277 
THR N   H    sing N N 278 
THR N   H2   sing N N 279 
THR CA  C    sing N N 280 
THR CA  CB   sing N N 281 
THR CA  HA   sing N N 282 
THR C   O    doub N N 283 
THR C   OXT  sing N N 284 
THR CB  OG1  sing N N 285 
THR CB  CG2  sing N N 286 
THR CB  HB   sing N N 287 
THR OG1 HG1  sing N N 288 
THR CG2 HG21 sing N N 289 
THR CG2 HG22 sing N N 290 
THR CG2 HG23 sing N N 291 
THR OXT HXT  sing N N 292 
TRP N   CA   sing N N 293 
TRP N   H    sing N N 294 
TRP N   H2   sing N N 295 
TRP CA  C    sing N N 296 
TRP CA  CB   sing N N 297 
TRP CA  HA   sing N N 298 
TRP C   O    doub N N 299 
TRP C   OXT  sing N N 300 
TRP CB  CG   sing N N 301 
TRP CB  HB2  sing N N 302 
TRP CB  HB3  sing N N 303 
TRP CG  CD1  doub Y N 304 
TRP CG  CD2  sing Y N 305 
TRP CD1 NE1  sing Y N 306 
TRP CD1 HD1  sing N N 307 
TRP CD2 CE2  doub Y N 308 
TRP CD2 CE3  sing Y N 309 
TRP NE1 CE2  sing Y N 310 
TRP NE1 HE1  sing N N 311 
TRP CE2 CZ2  sing Y N 312 
TRP CE3 CZ3  doub Y N 313 
TRP CE3 HE3  sing N N 314 
TRP CZ2 CH2  doub Y N 315 
TRP CZ2 HZ2  sing N N 316 
TRP CZ3 CH2  sing Y N 317 
TRP CZ3 HZ3  sing N N 318 
TRP CH2 HH2  sing N N 319 
TRP OXT HXT  sing N N 320 
TYR N   CA   sing N N 321 
TYR N   H    sing N N 322 
TYR N   H2   sing N N 323 
TYR CA  C    sing N N 324 
TYR CA  CB   sing N N 325 
TYR CA  HA   sing N N 326 
TYR C   O    doub N N 327 
TYR C   OXT  sing N N 328 
TYR CB  CG   sing N N 329 
TYR CB  HB2  sing N N 330 
TYR CB  HB3  sing N N 331 
TYR CG  CD1  doub Y N 332 
TYR CG  CD2  sing Y N 333 
TYR CD1 CE1  sing Y N 334 
TYR CD1 HD1  sing N N 335 
TYR CD2 CE2  doub Y N 336 
TYR CD2 HD2  sing N N 337 
TYR CE1 CZ   doub Y N 338 
TYR CE1 HE1  sing N N 339 
TYR CE2 CZ   sing Y N 340 
TYR CE2 HE2  sing N N 341 
TYR CZ  OH   sing N N 342 
TYR OH  HH   sing N N 343 
TYR OXT HXT  sing N N 344 
VAL N   CA   sing N N 345 
VAL N   H    sing N N 346 
VAL N   H2   sing N N 347 
VAL CA  C    sing N N 348 
VAL CA  CB   sing N N 349 
VAL CA  HA   sing N N 350 
VAL C   O    doub N N 351 
VAL C   OXT  sing N N 352 
VAL CB  CG1  sing N N 353 
VAL CB  CG2  sing N N 354 
VAL CB  HB   sing N N 355 
VAL CG1 HG11 sing N N 356 
VAL CG1 HG12 sing N N 357 
VAL CG1 HG13 sing N N 358 
VAL CG2 HG21 sing N N 359 
VAL CG2 HG22 sing N N 360 
VAL CG2 HG23 sing N N 361 
VAL OXT HXT  sing N N 362 
# 
_pdbx_audit_support.funding_organization   'Not funded' 
_pdbx_audit_support.country                ? 
_pdbx_audit_support.grant_number           ? 
_pdbx_audit_support.ordinal                1 
# 
_pdbx_initial_refinement_model.id               1 
_pdbx_initial_refinement_model.entity_id_list   ? 
_pdbx_initial_refinement_model.type             'experimental model' 
_pdbx_initial_refinement_model.source_name      PDB 
_pdbx_initial_refinement_model.accession_code   3MF8 
_pdbx_initial_refinement_model.details          ? 
# 
_space_group.name_H-M_alt     'P 63' 
_space_group.name_Hall        'P 6c' 
_space_group.IT_number        173 
_space_group.crystal_system   hexagonal 
_space_group.id               1 
# 
_atom_sites.entry_id                    9NGD 
_atom_sites.Cartn_transf_matrix[1][1]   ? 
_atom_sites.Cartn_transf_matrix[1][2]   ? 
_atom_sites.Cartn_transf_matrix[1][3]   ? 
_atom_sites.Cartn_transf_matrix[2][1]   ? 
_atom_sites.Cartn_transf_matrix[2][2]   ? 
_atom_sites.Cartn_transf_matrix[2][3]   ? 
_atom_sites.Cartn_transf_matrix[3][1]   ? 
_atom_sites.Cartn_transf_matrix[3][2]   ? 
_atom_sites.Cartn_transf_matrix[3][3]   ? 
_atom_sites.Cartn_transf_vector[1]      ? 
_atom_sites.Cartn_transf_vector[2]      ? 
_atom_sites.Cartn_transf_vector[3]      ? 
_atom_sites.Cartn_transform_axes        ? 
_atom_sites.fract_transf_matrix[1][1]   -0.00657681 
_atom_sites.fract_transf_matrix[1][2]   -0.01234647 
_atom_sites.fract_transf_matrix[1][3]   -0.01329752 
_atom_sites.fract_transf_matrix[2][1]   -0.01802720 
_atom_sites.fract_transf_matrix[2][2]   -0.00678565 
_atom_sites.fract_transf_matrix[2][3]   0.00121039 
_atom_sites.fract_transf_matrix[3][1]   -0.00570875 
_atom_sites.fract_transf_matrix[3][2]   0.01344340 
_atom_sites.fract_transf_matrix[3][3]   -0.00965843 
_atom_sites.fract_transf_vector[1]      0.137335 
_atom_sites.fract_transf_vector[2]      -0.343013 
_atom_sites.fract_transf_vector[3]      0.214612 
_atom_sites.solution_primary            ? 
_atom_sites.solution_secondary          ? 
_atom_sites.solution_hydrogens          ? 
_atom_sites.special_details             ? 
# 
loop_
_atom_type.symbol 
_atom_type.scat_dispersion_real 
_atom_type.scat_dispersion_imag 
_atom_type.scat_Cromer_Mann_a1 
_atom_type.scat_Cromer_Mann_a2 
_atom_type.scat_Cromer_Mann_a3 
_atom_type.scat_Cromer_Mann_a4 
_atom_type.scat_Cromer_Mann_b1 
_atom_type.scat_Cromer_Mann_b2 
_atom_type.scat_Cromer_Mann_b3 
_atom_type.scat_Cromer_Mann_b4 
_atom_type.scat_Cromer_Mann_c 
_atom_type.scat_source 
_atom_type.scat_dispersion_source 
C  ? ? 3.54356 2.42580 ? ? 25.62398 1.50364  ? ? 0.0 
;2-Gaussian fit: Grosse-Kunstleve RW, Sauter NK, Adams PD: Newsletter of the IUCr Commission on Crystallographic Computing 2004, 3, 22-31.
;
? 
CL ? ? 9.50761 7.44341 ? ? 1.04373  23.83732 ? ? 0.0 
;2-Gaussian fit: Grosse-Kunstleve RW, Sauter NK, Adams PD: Newsletter of the IUCr Commission on Crystallographic Computing 2004, 3, 22-31.
;
? 
N  ? ? 4.01032 2.96436 ? ? 19.97189 1.75589  ? ? 0.0 
;2-Gaussian fit: Grosse-Kunstleve RW, Sauter NK, Adams PD: Newsletter of the IUCr Commission on Crystallographic Computing 2004, 3, 22-31.
;
? 
O  ? ? 7.96527 ?       ? ? 9.05267  ?        ? ? 0.0 
;1-Gaussian fit: Grosse-Kunstleve RW, Sauter NK, Adams PD: Newsletter of the IUCr Commission on Crystallographic Computing 2004, 3, 22-31.
;
? 
S  ? ? 9.55732 6.39887 ? ? 1.23737  29.19336 ? ? 0.0 
;2-Gaussian fit: Grosse-Kunstleve RW, Sauter NK, Adams PD: Newsletter of the IUCr Commission on Crystallographic Computing 2004, 3, 22-31.
;
? 
# 
loop_
_atom_site.group_PDB 
_atom_site.id 
_atom_site.type_symbol 
_atom_site.label_atom_id 
_atom_site.label_alt_id 
_atom_site.label_comp_id 
_atom_site.label_asym_id 
_atom_site.label_entity_id 
_atom_site.label_seq_id 
_atom_site.pdbx_PDB_ins_code 
_atom_site.Cartn_x 
_atom_site.Cartn_y 
_atom_site.Cartn_z 
_atom_site.occupancy 
_atom_site.B_iso_or_equiv 
_atom_site.pdbx_formal_charge 
_atom_site.auth_seq_id 
_atom_site.auth_comp_id 
_atom_site.auth_asym_id 
_atom_site.auth_atom_id 
_atom_site.pdbx_PDB_model_num 
ATOM   1   N  N   . PRO A 1 1   ? 10.05252  -1.54611  1.01544   1.000 43.88185  ? 1   PRO A N   1 
ATOM   2   C  CA  . PRO A 1 1   ? 8.71789   -2.01853  0.63731   1.000 36.39485  ? 1   PRO A CA  1 
ATOM   3   C  C   . PRO A 1 1   ? 8.15433   -1.20707  -0.49623  1.000 37.64942  ? 1   PRO A C   1 
ATOM   4   O  O   . PRO A 1 1   ? 8.34226   0.01133   -0.49775  1.000 40.13192  ? 1   PRO A O   1 
ATOM   5   C  CB  . PRO A 1 1   ? 7.88919   -1.78744  1.90019   1.000 35.01648  ? 1   PRO A CB  1 
ATOM   6   C  CG  . PRO A 1 1   ? 8.57244   -0.69115  2.57992   1.000 41.47893  ? 1   PRO A CG  1 
ATOM   7   C  CD  . PRO A 1 1   ? 10.03668  -0.90920  2.34098   1.000 47.85122  ? 1   PRO A CD  1 
ATOM   8   N  N   . VAL A 1 2   ? 7.45443   -1.83097  -1.43862  1.000 37.81303  ? 2   VAL A N   1 
ATOM   9   C  CA  . VAL A 1 2   ? 6.72880   -1.06038  -2.44080  1.000 33.11472  ? 2   VAL A CA  1 
ATOM   10  C  C   . VAL A 1 2   ? 5.24152   -1.31699  -2.25609  1.000 34.96597  ? 2   VAL A C   1 
ATOM   11  O  O   . VAL A 1 2   ? 4.82189   -2.43517  -1.95457  1.000 32.03913  ? 2   VAL A O   1 
ATOM   12  C  CB  . VAL A 1 2   ? 7.20108   -1.37652  -3.87609  1.000 37.63239  ? 2   VAL A CB  1 
ATOM   13  C  CG1 . VAL A 1 2   ? 6.23700   -0.81347  -4.92106  1.000 30.05376  ? 2   VAL A CG1 1 
ATOM   14  C  CG2 . VAL A 1 2   ? 8.59589   -0.77978  -4.08927  1.000 41.18945  ? 2   VAL A CG2 1 
ATOM   15  N  N   . TYR A 1 3   ? 4.44680   -0.26947  -2.36788  1.000 37.92966  ? 3   TYR A N   1 
ATOM   16  C  CA  . TYR A 1 3   ? 3.00438   -0.39941  -2.24005  1.000 37.25057  ? 3   TYR A CA  1 
ATOM   17  C  C   . TYR A 1 3   ? 2.41121   0.03694   -3.57364  1.000 38.10928  ? 3   TYR A C   1 
ATOM   18  O  O   . TYR A 1 3   ? 2.34206   1.23494   -3.86677  1.000 37.52893  ? 3   TYR A O   1 
ATOM   19  C  CB  . TYR A 1 3   ? 2.48582   0.43937   -1.08334  1.000 30.26378  ? 3   TYR A CB  1 
ATOM   20  C  CG  . TYR A 1 3   ? 2.65399   -0.23425  0.26003   1.000 41.21765  ? 3   TYR A CG  1 
ATOM   21  C  CD1 . TYR A 1 3   ? 1.78287   -1.23875  0.69295   1.000 43.07363  ? 3   TYR A CD1 1 
ATOM   22  C  CD2 . TYR A 1 3   ? 3.70191   0.11993   1.09448   1.000 42.27575  ? 3   TYR A CD2 1 
ATOM   23  C  CE1 . TYR A 1 3   ? 1.95560   -1.85735  1.93436   1.000 37.58060  ? 3   TYR A CE1 1 
ATOM   24  C  CE2 . TYR A 1 3   ? 3.88057   -0.48397  2.33107   1.000 43.00067  ? 3   TYR A CE2 1 
ATOM   25  C  CZ  . TYR A 1 3   ? 3.01248   -1.46833  2.74673   1.000 42.44878  ? 3   TYR A CZ  1 
ATOM   26  O  OH  . TYR A 1 3   ? 3.23319   -2.05194  3.97402   1.000 44.39201  ? 3   TYR A OH  1 
ATOM   27  N  N   . MET A 1 4   ? 2.02616   -0.91831  -4.41096  1.000 36.17593  ? 4   MET A N   1 
ATOM   28  C  CA  . MET A 1 4   ? 1.14574   -0.56397  -5.50763  1.000 30.49958  ? 4   MET A CA  1 
ATOM   29  C  C   . MET A 1 4   ? -0.19551  -0.19038  -4.89285  1.000 30.17153  ? 4   MET A C   1 
ATOM   30  O  O   . MET A 1 4   ? -0.68581  -0.89394  -4.00508  1.000 32.54692  ? 4   MET A O   1 
ATOM   31  C  CB  . MET A 1 4   ? 0.98275   -1.73283  -6.48345  1.000 33.80030  ? 4   MET A CB  1 
ATOM   32  C  CG  . MET A 1 4   ? 2.22509   -2.25286  -7.14389  1.000 31.10650  ? 4   MET A CG  1 
ATOM   33  S  SD  . MET A 1 4   ? 3.44640   -0.95930  -7.21467  1.000 29.88047  ? 4   MET A SD  1 
ATOM   34  C  CE  . MET A 1 4   ? 3.24105   -0.42326  -8.89435  1.000 30.74711  ? 4   MET A CE  1 
ATOM   35  N  N   . VAL A 1 5   ? -0.77672  0.92582   -5.31442  1.000 25.97928  ? 5   VAL A N   1 
ATOM   36  C  CA  . VAL A 1 5   ? -2.04971  1.37328   -4.76770  1.000 27.51042  ? 5   VAL A CA  1 
ATOM   37  C  C   . VAL A 1 5   ? -2.97301  1.67993   -5.92534  1.000 32.22302  ? 5   VAL A C   1 
ATOM   38  O  O   . VAL A 1 5   ? -2.76816  2.66505   -6.64771  1.000 32.95113  ? 5   VAL A O   1 
ATOM   39  C  CB  . VAL A 1 5   ? -1.90821  2.58635   -3.84816  1.000 30.91622  ? 5   VAL A CB  1 
ATOM   40  C  CG1 . VAL A 1 5   ? -3.27710  2.98506   -3.32894  1.000 29.58426  ? 5   VAL A CG1 1 
ATOM   41  C  CG2 . VAL A 1 5   ? -0.99048  2.24499   -2.68117  1.000 33.25029  ? 5   VAL A CG2 1 
ATOM   42  N  N   . TYR A 1 6   ? -3.99643  0.84697   -6.09728  1.000 37.03762  ? 6   TYR A N   1 
ATOM   43  C  CA  . TYR A 1 6   ? -4.86404  0.87886   -7.26417  1.000 39.03538  ? 6   TYR A CA  1 
ATOM   44  C  C   . TYR A 1 6   ? -6.13506  1.63846   -6.93137  1.000 31.83357  ? 6   TYR A C   1 
ATOM   45  O  O   . TYR A 1 6   ? -6.83108  1.31865   -5.95169  1.000 28.50628  ? 6   TYR A O   1 
ATOM   46  C  CB  . TYR A 1 6   ? -5.16710  -0.53686  -7.75570  1.000 29.66359  ? 6   TYR A CB  1 
ATOM   47  C  CG  . TYR A 1 6   ? -3.90988  -1.24803  -8.19786  1.000 28.40504  ? 6   TYR A CG  1 
ATOM   48  C  CD1 . TYR A 1 6   ? -3.14025  -1.95619  -7.29070  1.000 30.44350  ? 6   TYR A CD1 1 
ATOM   49  C  CD2 . TYR A 1 6   ? -3.46996  -1.17188  -9.51034  1.000 26.28022  ? 6   TYR A CD2 1 
ATOM   50  C  CE1 . TYR A 1 6   ? -1.98923  -2.59602  -7.68681  1.000 32.77107  ? 6   TYR A CE1 1 
ATOM   51  C  CE2 . TYR A 1 6   ? -2.32280  -1.80810  -9.91186  1.000 26.46841  ? 6   TYR A CE2 1 
ATOM   52  C  CZ  . TYR A 1 6   ? -1.57944  -2.51313  -8.99568  1.000 27.10828  ? 6   TYR A CZ  1 
ATOM   53  O  OH  . TYR A 1 6   ? -0.43052  -3.15820  -9.38879  1.000 32.64162  ? 6   TYR A OH  1 
ATOM   54  N  N   . VAL A 1 7   ? -6.40715  2.65597   -7.75098  1.000 30.37060  ? 7   VAL A N   1 
ATOM   55  C  CA  . VAL A 1 7   ? -7.46558  3.61903   -7.49631  1.000 33.98636  ? 7   VAL A CA  1 
ATOM   56  C  C   . VAL A 1 7   ? -8.01456  4.12681   -8.82367  1.000 33.94905  ? 7   VAL A C   1 
ATOM   57  O  O   . VAL A 1 7   ? -7.34204  4.10721   -9.85578  1.000 32.03857  ? 7   VAL A O   1 
ATOM   58  C  CB  . VAL A 1 7   ? -6.97161  4.81794   -6.65255  1.000 40.55925  ? 7   VAL A CB  1 
ATOM   59  C  CG1 . VAL A 1 7   ? -6.57862  4.38284   -5.24785  1.000 36.50752  ? 7   VAL A CG1 1 
ATOM   60  C  CG2 . VAL A 1 7   ? -5.80880  5.52251   -7.37259  1.000 37.51110  ? 7   VAL A CG2 1 
ATOM   61  N  N   . SER A 1 8   ? -9.24980  4.60724   -8.77369  1.000 35.39092  ? 8   SER A N   1 
ATOM   62  C  CA  . SER A 1 8   ? -9.89599  5.21280   -9.91656  1.000 38.50743  ? 8   SER A CA  1 
ATOM   63  C  C   . SER A 1 8   ? -9.37063  6.63098   -10.11864 1.000 44.35511  ? 8   SER A C   1 
ATOM   64  O  O   . SER A 1 8   ? -8.89067  7.27556   -9.17882  1.000 47.40388  ? 8   SER A O   1 
ATOM   65  C  CB  . SER A 1 8   ? -11.40948 5.23252   -9.70520  1.000 50.66060  ? 8   SER A CB  1 
ATOM   66  O  OG  . SER A 1 8   ? -11.93554 3.91534   -9.58512  1.000 52.06309  ? 8   SER A OG  1 
ATOM   67  N  N   . GLN A 1 9   ? -9.46884  7.11404   -11.36069 1.000 46.91005  ? 9   GLN A N   1 
ATOM   68  C  CA  . GLN A 1 9   ? -9.06032  8.46883   -11.72878 1.000 45.01971  ? 9   GLN A CA  1 
ATOM   69  C  C   . GLN A 1 9   ? -10.19973 9.44516   -11.42591 1.000 52.05538  ? 9   GLN A C   1 
ATOM   70  O  O   . GLN A 1 9   ? -11.38391 9.10100   -11.55490 1.000 50.25593  ? 9   GLN A O   1 
ATOM   71  C  CB  . GLN A 1 9   ? -8.68804  8.51139   -13.21664 1.000 36.83699  ? 9   GLN A CB  1 
ATOM   72  C  CG  . GLN A 1 9   ? -7.49814  9.40802   -13.55666 1.000 54.15222  ? 9   GLN A CG  1 
ATOM   73  C  CD  . GLN A 1 9   ? -7.82966  10.73588  -14.23911 1.000 54.17826  ? 9   GLN A CD  1 
ATOM   74  O  OE1 . GLN A 1 9   ? -8.78779  11.43536  -13.88848 1.000 57.97808  ? 9   GLN A OE1 1 
ATOM   75  N  NE2 . GLN A 1 9   ? -6.99933  11.09792  -15.21402 1.000 48.43413  ? 9   GLN A NE2 1 
ATOM   76  N  N   . ASP A 1 10  ? -9.84580  10.67253  -11.02539 1.000 49.79925  ? 10  ASP A N   1 
ATOM   77  C  CA  . ASP A 1 10  ? -10.81411 11.58793  -10.39721 1.000 54.32426  ? 10  ASP A CA  1 
ATOM   78  C  C   . ASP A 1 10  ? -11.53123 10.90411  -9.23731  1.000 56.21579  ? 10  ASP A C   1 
ATOM   79  O  O   . ASP A 1 10  ? -12.74182 10.65378  -9.26543  1.000 63.96188  ? 10  ASP A O   1 
ATOM   80  C  CB  . ASP A 1 10  ? -11.83720 12.14554  -11.39492 1.000 49.25762  ? 10  ASP A CB  1 
ATOM   81  C  CG  . ASP A 1 10  ? -11.19465 12.86707  -12.54529 1.000 55.11298  ? 10  ASP A CG  1 
ATOM   82  O  OD1 . ASP A 1 10  ? -10.16004 13.53726  -12.32187 1.000 60.51776  ? 10  ASP A OD1 1 
ATOM   83  O  OD2 . ASP A 1 10  ? -11.69290 12.72788  -13.68274 1.000 59.83156  ? 10  ASP A OD2 1 
ATOM   84  N  N   . ARG A 1 11  ? -10.75013 10.61214  -8.20181  1.000 49.37404  ? 11  ARG A N   1 
ATOM   85  C  CA  . ARG A 1 11  ? -11.29966 10.08541  -6.96582  1.000 45.03824  ? 11  ARG A CA  1 
ATOM   86  C  C   . ARG A 1 11  ? -10.42694 10.55097  -5.82023  1.000 46.75998  ? 11  ARG A C   1 
ATOM   87  O  O   . ARG A 1 11  ? -10.92820 11.01639  -4.79274  1.000 46.22527  ? 11  ARG A O   1 
ATOM   88  C  CB  . ARG A 1 11  ? -11.38036 8.56371   -7.00386  1.000 47.66463  ? 11  ARG A CB  1 
ATOM   89  C  CG  . ARG A 1 11  ? -11.64970 7.98266   -5.64651  1.000 53.14249  ? 11  ARG A CG  1 
ATOM   90  C  CD  . ARG A 1 11  ? -12.96365 8.55705   -5.14183  1.000 62.73987  ? 11  ARG A CD  1 
ATOM   91  N  NE  . ARG A 1 11  ? -13.28265 8.15821   -3.77346  1.000 61.54921  ? 11  ARG A NE  1 
ATOM   92  C  CZ  . ARG A 1 11  ? -12.76534 8.72342   -2.69063  1.000 58.71302  ? 11  ARG A CZ  1 
ATOM   93  N  NH1 . ARG A 1 11  ? -11.87263 9.70078   -2.77887  1.000 57.45522  ? 11  ARG A NH1 1 
ATOM   94  N  NH2 . ARG A 1 11  ? -13.13997 8.28897   -1.48942  1.000 52.42667  ? 11  ARG A NH2 1 
ATOM   95  N  N   . LEU A 1 12  ? -9.11748  10.42239  -5.99724  1.000 44.43865  ? 12  LEU A N   1 
ATOM   96  C  CA  . LEU A 1 12  ? -8.13253  10.98886  -5.08572  1.000 39.23764  ? 12  LEU A CA  1 
ATOM   97  C  C   . LEU A 1 12  ? -7.52187  12.21064  -5.74030  1.000 38.74931  ? 12  LEU A C   1 
ATOM   98  O  O   . LEU A 1 12  ? -6.82322  12.10215  -6.75386  1.000 36.94084  ? 12  LEU A O   1 
ATOM   99  C  CB  . LEU A 1 12  ? -7.04640  9.98869   -4.72131  1.000 38.85752  ? 12  LEU A CB  1 
ATOM   100 C  CG  . LEU A 1 12  ? -7.31105  9.05488   -3.54954  1.000 41.80841  ? 12  LEU A CG  1 
ATOM   101 C  CD1 . LEU A 1 12  ? -8.77004  8.60673   -3.44330  1.000 44.46123  ? 12  LEU A CD1 1 
ATOM   102 C  CD2 . LEU A 1 12  ? -6.36914  7.87698   -3.68266  1.000 45.01817  ? 12  LEU A CD2 1 
ATOM   103 N  N   . THR A 1 13  ? -7.78031  13.36209  -5.14332  1.000 40.20993  ? 13  THR A N   1 
ATOM   104 C  CA  . THR A 1 13  ? -7.15929  14.58658  -5.56458  1.000 40.96077  ? 13  THR A CA  1 
ATOM   105 C  C   . THR A 1 13  ? -5.64916  14.45414  -5.42140  1.000 48.15417  ? 13  THR A C   1 
ATOM   106 O  O   . THR A 1 13  ? -5.16687  13.57940  -4.70498  1.000 51.65434  ? 13  THR A O   1 
ATOM   107 C  CB  . THR A 1 13  ? -7.69035  15.72756  -4.71770  1.000 49.22534  ? 13  THR A CB  1 
ATOM   108 O  OG1 . THR A 1 13  ? -7.87325  15.27538  -3.37529  1.000 48.30657  ? 13  THR A OG1 1 
ATOM   109 C  CG2 . THR A 1 13  ? -9.04356  16.13902  -5.24873  1.000 54.98836  ? 13  THR A CG2 1 
ATOM   110 N  N   . PRO A 1 14  ? -4.87431  15.28441  -6.11245  1.000 48.12953  ? 14  PRO A N   1 
ATOM   111 C  CA  . PRO A 1 14  ? -3.41282  15.17258  -6.00429  1.000 48.67954  ? 14  PRO A CA  1 
ATOM   112 C  C   . PRO A 1 14  ? -2.89650  15.55976  -4.62662  1.000 57.63092  ? 14  PRO A C   1 
ATOM   113 O  O   . PRO A 1 14  ? -1.74281  15.98043  -4.49094  1.000 64.70493  ? 14  PRO A O   1 
ATOM   114 C  CB  . PRO A 1 14  ? -2.89906  16.15272  -7.06485  1.000 50.07612  ? 14  PRO A CB  1 
ATOM   115 C  CG  . PRO A 1 14  ? -4.09165  16.92193  -7.51919  1.000 52.74943  ? 14  PRO A CG  1 
ATOM   116 C  CD  . PRO A 1 14  ? -5.27385  16.07470  -7.28176  1.000 53.21560  ? 14  PRO A CD  1 
ATOM   117 N  N   . SER A 1 15  ? -3.74320  15.43205  -3.60231  1.000 57.04855  ? 15  SER A N   1 
ATOM   118 C  CA  . SER A 1 15  ? -3.47574  15.94972  -2.26574  1.000 57.15013  ? 15  SER A CA  1 
ATOM   119 C  C   . SER A 1 15  ? -3.73412  14.86336  -1.23387  1.000 50.09779  ? 15  SER A C   1 
ATOM   120 O  O   . SER A 1 15  ? -2.80689  14.41215  -0.55714  1.000 49.73914  ? 15  SER A O   1 
ATOM   121 C  CB  . SER A 1 15  ? -4.34563  17.17981  -1.97927  1.000 57.28232  ? 15  SER A CB  1 
ATOM   122 O  OG  . SER A 1 15  ? -3.67505  18.10736  -1.14260  1.000 57.22091  ? 15  SER A OG  1 
ATOM   123 N  N   . ALA A 1 16  ? -4.98808  14.42266  -1.10972  1.000 50.68759  ? 16  ALA A N   1 
ATOM   124 C  CA  . ALA A 1 16  ? -5.24559  13.20901  -0.34799  1.000 54.63365  ? 16  ALA A CA  1 
ATOM   125 C  C   . ALA A 1 16  ? -4.41590  12.04770  -0.87936  1.000 47.53634  ? 16  ALA A C   1 
ATOM   126 O  O   . ALA A 1 16  ? -4.23393  11.04788  -0.18673  1.000 49.34035  ? 16  ALA A O   1 
ATOM   127 C  CB  . ALA A 1 16  ? -6.74187  12.86807  -0.37144  1.000 46.74000  ? 16  ALA A CB  1 
ATOM   128 N  N   . LYS A 1 17  ? -3.89714  12.16512  -2.09399  1.000 46.11585  ? 17  LYS A N   1 
ATOM   129 C  CA  . LYS A 1 17  ? -2.93208  11.19838  -2.59590  1.000 44.22160  ? 17  LYS A CA  1 
ATOM   130 C  C   . LYS A 1 17  ? -1.62826  11.29871  -1.81281  1.000 47.04257  ? 17  LYS A C   1 
ATOM   131 O  O   . LYS A 1 17  ? -1.08786  10.27792  -1.36847  1.000 50.09474  ? 17  LYS A O   1 
ATOM   132 C  CB  . LYS A 1 17  ? -2.80117  11.46278  -4.09099  1.000 40.79734  ? 17  LYS A CB  1 
ATOM   133 C  CG  . LYS A 1 17  ? -1.93817  10.69012  -4.99307  1.000 39.27374  ? 17  LYS A CG  1 
ATOM   134 C  CD  . LYS A 1 17  ? -0.56983  11.29064  -5.13277  1.000 52.46045  ? 17  LYS A CD  1 
ATOM   135 C  CE  . LYS A 1 17  ? 0.25085   10.37122  -5.97299  1.000 55.29229  ? 17  LYS A CE  1 
ATOM   136 N  NZ  . LYS A 1 17  ? 1.66887   10.69057  -6.12007  1.000 55.30316  ? 17  LYS A NZ  1 
ATOM   137 N  N   . HIS A 1 18  ? -1.16226  12.52800  -1.55018  1.000 48.95016  ? 18  HIS A N   1 
ATOM   138 C  CA  . HIS A 1 18  ? -0.06254  12.74405  -0.60687  1.000 42.31832  ? 18  HIS A CA  1 
ATOM   139 C  C   . HIS A 1 18  ? -0.43903  12.28200  0.79453   1.000 40.99178  ? 18  HIS A C   1 
ATOM   140 O  O   . HIS A 1 18  ? 0.35813   11.63130  1.47715   1.000 42.96203  ? 18  HIS A O   1 
ATOM   141 C  CB  . HIS A 1 18  ? 0.34651   14.22493  -0.61123  1.000 48.26830  ? 18  HIS A CB  1 
ATOM   142 C  CG  . HIS A 1 18  ? 1.41088   14.58220  0.39002   1.000 54.35206  ? 18  HIS A CG  1 
ATOM   143 N  ND1 . HIS A 1 18  ? 2.65617   13.98920  0.41670   1.000 47.24491  ? 18  HIS A ND1 1 
ATOM   144 C  CD2 . HIS A 1 18  ? 1.41060   15.49280  1.39294   1.000 56.44666  ? 18  HIS A CD2 1 
ATOM   145 C  CE1 . HIS A 1 18  ? 3.36721   14.50101  1.40679   1.000 52.93690  ? 18  HIS A CE1 1 
ATOM   146 N  NE2 . HIS A 1 18  ? 2.63381   15.41742  2.01537   1.000 58.34232  ? 18  HIS A NE2 1 
ATOM   147 N  N   . ALA A 1 19  ? -1.65716  12.61166  1.24277   1.000 46.23081  ? 19  ALA A N   1 
ATOM   148 C  CA  . ALA A 1 19  ? -2.11343  12.19122  2.56613   1.000 40.88733  ? 19  ALA A CA  1 
ATOM   149 C  C   . ALA A 1 19  ? -2.05308  10.67440  2.71076   1.000 44.07542  ? 19  ALA A C   1 
ATOM   150 O  O   . ALA A 1 19  ? -1.59478  10.15700  3.73387   1.000 45.20986  ? 19  ALA A O   1 
ATOM   151 C  CB  . ALA A 1 19  ? -3.53419  12.70325  2.82052   1.000 39.76703  ? 19  ALA A CB  1 
ATOM   152 N  N   . VAL A 1 20  ? -2.45036  9.94950   1.65923   1.000 50.83566  ? 20  VAL A N   1 
ATOM   153 C  CA  . VAL A 1 20  ? -2.47839  8.48657   1.68274   1.000 47.36301  ? 20  VAL A CA  1 
ATOM   154 C  C   . VAL A 1 20  ? -1.06808  7.91352   1.61609   1.000 40.81359  ? 20  VAL A C   1 
ATOM   155 O  O   . VAL A 1 20  ? -0.73118  6.98195   2.35204   1.000 44.81184  ? 20  VAL A O   1 
ATOM   156 C  CB  . VAL A 1 20  ? -3.35724  7.94907   0.53672   1.000 49.22046  ? 20  VAL A CB  1 
ATOM   157 C  CG1 . VAL A 1 20  ? -2.98311  6.51305   0.19500   1.000 45.69264  ? 20  VAL A CG1 1 
ATOM   158 C  CG2 . VAL A 1 20  ? -4.83272  8.00190   0.92578   1.000 47.69782  ? 20  VAL A CG2 1 
ATOM   159 N  N   . ALA A 1 21  ? -0.23964  8.41042   0.69948   1.000 38.63023  ? 21  ALA A N   1 
ATOM   160 C  CA  . ALA A 1 21  ? 1.13018   7.92042   0.67083   1.000 36.65957  ? 21  ALA A CA  1 
ATOM   161 C  C   . ALA A 1 21  ? 1.79046   8.11675   2.02231   1.000 38.91152  ? 21  ALA A C   1 
ATOM   162 O  O   . ALA A 1 21  ? 2.45820   7.20979   2.52988   1.000 41.06295  ? 21  ALA A O   1 
ATOM   163 C  CB  . ALA A 1 21  ? 1.92986   8.60965   -0.42519  1.000 36.13923  ? 21  ALA A CB  1 
ATOM   164 N  N   . LYS A 1 22  ? 1.57938   9.28061   2.64483   1.000 43.21907  ? 22  LYS A N   1 
ATOM   165 C  CA  . LYS A 1 22  ? 2.16192   9.52632   3.96050   1.000 48.15846  ? 22  LYS A CA  1 
ATOM   166 C  C   . LYS A 1 22  ? 1.55339   8.59888   5.00538   1.000 51.61473  ? 22  LYS A C   1 
ATOM   167 O  O   . LYS A 1 22  ? 2.25935   8.10715   5.89065   1.000 52.07458  ? 22  LYS A O   1 
ATOM   168 C  CB  . LYS A 1 22  ? 1.98965   10.99904  4.35726   1.000 42.45423  ? 22  LYS A CB  1 
ATOM   169 C  CG  . LYS A 1 22  ? 3.30495   11.74425  4.49380   1.000 46.12540  ? 22  LYS A CG  1 
ATOM   170 C  CD  . LYS A 1 22  ? 3.11654   13.14592  5.03327   1.000 60.38787  ? 22  LYS A CD  1 
ATOM   171 C  CE  . LYS A 1 22  ? 4.24981   13.58144  5.96855   1.000 64.58619  ? 22  LYS A CE  1 
ATOM   172 N  NZ  . LYS A 1 22  ? 3.88479   14.79774  6.77679   1.000 60.26021  ? 22  LYS A NZ  1 
ATOM   173 N  N   . ALA A 1 23  ? 0.24968   8.33237   4.90283   1.000 49.94809  ? 23  ALA A N   1 
ATOM   174 C  CA  . ALA A 1 23  ? -0.39948  7.36934   5.78077   1.000 48.06169  ? 23  ALA A CA  1 
ATOM   175 C  C   . ALA A 1 23  ? 0.31183   6.02029   5.73428   1.000 47.72836  ? 23  ALA A C   1 
ATOM   176 O  O   . ALA A 1 23  ? 0.79382   5.50795   6.75587   1.000 54.88474  ? 23  ALA A O   1 
ATOM   177 C  CB  . ALA A 1 23  ? -1.86443  7.22847   5.36825   1.000 49.89865  ? 23  ALA A CB  1 
ATOM   178 N  N   . ILE A 1 24  ? 0.38602   5.43937   4.53921   1.000 41.69734  ? 24  ILE A N   1 
ATOM   179 C  CA  . ILE A 1 24  ? 1.02148   4.14186   4.35366   1.000 41.55789  ? 24  ILE A CA  1 
ATOM   180 C  C   . ILE A 1 24  ? 2.45174   4.17725   4.87010   1.000 48.96776  ? 24  ILE A C   1 
ATOM   181 O  O   . ILE A 1 24  ? 2.87349   3.32072   5.66397   1.000 51.52134  ? 24  ILE A O   1 
ATOM   182 C  CB  . ILE A 1 24  ? 0.96503   3.74248   2.86848   1.000 41.64992  ? 24  ILE A CB  1 
ATOM   183 C  CG1 . ILE A 1 24  ? -0.40703  3.17085   2.52484   1.000 40.95263  ? 24  ILE A CG1 1 
ATOM   184 C  CG2 . ILE A 1 24  ? 2.02715   2.71966   2.54114   1.000 40.93710  ? 24  ILE A CG2 1 
ATOM   185 C  CD1 . ILE A 1 24  ? -0.82513  3.38559   1.08934   1.000 30.66186  ? 24  ILE A CD1 1 
ATOM   186 N  N   . THR A 1 25  ? 3.21395   5.18642   4.43553   1.000 45.45486  ? 25  THR A N   1 
ATOM   187 C  CA  . THR A 1 25  ? 4.64081   5.23506   4.72042   1.000 46.36078  ? 25  THR A CA  1 
ATOM   188 C  C   . THR A 1 25  ? 4.90938   5.40397   6.20725   1.000 53.40319  ? 25  THR A C   1 
ATOM   189 O  O   . THR A 1 25  ? 5.88937   4.85359   6.73107   1.000 56.22161  ? 25  THR A O   1 
ATOM   190 C  CB  . THR A 1 25  ? 5.27111   6.36653   3.91585   1.000 47.70788  ? 25  THR A CB  1 
ATOM   191 O  OG1 . THR A 1 25  ? 4.98703   6.15952   2.52658   1.000 41.35846  ? 25  THR A OG1 1 
ATOM   192 C  CG2 . THR A 1 25  ? 6.77882   6.41229   4.12900   1.000 53.88709  ? 25  THR A CG2 1 
ATOM   193 N  N   . ASP A 1 26  ? 4.02237   6.10617   6.91485   1.000 50.13031  ? 26  ASP A N   1 
ATOM   194 C  CA  . ASP A 1 26  ? 4.25312   6.37871   8.32350   1.000 53.24774  ? 26  ASP A CA  1 
ATOM   195 C  C   . ASP A 1 26  ? 3.85007   5.19686   9.18472   1.000 59.63598  ? 26  ASP A C   1 
ATOM   196 O  O   . ASP A 1 26  ? 4.56065   4.86226   10.14273  1.000 67.48532  ? 26  ASP A O   1 
ATOM   197 C  CB  . ASP A 1 26  ? 3.50008   7.63522   8.74448   1.000 55.48051  ? 26  ASP A CB  1 
ATOM   198 C  CG  . ASP A 1 26  ? 4.25112   8.90164   8.38994   1.000 62.72700  ? 26  ASP A CG  1 
ATOM   199 O  OD1 . ASP A 1 26  ? 5.47136   8.81090   8.10079   1.000 59.81649  ? 26  ASP A OD1 1 
ATOM   200 O  OD2 . ASP A 1 26  ? 3.61773   9.98321   8.38430   1.000 62.75006  ? 26  ASP A OD2 1 
ATOM   201 N  N   . ALA A 1 27  ? 2.73268   4.53937   8.85205   1.000 57.07770  ? 27  ALA A N   1 
ATOM   202 C  CA  . ALA A 1 27  ? 2.43558   3.25484   9.48777   1.000 56.68452  ? 27  ALA A CA  1 
ATOM   203 C  C   . ALA A 1 27  ? 3.60961   2.28463   9.33612   1.000 60.29084  ? 27  ALA A C   1 
ATOM   204 O  O   . ALA A 1 27  ? 4.03293   1.63361   10.30088  1.000 50.48149  ? 27  ALA A O   1 
ATOM   205 C  CB  . ALA A 1 27  ? 1.16952   2.64907   8.88893   1.000 52.20931  ? 27  ALA A CB  1 
ATOM   206 N  N   . HIS A 1 28  ? 4.15640   2.18264   8.12223   1.000 63.81435  ? 28  HIS A N   1 
ATOM   207 C  CA  . HIS A 1 28  ? 5.21390   1.20763   7.88231   1.000 61.51980  ? 28  HIS A CA  1 
ATOM   208 C  C   . HIS A 1 28  ? 6.46761   1.54449   8.68703   1.000 56.87817  ? 28  HIS A C   1 
ATOM   209 O  O   . HIS A 1 28  ? 6.98770   0.70110   9.42474   1.000 58.38429  ? 28  HIS A O   1 
ATOM   210 C  CB  . HIS A 1 28  ? 5.49749   1.12470   6.37917   1.000 57.73780  ? 28  HIS A CB  1 
ATOM   211 C  CG  . HIS A 1 28  ? 6.34124   -0.04619  5.98748   1.000 57.24939  ? 28  HIS A CG  1 
ATOM   212 N  ND1 . HIS A 1 28  ? 5.81392   -1.30375  5.78520   1.000 53.69195  ? 28  HIS A ND1 1 
ATOM   213 C  CD2 . HIS A 1 28  ? 7.66699   -0.14443  5.72887   1.000 57.90204  ? 28  HIS A CD2 1 
ATOM   214 C  CE1 . HIS A 1 28  ? 6.78317   -2.13181  5.43758   1.000 58.77483  ? 28  HIS A CE1 1 
ATOM   215 N  NE2 . HIS A 1 28  ? 7.91842   -1.45418  5.39974   1.000 62.94776  ? 28  HIS A NE2 1 
ATOM   216 N  N   . ARG A 1 29  ? 6.95409   2.78601   8.57387   1.000 61.41156  ? 29  ARG A N   1 
ATOM   217 C  CA  . ARG A 1 29  ? 8.11700   3.21117   9.35030   1.000 61.14094  ? 29  ARG A CA  1 
ATOM   218 C  C   . ARG A 1 29  ? 7.91193   2.98999   10.84423  1.000 60.64515  ? 29  ARG A C   1 
ATOM   219 O  O   . ARG A 1 29  ? 8.84981   2.61236   11.54999  1.000 59.20521  ? 29  ARG A O   1 
ATOM   220 C  CB  . ARG A 1 29  ? 8.41531   4.68758   9.05890   1.000 71.54541  ? 29  ARG A CB  1 
ATOM   221 C  CG  . ARG A 1 29  ? 9.73301   5.24387   9.60728   1.000 72.89844  ? 29  ARG A CG  1 
ATOM   222 C  CD  . ARG A 1 29  ? 9.61581   5.69120   11.05518  1.000 67.24278  ? 29  ARG A CD  1 
ATOM   223 N  NE  . ARG A 1 29  ? 10.40271  6.89105   11.29202  1.000 71.71131  ? 29  ARG A NE  1 
ATOM   224 C  CZ  . ARG A 1 29  ? 10.48576  7.51017   12.46000  1.000 74.63389  ? 29  ARG A CZ  1 
ATOM   225 N  NH1 . ARG A 1 29  ? 9.84477   7.06000   13.52847  1.000 65.30532  ? 29  ARG A NH1 1 
ATOM   226 N  NH2 . ARG A 1 29  ? 11.21867  8.61719   12.55241  1.000 75.27747  ? 29  ARG A NH2 1 
ATOM   227 N  N   . GLY A 1 30  ? 6.69517   3.21187   11.34650  1.000 59.57488  ? 30  GLY A N   1 
ATOM   228 C  CA  . GLY A 1 30  ? 6.48177   3.17263   12.77951  1.000 58.99436  ? 30  GLY A CA  1 
ATOM   229 C  C   . GLY A 1 30  ? 6.16137   1.81163   13.35701  1.000 57.30195  ? 30  GLY A C   1 
ATOM   230 O  O   . GLY A 1 30  ? 6.31352   1.59165   14.56532  1.000 58.39685  ? 30  GLY A O   1 
ATOM   231 N  N   . LEU A 1 31  ? 5.68822   0.89197   12.52340  1.000 53.52664  ? 31  LEU A N   1 
ATOM   232 C  CA  . LEU A 1 31  ? 5.51845   -0.46078  13.03061  1.000 55.52649  ? 31  LEU A CA  1 
ATOM   233 C  C   . LEU A 1 31  ? 6.76327   -1.29092  12.78914  1.000 53.36353  ? 31  LEU A C   1 
ATOM   234 O  O   . LEU A 1 31  ? 7.15590   -2.08065  13.65150  1.000 50.25818  ? 31  LEU A O   1 
ATOM   235 C  CB  . LEU A 1 31  ? 4.30270   -1.14413  12.39558  1.000 51.30670  ? 31  LEU A CB  1 
ATOM   236 C  CG  . LEU A 1 31  ? 2.97502   -0.90322  13.12223  1.000 42.92158  ? 31  LEU A CG  1 
ATOM   237 C  CD1 . LEU A 1 31  ? 1.81730   -1.04740  12.16456  1.000 39.71420  ? 31  LEU A CD1 1 
ATOM   238 C  CD2 . LEU A 1 31  ? 2.79885   -1.79737  14.35131  1.000 45.71299  ? 31  LEU A CD2 1 
ATOM   239 N  N   . THR A 1 32  ? 7.40941   -1.09820  11.64573  1.000 53.59639  ? 32  THR A N   1 
ATOM   240 C  CA  . THR A 1 32  ? 8.54606   -1.91265  11.25255  1.000 56.30625  ? 32  THR A CA  1 
ATOM   241 C  C   . THR A 1 32  ? 9.88575   -1.27250  11.56202  1.000 59.64337  ? 32  THR A C   1 
ATOM   242 O  O   . THR A 1 32  ? 10.88140  -1.98911  11.72194  1.000 58.00611  ? 32  THR A O   1 
ATOM   243 C  CB  . THR A 1 32  ? 8.48852   -2.18291  9.75737   1.000 57.90267  ? 32  THR A CB  1 
ATOM   244 O  OG1 . THR A 1 32  ? 9.08338   -1.07102  9.08063   1.000 59.73910  ? 32  THR A OG1 1 
ATOM   245 C  CG2 . THR A 1 32  ? 7.03578   -2.32712  9.31668   1.000 54.87919  ? 32  THR A CG2 1 
ATOM   246 N  N   . GLY A 1 33  ? 9.94685   0.05450   11.61983  1.000 57.96437  ? 33  GLY A N   1 
ATOM   247 C  CA  . GLY A 1 33  ? 11.21856  0.71525   11.82957  1.000 70.63913  ? 33  GLY A CA  1 
ATOM   248 C  C   . GLY A 1 33  ? 12.02462  0.98146   10.57789  1.000 68.36632  ? 33  GLY A C   1 
ATOM   249 O  O   . GLY A 1 33  ? 13.15962  1.46926   10.68389  1.000 59.69489  ? 33  GLY A O   1 
ATOM   250 N  N   . THR A 1 34  ? 11.48487  0.67237   9.40071   1.000 65.59346  ? 34  THR A N   1 
ATOM   251 C  CA  . THR A 1 34  ? 12.19637  0.96193   8.16310   1.000 65.72076  ? 34  THR A CA  1 
ATOM   252 C  C   . THR A 1 34  ? 12.27176  2.47456   7.95959   1.000 69.14068  ? 34  THR A C   1 
ATOM   253 O  O   . THR A 1 34  ? 11.29920  3.19852   8.20054   1.000 65.93649  ? 34  THR A O   1 
ATOM   254 C  CB  . THR A 1 34  ? 11.50554  0.27778   6.97015   1.000 66.11792  ? 34  THR A CB  1 
ATOM   255 O  OG1 . THR A 1 34  ? 11.34293  -1.12704  7.22841   1.000 56.66636  ? 34  THR A OG1 1 
ATOM   256 C  CG2 . THR A 1 34  ? 12.32027  0.45635   5.69107   1.000 64.02151  ? 34  THR A CG2 1 
ATOM   257 N  N   . GLN A 1 35  ? 13.44704  2.95633   7.54753   1.000 69.03135  ? 35  GLN A N   1 
ATOM   258 C  CA  . GLN A 1 35  ? 13.62308  4.38680   7.34604   1.000 65.14712  ? 35  GLN A CA  1 
ATOM   259 C  C   . GLN A 1 35  ? 12.67903  4.87628   6.26660   1.000 60.73311  ? 35  GLN A C   1 
ATOM   260 O  O   . GLN A 1 35  ? 12.53158  4.25161   5.20873   1.000 59.06203  ? 35  GLN A O   1 
ATOM   261 C  CB  . GLN A 1 35  ? 15.05874  4.72733   6.95877   1.000 64.25065  ? 35  GLN A CB  1 
ATOM   262 C  CG  . GLN A 1 35  ? 16.06125  4.47140   8.04953   1.000 60.10127  ? 35  GLN A CG  1 
ATOM   263 C  CD  . GLN A 1 35  ? 16.46888  3.02420   8.08036   1.000 58.82264  ? 35  GLN A CD  1 
ATOM   264 O  OE1 . GLN A 1 35  ? 16.57304  2.38453   7.03417   1.000 57.93647  ? 35  GLN A OE1 1 
ATOM   265 N  NE2 . GLN A 1 35  ? 16.67586  2.48587   9.27728   1.000 63.06021  ? 35  GLN A NE2 1 
ATOM   266 N  N   . HIS A 1 36  ? 12.01800  5.98220   6.57586   1.000 64.97846  ? 36  HIS A N   1 
ATOM   267 C  CA  . HIS A 1 36  ? 11.12404  6.69866   5.68123   1.000 64.21194  ? 36  HIS A CA  1 
ATOM   268 C  C   . HIS A 1 36  ? 11.41580  6.41840   4.21404   1.000 53.94396  ? 36  HIS A C   1 
ATOM   269 O  O   . HIS A 1 36  ? 10.65790  5.70111   3.55848   1.000 51.83526  ? 36  HIS A O   1 
ATOM   270 C  CB  . HIS A 1 36  ? 11.24572  8.18350   5.99546   1.000 63.16747  ? 36  HIS A CB  1 
ATOM   271 C  CG  . HIS A 1 36  ? 9.95141   8.91195   5.93427   1.000 62.76989  ? 36  HIS A CG  1 
ATOM   272 N  ND1 . HIS A 1 36  ? 8.78314   8.37040   6.41852   1.000 62.83528  ? 36  HIS A ND1 1 
ATOM   273 C  CD2 . HIS A 1 36  ? 9.65427   10.17200  5.54319   1.000 70.06783  ? 36  HIS A CD2 1 
ATOM   274 C  CE1 . HIS A 1 36  ? 7.80454   9.24571   6.26999   1.000 66.89224  ? 36  HIS A CE1 1 
ATOM   275 N  NE2 . HIS A 1 36  ? 8.30610   10.34700  5.73882   1.000 74.47262  ? 36  HIS A NE2 1 
ATOM   276 N  N   . PHE A 1 37  ? 12.56011  6.89702   3.72163   1.000 56.24111  ? 37  PHE A N   1 
ATOM   277 C  CA  . PHE A 1 37  ? 12.80831  6.93129   2.28469   1.000 54.77098  ? 37  PHE A CA  1 
ATOM   278 C  C   . PHE A 1 37  ? 12.89719  5.53714   1.66042   1.000 55.50867  ? 37  PHE A C   1 
ATOM   279 O  O   . PHE A 1 37  ? 12.87876  5.42286   0.42631   1.000 48.20949  ? 37  PHE A O   1 
ATOM   280 C  CB  . PHE A 1 37  ? 14.08150  7.74000   1.99063   1.000 60.82636  ? 37  PHE A CB  1 
ATOM   281 C  CG  . PHE A 1 37  ? 15.32016  7.21271   2.68559   1.000 68.28918  ? 37  PHE A CG  1 
ATOM   282 C  CD1 . PHE A 1 37  ? 15.62240  7.59509   3.98914   1.000 65.57530  ? 37  PHE A CD1 1 
ATOM   283 C  CD2 . PHE A 1 37  ? 16.19224  6.33646   2.02374   1.000 65.93829  ? 37  PHE A CD2 1 
ATOM   284 C  CE1 . PHE A 1 37  ? 16.76393  7.10015   4.63061   1.000 67.63809  ? 37  PHE A CE1 1 
ATOM   285 C  CE2 . PHE A 1 37  ? 17.33613  5.83621   2.65462   1.000 64.11689  ? 37  PHE A CE2 1 
ATOM   286 C  CZ  . PHE A 1 37  ? 17.62204  6.22014   3.96273   1.000 69.41547  ? 37  PHE A CZ  1 
ATOM   287 N  N   . LEU A 1 38  ? 12.97665  4.47032   2.45999   1.000 54.05462  ? 38  LEU A N   1 
ATOM   288 C  CA  . LEU A 1 38  ? 12.93256  3.14138   1.84735   1.000 58.57251  ? 38  LEU A CA  1 
ATOM   289 C  C   . LEU A 1 38  ? 11.52251  2.68820   1.50613   1.000 48.28902  ? 38  LEU A C   1 
ATOM   290 O  O   . LEU A 1 38  ? 11.34646  1.55876   1.03524   1.000 43.00142  ? 38  LEU A O   1 
ATOM   291 C  CB  . LEU A 1 38  ? 13.57713  2.06558   2.73732   1.000 56.78981  ? 38  LEU A CB  1 
ATOM   292 C  CG  . LEU A 1 38  ? 15.10058  1.99992   2.83142   1.000 57.64903  ? 38  LEU A CG  1 
ATOM   293 C  CD1 . LEU A 1 38  ? 15.54039  1.09239   3.97510   1.000 50.42940  ? 38  LEU A CD1 1 
ATOM   294 C  CD2 . LEU A 1 38  ? 15.69750  1.55145   1.48998   1.000 56.89912  ? 38  LEU A CD2 1 
ATOM   295 N  N   . ALA A 1 39  ? 10.53111  3.52245   1.73407   1.000 44.18205  ? 39  ALA A N   1 
ATOM   296 C  CA  . ALA A 1 39  ? 9.13863   3.13523   1.59391   1.000 45.09147  ? 39  ALA A CA  1 
ATOM   297 C  C   . ALA A 1 39  ? 8.56842   3.78626   0.33889   1.000 41.56528  ? 39  ALA A C   1 
ATOM   298 O  O   . ALA A 1 39  ? 8.27225   4.98400   0.34638   1.000 40.99229  ? 39  ALA A O   1 
ATOM   299 C  CB  . ALA A 1 39  ? 8.35943   3.54679   2.83580   1.000 47.50840  ? 39  ALA A CB  1 
ATOM   300 N  N   . GLN A 1 40  ? 8.38281   2.99435   -0.72617  1.000 33.58870  ? 40  GLN A N   1 
ATOM   301 C  CA  . GLN A 1 40  ? 7.81859   3.51514   -1.96839  1.000 34.61165  ? 40  GLN A CA  1 
ATOM   302 C  C   . GLN A 1 40  ? 6.31683   3.28816   -2.05658  1.000 33.86329  ? 40  GLN A C   1 
ATOM   303 O  O   . GLN A 1 40  ? 5.81940   2.19502   -1.78482  1.000 34.69729  ? 40  GLN A O   1 
ATOM   304 C  CB  . GLN A 1 40  ? 8.45382   2.87720   -3.19553  1.000 36.74016  ? 40  GLN A CB  1 
ATOM   305 C  CG  . GLN A 1 40  ? 7.74786   3.33937   -4.45370  1.000 32.72478  ? 40  GLN A CG  1 
ATOM   306 C  CD  . GLN A 1 40  ? 8.26951   2.70204   -5.71076  1.000 33.74152  ? 40  GLN A CD  1 
ATOM   307 O  OE1 . GLN A 1 40  ? 9.35800   2.12722   -5.73288  1.000 37.44956  ? 40  GLN A OE1 1 
ATOM   308 N  NE2 . GLN A 1 40  ? 7.47288   2.77459   -6.77237  1.000 36.47581  ? 40  GLN A NE2 1 
ATOM   309 N  N   . VAL A 1 41  ? 5.59549   4.31196   -2.48408  1.000 34.38344  ? 41  VAL A N   1 
ATOM   310 C  CA  . VAL A 1 41  ? 4.16554   4.19026   -2.69842  1.000 32.53595  ? 41  VAL A CA  1 
ATOM   311 C  C   . VAL A 1 41  ? 3.89924   4.59960   -4.13045  1.000 31.66515  ? 41  VAL A C   1 
ATOM   312 O  O   . VAL A 1 41  ? 4.21520   5.72702   -4.52102  1.000 29.95500  ? 41  VAL A O   1 
ATOM   313 C  CB  . VAL A 1 41  ? 3.35822   5.05748   -1.72846  1.000 34.12723  ? 41  VAL A CB  1 
ATOM   314 C  CG1 . VAL A 1 41  ? 1.96441   5.21805   -2.24569  1.000 36.45809  ? 41  VAL A CG1 1 
ATOM   315 C  CG2 . VAL A 1 41  ? 3.36228   4.44555   -0.33095  1.000 36.11575  ? 41  VAL A CG2 1 
ATOM   316 N  N   . ASN A 1 42  ? 3.33039   3.68766   -4.91125  1.000 30.03343  ? 42  ASN A N   1 
ATOM   317 C  CA  . ASN A 1 42  ? 3.18222   3.84809   -6.34622  1.000 28.23441  ? 42  ASN A CA  1 
ATOM   318 C  C   . ASN A 1 42  ? 1.70434   3.73768   -6.66881  1.000 30.90544  ? 42  ASN A C   1 
ATOM   319 O  O   . ASN A 1 42  ? 1.10056   2.69143   -6.42664  1.000 35.07005  ? 42  ASN A O   1 
ATOM   320 C  CB  . ASN A 1 42  ? 3.99544   2.78037   -7.07661  1.000 29.55136  ? 42  ASN A CB  1 
ATOM   321 C  CG  . ASN A 1 42  ? 4.14775   3.06668   -8.54480  1.000 35.34133  ? 42  ASN A CG  1 
ATOM   322 O  OD1 . ASN A 1 42  ? 3.16898   3.36013   -9.23116  1.000 36.00006  ? 42  ASN A OD1 1 
ATOM   323 N  ND2 . ASN A 1 42  ? 5.38077   2.98751   -9.04114  1.000 32.20645  ? 42  ASN A ND2 1 
ATOM   324 N  N   . PHE A 1 43  ? 1.11987   4.81350   -7.18998  1.000 29.98764  ? 43  PHE A N   1 
ATOM   325 C  CA  . PHE A 1 43  ? -0.30972  4.86249   -7.46248  1.000 32.38088  ? 43  PHE A CA  1 
ATOM   326 C  C   . PHE A 1 43  ? -0.59584  4.46400   -8.90313  1.000 32.94785  ? 43  PHE A C   1 
ATOM   327 O  O   . PHE A 1 43  ? -0.06465  5.07047   -9.83781  1.000 29.95846  ? 43  PHE A O   1 
ATOM   328 C  CB  . PHE A 1 43  ? -0.89245  6.25404   -7.20803  1.000 37.16194  ? 43  PHE A CB  1 
ATOM   329 C  CG  . PHE A 1 43  ? -0.88534  6.68859   -5.76618  1.000 36.15767  ? 43  PHE A CG  1 
ATOM   330 C  CD1 . PHE A 1 43  ? 0.21200   7.32261   -5.22592  1.000 41.73828  ? 43  PHE A CD1 1 
ATOM   331 C  CD2 . PHE A 1 43  ? -1.99257  6.48178   -4.95179  1.000 37.51938  ? 43  PHE A CD2 1 
ATOM   332 C  CE1 . PHE A 1 43  ? 0.21266   7.75798   -3.89153  1.000 42.88481  ? 43  PHE A CE1 1 
ATOM   333 C  CE2 . PHE A 1 43  ? -1.99291  6.90285   -3.61678  1.000 40.19858  ? 43  PHE A CE2 1 
ATOM   334 C  CZ  . PHE A 1 43  ? -0.88693  7.54578   -3.08917  1.000 37.13052  ? 43  PHE A CZ  1 
ATOM   335 N  N   . GLN A 1 44  ? -1.47876  3.48091   -9.06796  1.000 33.76102  ? 44  GLN A N   1 
ATOM   336 C  CA  . GLN A 1 44  ? -1.93759  2.99068   -10.35837 1.000 30.96472  ? 44  GLN A CA  1 
ATOM   337 C  C   . GLN A 1 44  ? -3.38669  3.40565   -10.49608 1.000 28.29146  ? 44  GLN A C   1 
ATOM   338 O  O   . GLN A 1 44  ? -4.27960  2.81030   -9.87963  1.000 33.24868  ? 44  GLN A O   1 
ATOM   339 C  CB  . GLN A 1 44  ? -1.78084  1.48644   -10.44538 1.000 32.81050  ? 44  GLN A CB  1 
ATOM   340 C  CG  . GLN A 1 44  ? -0.38298  1.05382   -10.13336 1.000 30.96952  ? 44  GLN A CG  1 
ATOM   341 C  CD  . GLN A 1 44  ? 0.59001   1.61656   -11.12716 1.000 32.54963  ? 44  GLN A CD  1 
ATOM   342 O  OE1 . GLN A 1 44  ? 0.42537   1.44305   -12.33553 1.000 30.31583  ? 44  GLN A OE1 1 
ATOM   343 N  NE2 . GLN A 1 44  ? 1.59283   2.33099   -10.63483 1.000 33.48444  ? 44  GLN A NE2 1 
ATOM   344 N  N   . GLU A 1 45  ? -3.60772  4.44761   -11.27920 1.000 30.12608  ? 45  GLU A N   1 
ATOM   345 C  CA  . GLU A 1 45  ? -4.94849  4.93797   -11.51741 1.000 32.56650  ? 45  GLU A CA  1 
ATOM   346 C  C   . GLU A 1 45  ? -5.48837  4.27224   -12.76670 1.000 36.57377  ? 45  GLU A C   1 
ATOM   347 O  O   . GLU A 1 45  ? -4.75006  4.02828   -13.72575 1.000 37.54210  ? 45  GLU A O   1 
ATOM   348 C  CB  . GLU A 1 45  ? -4.97003  6.45848   -11.68528 1.000 34.98115  ? 45  GLU A CB  1 
ATOM   349 C  CG  . GLU A 1 45  ? -4.41174  7.23710   -10.50186 1.000 40.19167  ? 45  GLU A CG  1 
ATOM   350 C  CD  . GLU A 1 45  ? -4.09582  8.68618   -10.84351 1.000 51.80010  ? 45  GLU A CD  1 
ATOM   351 O  OE1 . GLU A 1 45  ? -3.55449  8.93565   -11.93845 1.000 52.71727  ? 45  GLU A OE1 1 
ATOM   352 O  OE2 . GLU A 1 45  ? -4.40774  9.58344   -10.02849 1.000 51.80868  ? 45  GLU A OE2 1 
ATOM   353 N  N   . GLN A 1 46  ? -6.76936  3.94249   -12.72596 1.000 33.60944  ? 46  GLN A N   1 
ATOM   354 C  CA  . GLN A 1 46  ? -7.49766  3.46432   -13.88020 1.000 31.01169  ? 46  GLN A CA  1 
ATOM   355 C  C   . GLN A 1 46  ? -8.83647  4.17029   -13.90105 1.000 35.90626  ? 46  GLN A C   1 
ATOM   356 O  O   . GLN A 1 46  ? -9.36019  4.54955   -12.84605 1.000 39.59354  ? 46  GLN A O   1 
ATOM   357 C  CB  . GLN A 1 46  ? -7.70110  1.94424   -13.83981 1.000 30.77846  ? 46  GLN A CB  1 
ATOM   358 C  CG  . GLN A 1 46  ? -6.40281  1.17327   -13.94169 1.000 31.40469  ? 46  GLN A CG  1 
ATOM   359 C  CD  . GLN A 1 46  ? -5.83841  1.15840   -15.34567 1.000 34.46695  ? 46  GLN A CD  1 
ATOM   360 O  OE1 . GLN A 1 46  ? -6.49495  0.72032   -16.29072 1.000 37.74344  ? 46  GLN A OE1 1 
ATOM   361 N  NE2 . GLN A 1 46  ? -4.62419  1.66867   -15.49633 1.000 32.71168  ? 46  GLN A NE2 1 
ATOM   362 N  N   . PRO A 1 47  ? -9.39587  4.40262   -15.07808 1.000 34.53283  ? 47  PRO A N   1 
ATOM   363 C  CA  . PRO A 1 47  ? -10.74942 4.94464   -15.15343 1.000 35.78315  ? 47  PRO A CA  1 
ATOM   364 C  C   . PRO A 1 47  ? -11.72834 4.16457   -14.28641 1.000 41.73826  ? 47  PRO A C   1 
ATOM   365 O  O   . PRO A 1 47  ? -11.58839 2.95639   -14.08012 1.000 38.63342  ? 47  PRO A O   1 
ATOM   366 C  CB  . PRO A 1 47  ? -11.09103 4.81611   -16.64059 1.000 41.86540  ? 47  PRO A CB  1 
ATOM   367 C  CG  . PRO A 1 47  ? -10.04476 3.88866   -17.19565 1.000 39.31798  ? 47  PRO A CG  1 
ATOM   368 C  CD  . PRO A 1 47  ? -8.83052  4.16478   -16.41043 1.000 34.01243  ? 47  PRO A CD  1 
ATOM   369 N  N   . ALA A 1 48  ? -12.71957 4.88878   -13.76395 1.000 43.80879  ? 48  ALA A N   1 
ATOM   370 C  CA  . ALA A 1 48  ? -13.75709 4.28355   -12.94886 1.000 38.69209  ? 48  ALA A CA  1 
ATOM   371 C  C   . ALA A 1 48  ? -14.57251 3.30090   -13.78025 1.000 36.89189  ? 48  ALA A C   1 
ATOM   372 O  O   . ALA A 1 48  ? -14.65652 3.40017   -15.00107 1.000 37.85986  ? 48  ALA A O   1 
ATOM   373 C  CB  . ALA A 1 48  ? -14.65702 5.35779   -12.34126 1.000 46.79759  ? 48  ALA A CB  1 
ATOM   374 N  N   . GLY A 1 49  ? -15.16087 2.32390   -13.09546 1.000 45.50512  ? 49  GLY A N   1 
ATOM   375 C  CA  . GLY A 1 49  ? -15.80300 1.21759   -13.77716 1.000 45.23583  ? 49  GLY A CA  1 
ATOM   376 C  C   . GLY A 1 49  ? -14.86939 0.11621   -14.22672 1.000 41.12389  ? 49  GLY A C   1 
ATOM   377 O  O   . GLY A 1 49  ? -15.28316 -0.73706  -15.01572 1.000 44.76073  ? 49  GLY A O   1 
ATOM   378 N  N   . ASN A 1 50  ? -13.62062 0.11129   -13.75339 1.000 47.00548  ? 50  ASN A N   1 
ATOM   379 C  CA  . ASN A 1 50  ? -12.62348 -0.90340  -14.07813 1.000 41.66183  ? 50  ASN A CA  1 
ATOM   380 C  C   . ASN A 1 50  ? -12.45865 -1.95163  -12.97139 1.000 37.33612  ? 50  ASN A C   1 
ATOM   381 O  O   . ASN A 1 50  ? -11.62407 -2.84900  -13.09840 1.000 31.86395  ? 50  ASN A O   1 
ATOM   382 C  CB  . ASN A 1 50  ? -11.27601 -0.22021  -14.38414 1.000 41.11984  ? 50  ASN A CB  1 
ATOM   383 C  CG  . ASN A 1 50  ? -11.08703 0.08260   -15.86734 1.000 36.04888  ? 50  ASN A CG  1 
ATOM   384 O  OD1 . ASN A 1 50  ? -10.05675 0.59369   -16.28161 1.000 39.16728  ? 50  ASN A OD1 1 
ATOM   385 N  ND2 . ASN A 1 50  ? -12.07715 -0.24786  -16.66485 1.000 43.35933  ? 50  ASN A ND2 1 
ATOM   386 N  N   . VAL A 1 51  ? -13.23744 -1.86129  -11.89766 1.000 40.44530  ? 51  VAL A N   1 
ATOM   387 C  CA  . VAL A 1 51  ? -13.21034 -2.82500  -10.80578 1.000 33.73210  ? 51  VAL A CA  1 
ATOM   388 C  C   . VAL A 1 51  ? -14.56207 -3.53231  -10.73025 1.000 37.21582  ? 51  VAL A C   1 
ATOM   389 O  O   . VAL A 1 51  ? -15.61979 -2.93457  -10.96637 1.000 36.54643  ? 51  VAL A O   1 
ATOM   390 C  CB  . VAL A 1 51  ? -12.87262 -2.12322  -9.47928  1.000 36.73364  ? 51  VAL A CB  1 
ATOM   391 C  CG1 . VAL A 1 51  ? -12.87110 -3.10199  -8.34250  1.000 38.05355  ? 51  VAL A CG1 1 
ATOM   392 C  CG2 . VAL A 1 51  ? -11.54231 -1.43069  -9.58992  1.000 35.43550  ? 51  VAL A CG2 1 
ATOM   393 N  N   . PHE A 1 52  ? -14.52236 -4.80935  -10.39379 1.000 39.35486  ? 52  PHE A N   1 
ATOM   394 C  CA  . PHE A 1 52  ? -15.69793 -5.66357  -10.38393 1.000 32.98166  ? 52  PHE A CA  1 
ATOM   395 C  C   . PHE A 1 52  ? -15.65091 -6.50703  -9.11833  1.000 38.93540  ? 52  PHE A C   1 
ATOM   396 O  O   . PHE A 1 52  ? -14.76924 -7.35923  -8.97643  1.000 37.49364  ? 52  PHE A O   1 
ATOM   397 C  CB  . PHE A 1 52  ? -15.70390 -6.56054  -11.61074 1.000 37.11004  ? 52  PHE A CB  1 
ATOM   398 C  CG  . PHE A 1 52  ? -16.49233 -6.03011  -12.75780 1.000 43.44329  ? 52  PHE A CG  1 
ATOM   399 C  CD1 . PHE A 1 52  ? -16.07175 -4.93980  -13.48846 1.000 38.89448  ? 52  PHE A CD1 1 
ATOM   400 C  CD2 . PHE A 1 52  ? -17.66372 -6.64621  -13.12059 1.000 47.19379  ? 52  PHE A CD2 1 
ATOM   401 C  CE1 . PHE A 1 52  ? -16.82579 -4.49294  -14.56005 1.000 34.41756  ? 52  PHE A CE1 1 
ATOM   402 C  CE2 . PHE A 1 52  ? -18.39611 -6.18800  -14.17285 1.000 49.40058  ? 52  PHE A CE2 1 
ATOM   403 C  CZ  . PHE A 1 52  ? -17.96783 -5.11111  -14.89592 1.000 41.60573  ? 52  PHE A CZ  1 
ATOM   404 N  N   . LEU A 1 53  ? -16.57695 -6.25687  -8.19378  1.000 50.08591  ? 53  LEU A N   1 
ATOM   405 C  CA  . LEU A 1 53  ? -16.77910 -7.09666  -7.01509  1.000 43.50084  ? 53  LEU A CA  1 
ATOM   406 C  C   . LEU A 1 53  ? -17.91179 -8.06548  -7.32788  1.000 47.49703  ? 53  LEU A C   1 
ATOM   407 O  O   . LEU A 1 53  ? -19.06268 -7.64698  -7.50096  1.000 52.85281  ? 53  LEU A O   1 
ATOM   408 C  CB  . LEU A 1 53  ? -17.10479 -6.25633  -5.78349  1.000 42.00641  ? 53  LEU A CB  1 
ATOM   409 C  CG  . LEU A 1 53  ? -15.98986 -5.29740  -5.37607  1.000 41.48471  ? 53  LEU A CG  1 
ATOM   410 C  CD1 . LEU A 1 53  ? -16.28549 -4.71105  -4.00449  1.000 40.36771  ? 53  LEU A CD1 1 
ATOM   411 C  CD2 . LEU A 1 53  ? -14.64036 -5.99210  -5.40388  1.000 33.54347  ? 53  LEU A CD2 1 
ATOM   412 N  N   . GLY A 1 54  ? -17.58474 -9.35276  -7.40936  1.000 44.91618  ? 54  GLY A N   1 
ATOM   413 C  CA  . GLY A 1 54  ? -18.57251 -10.36690 -7.73129  1.000 43.49033  ? 54  GLY A CA  1 
ATOM   414 C  C   . GLY A 1 54  ? -19.00577 -10.39282 -9.17917  1.000 44.31624  ? 54  GLY A C   1 
ATOM   415 O  O   . GLY A 1 54  ? -20.05489 -10.95092 -9.48454  1.000 49.75573  ? 54  GLY A O   1 
ATOM   416 N  N   . GLY A 1 55  ? -18.21337 -9.82713  -10.08750 1.000 42.27019  ? 55  GLY A N   1 
ATOM   417 C  CA  . GLY A 1 55  ? -18.66095 -9.60055  -11.44922 1.000 38.60689  ? 55  GLY A CA  1 
ATOM   418 C  C   . GLY A 1 55  ? -19.67481 -8.48696  -11.58426 1.000 41.55213  ? 55  GLY A C   1 
ATOM   419 O  O   . GLY A 1 55  ? -20.41025 -8.45380  -12.57732 1.000 43.67666  ? 55  GLY A O   1 
ATOM   420 N  N   . VAL A 1 56  ? -19.74124 -7.59322  -10.59290 1.000 39.95471  ? 56  VAL A N   1 
ATOM   421 C  CA  . VAL A 1 56  ? -20.56293 -6.38687  -10.61452 1.000 37.46558  ? 56  VAL A CA  1 
ATOM   422 C  C   . VAL A 1 56  ? -19.63031 -5.18909  -10.72231 1.000 42.40092  ? 56  VAL A C   1 
ATOM   423 O  O   . VAL A 1 56  ? -18.71730 -5.03942  -9.90243  1.000 45.12402  ? 56  VAL A O   1 
ATOM   424 C  CB  . VAL A 1 56  ? -21.44457 -6.26874  -9.35430  1.000 43.33096  ? 56  VAL A CB  1 
ATOM   425 C  CG1 . VAL A 1 56  ? -22.55933 -5.26697  -9.57808  1.000 38.95147  ? 56  VAL A CG1 1 
ATOM   426 C  CG2 . VAL A 1 56  ? -22.04351 -7.61313  -8.97338  1.000 45.35890  ? 56  VAL A CG2 1 
ATOM   427 N  N   . GLN A 1 57  ? -19.86414 -4.33451  -11.72604 1.000 42.39794  ? 57  GLN A N   1 
ATOM   428 C  CA  . GLN A 1 57  ? -19.05833 -3.13379  -11.93609 1.000 37.90811  ? 57  GLN A CA  1 
ATOM   429 C  C   . GLN A 1 57  ? -19.34614 -2.10134  -10.84923 1.000 38.54694  ? 57  GLN A C   1 
ATOM   430 O  O   . GLN A 1 57  ? -20.50687 -1.76945  -10.58593 1.000 45.09047  ? 57  GLN A O   1 
ATOM   431 C  CB  . GLN A 1 57  ? -19.36913 -2.54191  -13.31073 1.000 40.36091  ? 57  GLN A CB  1 
ATOM   432 C  CG  . GLN A 1 57  ? -18.73356 -1.18628  -13.62514 1.000 39.48833  ? 57  GLN A CG  1 
ATOM   433 C  CD  . GLN A 1 57  ? -19.29391 -0.58925  -14.90857 1.000 43.18653  ? 57  GLN A CD  1 
ATOM   434 O  OE1 . GLN A 1 57  ? -20.08067 -1.23374  -15.60166 1.000 51.98473  ? 57  GLN A OE1 1 
ATOM   435 N  NE2 . GLN A 1 57  ? -18.91574 0.64907   -15.21780 1.000 45.89412  ? 57  GLN A NE2 1 
ATOM   436 N  N   . GLN A 1 58  ? -18.29348 -1.57412  -10.23361 1.000 41.37498  ? 58  GLN A N   1 
ATOM   437 C  CA  . GLN A 1 58  ? -18.40627 -0.62313  -9.13334  1.000 38.68052  ? 58  GLN A CA  1 
ATOM   438 C  C   . GLN A 1 58  ? -18.05545 0.78784   -9.59943  1.000 34.58798  ? 58  GLN A C   1 
ATOM   439 O  O   . GLN A 1 58  ? -17.53774 0.99940   -10.70054 1.000 40.08199  ? 58  GLN A O   1 
ATOM   440 C  CB  . GLN A 1 58  ? -17.49339 -1.03239  -7.97277  1.000 39.51510  ? 58  GLN A CB  1 
ATOM   441 C  CG  . GLN A 1 58  ? -17.51137 -2.52229  -7.63196  1.000 40.05216  ? 58  GLN A CG  1 
ATOM   442 C  CD  . GLN A 1 58  ? -18.71415 -2.94016  -6.82464  1.000 34.51013  ? 58  GLN A CD  1 
ATOM   443 O  OE1 . GLN A 1 58  ? -19.31020 -3.99206  -7.05719  1.000 39.87728  ? 58  GLN A OE1 1 
ATOM   444 N  NE2 . GLN A 1 58  ? -19.07424 -2.11861  -5.85989  1.000 38.15858  ? 58  GLN A NE2 1 
ATOM   445 N  N   . GLY A 1 59  ? -18.34569 1.76366   -8.73862  1.000 35.13332  ? 59  GLY A N   1 
ATOM   446 C  CA  . GLY A 1 59  ? -18.04885 3.15032   -9.02899  1.000 40.33440  ? 59  GLY A CA  1 
ATOM   447 C  C   . GLY A 1 59  ? -16.55819 3.39417   -9.05941  1.000 46.68691  ? 59  GLY A C   1 
ATOM   448 O  O   . GLY A 1 59  ? -15.79557 2.56583   -9.56811  1.000 59.44238  ? 59  GLY A O   1 
ATOM   449 N  N   . GLY A 1 60  ? -16.10716 4.51340   -8.52052  1.000 44.88229  ? 60  GLY A N   1 
ATOM   450 C  CA  . GLY A 1 60  ? -14.67087 4.71794   -8.48106  1.000 49.95152  ? 60  GLY A CA  1 
ATOM   451 C  C   . GLY A 1 60  ? -14.11989 4.69106   -7.07472  1.000 48.68821  ? 60  GLY A C   1 
ATOM   452 O  O   . GLY A 1 60  ? -12.99708 5.13182   -6.82394  1.000 48.99376  ? 60  GLY A O   1 
ATOM   453 N  N   . ASP A 1 61  ? -14.91236 4.17832   -6.14160  1.000 50.26580  ? 61  ASP A N   1 
ATOM   454 C  CA  . ASP A 1 61  ? -14.55561 4.28877   -4.73752  1.000 54.07944  ? 61  ASP A CA  1 
ATOM   455 C  C   . ASP A 1 61  ? -14.00495 2.98675   -4.17037  1.000 53.08820  ? 61  ASP A C   1 
ATOM   456 O  O   . ASP A 1 61  ? -14.44677 2.54396   -3.10782  1.000 54.90980  ? 61  ASP A O   1 
ATOM   457 C  CB  . ASP A 1 61  ? -15.76733 4.73517   -3.92210  1.000 55.46164  ? 61  ASP A CB  1 
ATOM   458 C  CG  . ASP A 1 61  ? -16.20297 6.14594   -4.25538  1.000 67.43729  ? 61  ASP A CG  1 
ATOM   459 O  OD1 . ASP A 1 61  ? -15.34066 7.04294   -4.27435  1.000 69.54502  ? 61  ASP A OD1 1 
ATOM   460 O  OD2 . ASP A 1 61  ? -17.41247 6.37093   -4.47281  1.000 75.38698  ? 61  ASP A OD2 1 
ATOM   461 N  N   . THR A 1 62  ? -13.03788 2.37268   -4.84976  1.000 52.82297  ? 62  THR A N   1 
ATOM   462 C  CA  . THR A 1 62  ? -12.31836 1.22257   -4.31237  1.000 50.42925  ? 62  THR A CA  1 
ATOM   463 C  C   . THR A 1 62  ? -10.83603 1.55818   -4.25548  1.000 37.88396  ? 62  THR A C   1 
ATOM   464 O  O   . THR A 1 62  ? -10.29545 2.09685   -5.22300  1.000 38.02001  ? 62  THR A O   1 
ATOM   465 C  CB  . THR A 1 62  ? -12.54694 -0.04091  -5.16902  1.000 56.30245  ? 62  THR A CB  1 
ATOM   466 O  OG1 . THR A 1 62  ? -13.82914 -0.61773  -4.87320  1.000 52.05797  ? 62  THR A OG1 1 
ATOM   467 C  CG2 . THR A 1 62  ? -11.46164 -1.08738  -4.90119  1.000 46.37605  ? 62  THR A CG2 1 
ATOM   468 N  N   . ILE A 1 63  ? -10.19080 1.26610   -3.12350  1.000 37.40201  ? 63  ILE A N   1 
ATOM   469 C  CA  . ILE A 1 63  ? -8.73531  1.30516   -2.99213  1.000 33.82337  ? 63  ILE A CA  1 
ATOM   470 C  C   . ILE A 1 63  ? -8.25488  -0.11107  -2.74006  1.000 38.32736  ? 63  ILE A C   1 
ATOM   471 O  O   . ILE A 1 63  ? -8.61869  -0.73032  -1.72812  1.000 40.93405  ? 63  ILE A O   1 
ATOM   472 C  CB  . ILE A 1 63  ? -8.26649  2.19183   -1.83387  1.000 32.83434  ? 63  ILE A CB  1 
ATOM   473 C  CG1 . ILE A 1 63  ? -8.43593  3.66681   -2.13179  1.000 38.24618  ? 63  ILE A CG1 1 
ATOM   474 C  CG2 . ILE A 1 63  ? -6.81739  1.91006   -1.52345  1.000 32.80777  ? 63  ILE A CG2 1 
ATOM   475 C  CD1 . ILE A 1 63  ? -8.21681  4.50197   -0.88312  1.000 41.64450  ? 63  ILE A CD1 1 
ATOM   476 N  N   . PHE A 1 64  ? -7.41386  -0.61497  -3.62670  1.000 34.50547  ? 64  PHE A N   1 
ATOM   477 C  CA  . PHE A 1 64  ? -6.70034  -1.85022  -3.35294  1.000 33.01714  ? 64  PHE A CA  1 
ATOM   478 C  C   . PHE A 1 64  ? -5.27136  -1.45358  -3.03090  1.000 32.77188  ? 64  PHE A C   1 
ATOM   479 O  O   . PHE A 1 64  ? -4.69686  -0.61808  -3.72678  1.000 36.41177  ? 64  PHE A O   1 
ATOM   480 C  CB  . PHE A 1 64  ? -6.77725  -2.81189  -4.54811  1.000 32.24483  ? 64  PHE A CB  1 
ATOM   481 C  CG  . PHE A 1 64  ? -5.89165  -4.02735  -4.42285  1.000 30.48178  ? 64  PHE A CG  1 
ATOM   482 C  CD1 . PHE A 1 64  ? -5.81513  -4.73088  -3.24099  1.000 34.42991  ? 64  PHE A CD1 1 
ATOM   483 C  CD2 . PHE A 1 64  ? -5.16992  -4.48733  -5.50056  1.000 36.90682  ? 64  PHE A CD2 1 
ATOM   484 C  CE1 . PHE A 1 64  ? -5.01298  -5.84347  -3.12807  1.000 33.42049  ? 64  PHE A CE1 1 
ATOM   485 C  CE2 . PHE A 1 64  ? -4.36251  -5.61244  -5.39549  1.000 37.77704  ? 64  PHE A CE2 1 
ATOM   486 C  CZ  . PHE A 1 64  ? -4.28875  -6.28502  -4.20880  1.000 34.68480  ? 64  PHE A CZ  1 
ATOM   487 N  N   . VAL A 1 65  ? -4.71580  -1.98581  -1.94995  1.000 35.12434  ? 65  VAL A N   1 
ATOM   488 C  CA  . VAL A 1 65  ? -3.33355  -1.71358  -1.57040  1.000 35.44054  ? 65  VAL A CA  1 
ATOM   489 C  C   . VAL A 1 65  ? -2.58152  -3.03643  -1.58093  1.000 38.77034  ? 65  VAL A C   1 
ATOM   490 O  O   . VAL A 1 65  ? -2.86083  -3.92624  -0.76347  1.000 36.03637  ? 65  VAL A O   1 
ATOM   491 C  CB  . VAL A 1 65  ? -3.21927  -1.03612  -0.20008  1.000 33.93442  ? 65  VAL A CB  1 
ATOM   492 C  CG1 . VAL A 1 65  ? -1.75742  -0.68893  0.07902   1.000 30.40249  ? 65  VAL A CG1 1 
ATOM   493 C  CG2 . VAL A 1 65  ? -4.11771  0.20008   -0.12934  1.000 31.50645  ? 65  VAL A CG2 1 
ATOM   494 N  N   . HIS A 1 66  ? -1.62092  -3.16163  -2.48613  1.000 35.00467  ? 66  HIS A N   1 
ATOM   495 C  CA  . HIS A 1 66  ? -0.83982  -4.37627  -2.63699  1.000 38.25823  ? 66  HIS A CA  1 
ATOM   496 C  C   . HIS A 1 66  ? 0.59045   -4.06267  -2.21917  1.000 36.35537  ? 66  HIS A C   1 
ATOM   497 O  O   . HIS A 1 66  ? 1.33683   -3.41308  -2.95996  1.000 35.22865  ? 66  HIS A O   1 
ATOM   498 C  CB  . HIS A 1 66  ? -0.91095  -4.88918  -4.06846  1.000 36.33600  ? 66  HIS A CB  1 
ATOM   499 C  CG  . HIS A 1 66  ? -0.17433  -6.16989  -4.27955  1.000 39.72894  ? 66  HIS A CG  1 
ATOM   500 N  ND1 . HIS A 1 66  ? 0.11475   -7.03784  -3.24550  1.000 38.61693  ? 66  HIS A ND1 1 
ATOM   501 C  CD2 . HIS A 1 66  ? 0.31773   -6.74166  -5.40248  1.000 36.44079  ? 66  HIS A CD2 1 
ATOM   502 C  CE1 . HIS A 1 66  ? 0.76267   -8.08188  -3.72195  1.000 34.28054  ? 66  HIS A CE1 1 
ATOM   503 N  NE2 . HIS A 1 66  ? 0.89860   -7.92780  -5.02729  1.000 37.28180  ? 66  HIS A NE2 1 
ATOM   504 N  N   . GLY A 1 67  ? 0.95171   -4.50384  -1.01810  1.000 30.30295  ? 67  GLY A N   1 
ATOM   505 C  CA  . GLY A 1 67  ? 2.29912   -4.33480  -0.52411  1.000 36.95300  ? 67  GLY A CA  1 
ATOM   506 C  C   . GLY A 1 67  ? 3.20093   -5.48377  -0.94859  1.000 37.78356  ? 67  GLY A C   1 
ATOM   507 O  O   . GLY A 1 67  ? 2.80217   -6.64732  -0.92558  1.000 36.44412  ? 67  GLY A O   1 
ATOM   508 N  N   . LEU A 1 68  ? 4.42190   -5.12675  -1.36368  1.000 38.17372  ? 68  LEU A N   1 
ATOM   509 C  CA  . LEU A 1 68  ? 5.48258   -6.05278  -1.74399  1.000 37.15305  ? 68  LEU A CA  1 
ATOM   510 C  C   . LEU A 1 68  ? 6.58776   -5.87197  -0.70971  1.000 42.49191  ? 68  LEU A C   1 
ATOM   511 O  O   . LEU A 1 68  ? 7.22405   -4.80360  -0.64662  1.000 44.37312  ? 68  LEU A O   1 
ATOM   512 C  CB  . LEU A 1 68  ? 5.96948   -5.76784  -3.16347  1.000 33.83100  ? 68  LEU A CB  1 
ATOM   513 C  CG  . LEU A 1 68  ? 4.85036   -5.66968  -4.21274  1.000 32.30439  ? 68  LEU A CG  1 
ATOM   514 C  CD1 . LEU A 1 68  ? 5.38500   -5.63377  -5.63178  1.000 27.47656  ? 68  LEU A CD1 1 
ATOM   515 C  CD2 . LEU A 1 68  ? 3.87415   -6.81556  -4.04864  1.000 37.35429  ? 68  LEU A CD2 1 
ATOM   516 N  N   . HIS A 1 69  ? 6.78363   -6.90216  0.11553   1.000 35.63610  ? 69  HIS A N   1 
ATOM   517 C  CA  . HIS A 1 69  ? 7.50470   -6.81310  1.37241   1.000 42.80017  ? 69  HIS A CA  1 
ATOM   518 C  C   . HIS A 1 69  ? 8.64886   -7.81336  1.38877   1.000 42.51111  ? 69  HIS A C   1 
ATOM   519 O  O   . HIS A 1 69  ? 8.62369   -8.83240  0.69048   1.000 44.36544  ? 69  HIS A O   1 
ATOM   520 C  CB  . HIS A 1 69  ? 6.58983   -7.12041  2.57499   1.000 47.27443  ? 69  HIS A CB  1 
ATOM   521 C  CG  . HIS A 1 69  ? 5.65359   -6.01361  2.95206   1.000 43.05155  ? 69  HIS A CG  1 
ATOM   522 N  ND1 . HIS A 1 69  ? 4.62320   -6.19617  3.85086   1.000 43.16441  ? 69  HIS A ND1 1 
ATOM   523 C  CD2 . HIS A 1 69  ? 5.58919   -4.71698  2.56499   1.000 44.14222  ? 69  HIS A CD2 1 
ATOM   524 C  CE1 . HIS A 1 69  ? 3.96675   -5.05938  4.00278   1.000 44.19448  ? 69  HIS A CE1 1 
ATOM   525 N  NE2 . HIS A 1 69  ? 4.53432   -4.14393  3.23737   1.000 42.73366  ? 69  HIS A NE2 1 
ATOM   526 N  N   . ARG A 1 70  ? 9.63612   -7.53565  2.23057   1.000 49.20945  ? 70  ARG A N   1 
ATOM   527 C  CA  . ARG A 1 70  ? 10.61582  -8.57293  2.49202   1.000 49.54517  ? 70  ARG A CA  1 
ATOM   528 C  C   . ARG A 1 70  ? 10.06829  -9.53281  3.53002   1.000 46.80743  ? 70  ARG A C   1 
ATOM   529 O  O   . ARG A 1 70  ? 9.12474   -9.23483  4.27042   1.000 43.51780  ? 70  ARG A O   1 
ATOM   530 C  CB  . ARG A 1 70  ? 11.95369  -8.03060  3.00724   1.000 44.84348  ? 70  ARG A CB  1 
ATOM   531 C  CG  . ARG A 1 70  ? 11.93766  -7.61636  4.46894   1.000 53.65784  ? 70  ARG A CG  1 
ATOM   532 C  CD  . ARG A 1 70  ? 13.35526  -7.42282  5.01356   1.000 58.98735  ? 70  ARG A CD  1 
ATOM   533 N  NE  . ARG A 1 70  ? 13.78890  -6.05710  4.76186   1.000 57.04541  ? 70  ARG A NE  1 
ATOM   534 C  CZ  . ARG A 1 70  ? 13.52323  -5.03305  5.55744   1.000 56.77870  ? 70  ARG A CZ  1 
ATOM   535 N  NH1 . ARG A 1 70  ? 12.85566  -5.19617  6.69126   1.000 58.22972  ? 70  ARG A NH1 1 
ATOM   536 N  NH2 . ARG A 1 70  ? 13.91139  -3.81098  5.19431   1.000 60.40718  ? 70  ARG A NH2 1 
ATOM   537 N  N   . GLU A 1 71  ? 10.70401  -10.69307 3.59156   1.000 50.02061  ? 71  GLU A N   1 
ATOM   538 C  CA  . GLU A 1 71  ? 10.32716  -11.73928 4.51910   1.000 48.39885  ? 71  GLU A CA  1 
ATOM   539 C  C   . GLU A 1 71  ? 10.84745  -11.41024 5.91686   1.000 42.67825  ? 71  GLU A C   1 
ATOM   540 O  O   . GLU A 1 71  ? 11.51391  -10.39704 6.15182   1.000 36.26720  ? 71  GLU A O   1 
ATOM   541 C  CB  . GLU A 1 71  ? 10.84864  -13.08093 4.01497   1.000 45.47323  ? 71  GLU A CB  1 
ATOM   542 C  CG  . GLU A 1 71  ? 10.03158  -13.62867 2.87075   1.000 41.13569  ? 71  GLU A CG  1 
ATOM   543 C  CD  . GLU A 1 71  ? 10.78326  -14.64736 2.07275   1.000 46.21195  ? 71  GLU A CD  1 
ATOM   544 O  OE1 . GLU A 1 71  ? 12.00316  -14.79444 2.32358   1.000 48.40068  ? 71  GLU A OE1 1 
ATOM   545 O  OE2 . GLU A 1 71  ? 10.15763  -15.29655 1.20174   1.000 46.82398  ? 71  GLU A OE2 1 
ATOM   546 N  N   . GLY A 1 72  ? 10.51758  -12.26784 6.86342   1.000 44.13219  ? 72  GLY A N   1 
ATOM   547 C  CA  . GLY A 1 72  ? 10.96926  -12.08924 8.21379   1.000 44.12470  ? 72  GLY A CA  1 
ATOM   548 C  C   . GLY A 1 72  ? 9.98654   -11.42512 9.14795   1.000 40.08478  ? 72  GLY A C   1 
ATOM   549 O  O   . GLY A 1 72  ? 10.13366  -11.57707 10.35966  1.000 47.12476  ? 72  GLY A O   1 
ATOM   550 N  N   . ARG A 1 73  ? 9.00787   -10.67992 8.65159   1.000 38.18125  ? 73  ARG A N   1 
ATOM   551 C  CA  . ARG A 1 73  ? 8.08172   -10.11786 9.61691   1.000 38.42233  ? 73  ARG A CA  1 
ATOM   552 C  C   . ARG A 1 73  ? 7.07802   -11.18020 10.03138  1.000 39.67092  ? 73  ARG A C   1 
ATOM   553 O  O   . ARG A 1 73  ? 7.01829   -12.27869 9.47318   1.000 44.87770  ? 73  ARG A O   1 
ATOM   554 C  CB  . ARG A 1 73  ? 7.39877   -8.88459  9.05402   1.000 31.89861  ? 73  ARG A CB  1 
ATOM   555 C  CG  . ARG A 1 73  ? 8.35210   -8.10328  8.22740   1.000 38.57014  ? 73  ARG A CG  1 
ATOM   556 C  CD  . ARG A 1 73  ? 8.26759   -6.67946  8.55681   1.000 42.00440  ? 73  ARG A CD  1 
ATOM   557 N  NE  . ARG A 1 73  ? 9.06714   -5.87401  7.64802   1.000 46.99031  ? 73  ARG A NE  1 
ATOM   558 C  CZ  . ARG A 1 73  ? 8.59851   -5.30606  6.54727   1.000 47.49636  ? 73  ARG A CZ  1 
ATOM   559 N  NH1 . ARG A 1 73  ? 7.39172   -5.58466  6.08235   1.000 49.40499  ? 73  ARG A NH1 1 
ATOM   560 N  NH2 . ARG A 1 73  ? 9.36650   -4.44645  5.88661   1.000 56.93459  ? 73  ARG A NH2 1 
ATOM   561 N  N   . SER A 1 74  ? 6.31517   -10.85942 11.05567  1.000 38.53311  ? 74  SER A N   1 
ATOM   562 C  CA  . SER A 1 74  ? 5.43961   -11.83138 11.66884  1.000 35.24437  ? 74  SER A CA  1 
ATOM   563 C  C   . SER A 1 74  ? 4.00067   -11.56869 11.27511  1.000 36.53092  ? 74  SER A C   1 
ATOM   564 O  O   . SER A 1 74  ? 3.59984   -10.45125 10.94807  1.000 43.14169  ? 74  SER A O   1 
ATOM   565 C  CB  . SER A 1 74  ? 5.57240   -11.79928 13.18872  1.000 33.06525  ? 74  SER A CB  1 
ATOM   566 O  OG  . SER A 1 74  ? 4.54832   -10.99323 13.72847  1.000 44.67493  ? 74  SER A OG  1 
ATOM   567 N  N   . ALA A 1 75  ? 3.23277   -12.64443 11.29950  1.000 40.95011  ? 75  ALA A N   1 
ATOM   568 C  CA  . ALA A 1 75  ? 1.79147   -12.54276 11.17977  1.000 43.25724  ? 75  ALA A CA  1 
ATOM   569 C  C   . ALA A 1 75  ? 1.25229   -11.38403 12.00539  1.000 43.05809  ? 75  ALA A C   1 
ATOM   570 O  O   . ALA A 1 75  ? 0.51050   -10.54732 11.50002  1.000 51.32723  ? 75  ALA A O   1 
ATOM   571 C  CB  . ALA A 1 75  ? 1.17663   -13.86777 11.60794  1.000 39.57446  ? 75  ALA A CB  1 
ATOM   572 N  N   . ASP A 1 76  ? 1.68118   -11.29021 13.25849  1.000 40.87929  ? 76  ASP A N   1 
ATOM   573 C  CA  . ASP A 1 76  ? 1.22765   -10.25569 14.18512  1.000 48.74217  ? 76  ASP A CA  1 
ATOM   574 C  C   . ASP A 1 76  ? 1.55537   -8.85922  13.67623  1.000 50.18648  ? 76  ASP A C   1 
ATOM   575 O  O   . ASP A 1 76  ? 0.66669   -8.00697  13.52586  1.000 46.80558  ? 76  ASP A O   1 
ATOM   576 C  CB  . ASP A 1 76  ? 1.89488   -10.49148 15.54559  1.000 61.70847  ? 76  ASP A CB  1 
ATOM   577 C  CG  . ASP A 1 76  ? 1.40865   -9.55231  16.61446  1.000 70.39450  ? 76  ASP A CG  1 
ATOM   578 O  OD1 . ASP A 1 76  ? 0.17670   -9.47076  16.80529  1.000 72.25697  ? 76  ASP A OD1 1 
ATOM   579 O  OD2 . ASP A 1 76  ? 2.26827   -8.87907  17.24649  1.000 72.91574  ? 76  ASP A OD2 1 
ATOM   580 N  N   . LEU A 1 77  ? 2.84380   -8.59379  13.46542  1.000 42.44771  ? 77  LEU A N   1 
ATOM   581 C  CA  . LEU A 1 77  ? 3.23777   -7.28801  12.97245  1.000 43.23253  ? 77  LEU A CA  1 
ATOM   582 C  C   . LEU A 1 77  ? 2.53438   -6.97232  11.66479  1.000 46.40639  ? 77  LEU A C   1 
ATOM   583 O  O   . LEU A 1 77  ? 2.03170   -5.85770  11.47922  1.000 46.69385  ? 77  LEU A O   1 
ATOM   584 C  CB  . LEU A 1 77  ? 4.75470   -7.21770  12.82274  1.000 45.76467  ? 77  LEU A CB  1 
ATOM   585 C  CG  . LEU A 1 77  ? 5.31031   -5.86341  12.39419  1.000 47.56552  ? 77  LEU A CG  1 
ATOM   586 C  CD1 . LEU A 1 77  ? 5.29366   -5.71525  10.88798  1.000 46.14211  ? 77  LEU A CD1 1 
ATOM   587 C  CD2 . LEU A 1 77  ? 4.52267   -4.70387  13.07955  1.000 50.06604  ? 77  LEU A CD2 1 
ATOM   588 N  N   . LYS A 1 78  ? 2.48728   -7.93267  10.74571  1.000 41.77066  ? 78  LYS A N   1 
ATOM   589 C  CA  . LYS A 1 78  ? 1.86066   -7.63705  9.46444   1.000 41.91370  ? 78  LYS A CA  1 
ATOM   590 C  C   . LYS A 1 78  ? 0.36263   -7.40811  9.62791   1.000 38.49964  ? 78  LYS A C   1 
ATOM   591 O  O   . LYS A 1 78  ? -0.24296  -6.66316  8.85085   1.000 39.07976  ? 78  LYS A O   1 
ATOM   592 C  CB  . LYS A 1 78  ? 2.17613   -8.75234  8.45261   1.000 43.51331  ? 78  LYS A CB  1 
ATOM   593 C  CG  . LYS A 1 78  ? 1.33852   -9.98542  8.64546   1.000 48.92983  ? 78  LYS A CG  1 
ATOM   594 C  CD  . LYS A 1 78  ? 0.03119   -9.64095  8.03939   1.000 50.38932  ? 78  LYS A CD  1 
ATOM   595 C  CE  . LYS A 1 78  ? -1.00645  -10.56609 8.55792   1.000 45.62266  ? 78  LYS A CE  1 
ATOM   596 N  NZ  . LYS A 1 78  ? -2.26799  -9.86463  8.22770   1.000 52.75350  ? 78  LYS A NZ  1 
ATOM   597 N  N   . GLY A 1 79  ? -0.24779  -8.03388  10.62968  1.000 37.73335  ? 79  GLY A N   1 
ATOM   598 C  CA  . GLY A 1 79  ? -1.65748  -7.80007  10.87644  1.000 37.65846  ? 79  GLY A CA  1 
ATOM   599 C  C   . GLY A 1 79  ? -1.88023  -6.39732  11.38876  1.000 38.90475  ? 79  GLY A C   1 
ATOM   600 O  O   . GLY A 1 79  ? -2.76624  -5.66918  10.91721  1.000 37.01320  ? 79  GLY A O   1 
ATOM   601 N  N   . GLN A 1 80  ? -1.03694  -5.98379  12.33066  1.000 40.72260  ? 80  GLN A N   1 
ATOM   602 C  CA  . GLN A 1 80  ? -1.07886  -4.60681  12.79268  1.000 38.74111  ? 80  GLN A CA  1 
ATOM   603 C  C   . GLN A 1 80  ? -0.86754  -3.64215  11.63737  1.000 41.43345  ? 80  GLN A C   1 
ATOM   604 O  O   . GLN A 1 80  ? -1.53800  -2.60662  11.55509  1.000 41.06167  ? 80  GLN A O   1 
ATOM   605 C  CB  . GLN A 1 80  ? -0.03174  -4.38277  13.87431  1.000 40.29141  ? 80  GLN A CB  1 
ATOM   606 C  CG  . GLN A 1 80  ? -0.17100  -5.31740  15.04334  1.000 44.28888  ? 80  GLN A CG  1 
ATOM   607 C  CD  . GLN A 1 80  ? 1.05131   -5.31260  15.92657  1.000 52.14937  ? 80  GLN A CD  1 
ATOM   608 O  OE1 . GLN A 1 80  ? 2.14535   -5.69941  15.51021  1.000 59.02714  ? 80  GLN A OE1 1 
ATOM   609 N  NE2 . GLN A 1 80  ? 0.87622   -4.85625  17.15292  1.000 49.75707  ? 80  GLN A NE2 1 
ATOM   610 N  N   . LEU A 1 81  ? 0.04128   -3.97348  10.71879  1.000 41.40219  ? 81  LEU A N   1 
ATOM   611 C  CA  . LEU A 1 81  ? 0.32037   -3.05310  9.62312   1.000 39.68965  ? 81  LEU A CA  1 
ATOM   612 C  C   . LEU A 1 81  ? -0.85397  -2.95728  8.66306   1.000 39.55890  ? 81  LEU A C   1 
ATOM   613 O  O   . LEU A 1 81  ? -1.23104  -1.85969  8.24357   1.000 43.78671  ? 81  LEU A O   1 
ATOM   614 C  CB  . LEU A 1 81  ? 1.58217   -3.46128  8.87482   1.000 46.10403  ? 81  LEU A CB  1 
ATOM   615 C  CG  . LEU A 1 81  ? 1.84806   -2.42644  7.77766   1.000 46.87667  ? 81  LEU A CG  1 
ATOM   616 C  CD1 . LEU A 1 81  ? 2.03224   -1.06379  8.40155   1.000 45.69108  ? 81  LEU A CD1 1 
ATOM   617 C  CD2 . LEU A 1 81  ? 3.07893   -2.78982  6.97945   1.000 51.60274  ? 81  LEU A CD2 1 
ATOM   618 N  N   . ALA A 1 82  ? -1.43811  -4.09175  8.28860   1.000 39.60311  ? 82  ALA A N   1 
ATOM   619 C  CA  . ALA A 1 82  ? -2.58946  -4.03844  7.40082   1.000 37.25323  ? 82  ALA A CA  1 
ATOM   620 C  C   . ALA A 1 82  ? -3.72466  -3.23559  8.02174   1.000 40.43375  ? 82  ALA A C   1 
ATOM   621 O  O   . ALA A 1 82  ? -4.33075  -2.39478  7.34395   1.000 41.57142  ? 82  ALA A O   1 
ATOM   622 C  CB  . ALA A 1 82  ? -3.05037  -5.44783  7.04948   1.000 40.54095  ? 82  ALA A CB  1 
ATOM   623 N  N   . GLN A 1 83  ? -4.02423  -3.46986  9.31037   1.000 45.68523  ? 83  GLN A N   1 
ATOM   624 C  CA  . GLN A 1 83  ? -5.09655  -2.71519  9.97574   1.000 45.95266  ? 83  GLN A CA  1 
ATOM   625 C  C   . GLN A 1 83  ? -4.79138  -1.21779  10.01588  1.000 46.48115  ? 83  GLN A C   1 
ATOM   626 O  O   . GLN A 1 83  ? -5.63774  -0.38906  9.64640   1.000 49.41278  ? 83  GLN A O   1 
ATOM   627 C  CB  . GLN A 1 83  ? -5.32940  -3.23319  11.40108  1.000 45.01881  ? 83  GLN A CB  1 
ATOM   628 C  CG  . GLN A 1 83  ? -6.55655  -4.10931  11.57229  1.000 44.59501  ? 83  GLN A CG  1 
ATOM   629 C  CD  . GLN A 1 83  ? -7.74852  -3.60955  10.78062  1.000 53.18266  ? 83  GLN A CD  1 
ATOM   630 O  OE1 . GLN A 1 83  ? -8.31592  -2.55107  11.08635  1.000 48.48464  ? 83  GLN A OE1 1 
ATOM   631 N  NE2 . GLN A 1 83  ? -8.12390  -4.35792  9.73241   1.000 52.68567  ? 83  GLN A NE2 1 
ATOM   632 N  N   . ARG A 1 84  ? -3.60483  -0.85356  10.51587  1.000 40.51911  ? 84  ARG A N   1 
ATOM   633 C  CA  . ARG A 1 84  ? -3.16573  0.53719   10.54958  1.000 40.62927  ? 84  ARG A CA  1 
ATOM   634 C  C   . ARG A 1 84  ? -3.25089  1.19059   9.16526   1.000 44.57131  ? 84  ARG A C   1 
ATOM   635 O  O   . ARG A 1 84  ? -3.61368  2.36626   9.04544   1.000 48.53827  ? 84  ARG A O   1 
ATOM   636 C  CB  . ARG A 1 84  ? -1.74309  0.55805   11.11012  1.000 42.20077  ? 84  ARG A CB  1 
ATOM   637 C  CG  . ARG A 1 84  ? -1.14322  1.88460   11.45621  1.000 54.62694  ? 84  ARG A CG  1 
ATOM   638 C  CD  . ARG A 1 84  ? -1.53869  2.36371   12.84449  1.000 63.93468  ? 84  ARG A CD  1 
ATOM   639 N  NE  . ARG A 1 84  ? -1.09645  3.74254   13.01748  1.000 73.90677  ? 84  ARG A NE  1 
ATOM   640 C  CZ  . ARG A 1 84  ? -1.88991  4.80057   12.91958  1.000 68.33375  ? 84  ARG A CZ  1 
ATOM   641 N  NH1 . ARG A 1 84  ? -3.18223  4.67569   12.64846  1.000 66.98763  ? 84  ARG A NH1 1 
ATOM   642 N  NH2 . ARG A 1 84  ? -1.36827  6.01586   13.05551  1.000 63.65255  ? 84  ARG A NH2 1 
ATOM   643 N  N   . ILE A 1 85  ? -2.97697  0.42962   8.10190   1.000 40.76501  ? 85  ILE A N   1 
ATOM   644 C  CA  . ILE A 1 85  ? -3.05767  0.98059   6.75186   1.000 43.25269  ? 85  ILE A CA  1 
ATOM   645 C  C   . ILE A 1 85  ? -4.51640  1.22103   6.35335   1.000 43.11068  ? 85  ILE A C   1 
ATOM   646 O  O   . ILE A 1 85  ? -4.87547  2.30569   5.87441   1.000 46.79340  ? 85  ILE A O   1 
ATOM   647 C  CB  . ILE A 1 85  ? -2.33519  0.05427   5.74979   1.000 45.73429  ? 85  ILE A CB  1 
ATOM   648 C  CG1 . ILE A 1 85  ? -0.83749  0.36160   5.68572   1.000 42.25804  ? 85  ILE A CG1 1 
ATOM   649 C  CG2 . ILE A 1 85  ? -2.92738  0.16996   4.33914   1.000 43.26250  ? 85  ILE A CG2 1 
ATOM   650 C  CD1 . ILE A 1 85  ? -0.05866  -0.65063  4.84985   1.000 39.63607  ? 85  ILE A CD1 1 
ATOM   651 N  N   . VAL A 1 86  ? -5.37204  0.20705   6.51737   1.000 39.93355  ? 86  VAL A N   1 
ATOM   652 C  CA  . VAL A 1 86  ? -6.80077  0.38229   6.24787   1.000 43.31152  ? 86  VAL A CA  1 
ATOM   653 C  C   . VAL A 1 86  ? -7.30608  1.65756   6.92381   1.000 50.28140  ? 86  VAL A C   1 
ATOM   654 O  O   . VAL A 1 86  ? -7.94573  2.50576   6.29790   1.000 50.38540  ? 86  VAL A O   1 
ATOM   655 C  CB  . VAL A 1 86  ? -7.59029  -0.85889  6.71286   1.000 38.12116  ? 86  VAL A CB  1 
ATOM   656 C  CG1 . VAL A 1 86  ? -9.08084  -0.64450  6.60328   1.000 37.55107  ? 86  VAL A CG1 1 
ATOM   657 C  CG2 . VAL A 1 86  ? -7.19128  -2.06837  5.92301   1.000 38.64012  ? 86  VAL A CG2 1 
ATOM   658 N  N   . ASP A 1 87  ? -6.94139  1.85105   8.19404   1.000 51.50044  ? 87  ASP A N   1 
ATOM   659 C  CA  . ASP A 1 87  ? -7.44772  2.98997   8.96724   1.000 47.23705  ? 87  ASP A CA  1 
ATOM   660 C  C   . ASP A 1 87  ? -6.90459  4.32881   8.45748   1.000 49.89788  ? 87  ASP A C   1 
ATOM   661 O  O   . ASP A 1 87  ? -7.67680  5.21897   8.06986   1.000 56.16444  ? 87  ASP A O   1 
ATOM   662 C  CB  . ASP A 1 87  ? -7.10367  2.80118   10.45000  1.000 48.15409  ? 87  ASP A CB  1 
ATOM   663 C  CG  . ASP A 1 87  ? -7.80543  1.59322   11.06888  1.000 54.45574  ? 87  ASP A CG  1 
ATOM   664 O  OD1 . ASP A 1 87  ? -8.68802  0.99557   10.40699  1.000 58.51649  ? 87  ASP A OD1 1 
ATOM   665 O  OD2 . ASP A 1 87  ? -7.45695  1.22709   12.21336  1.000 52.77145  ? 87  ASP A OD2 1 
ATOM   666 N  N   . ASP A 1 88  ? -5.57931  4.52147   8.51520   1.000 52.13653  ? 88  ASP A N   1 
ATOM   667 C  CA  . ASP A 1 88  ? -5.01673  5.81133   8.11614   1.000 47.02733  ? 88  ASP A CA  1 
ATOM   668 C  C   . ASP A 1 88  ? -5.44510  6.17504   6.70913   1.000 49.71855  ? 88  ASP A C   1 
ATOM   669 O  O   . ASP A 1 88  ? -5.67663  7.34840   6.41063   1.000 55.62306  ? 88  ASP A O   1 
ATOM   670 C  CB  . ASP A 1 88  ? -3.49121  5.80726   8.18777   1.000 49.18887  ? 88  ASP A CB  1 
ATOM   671 C  CG  . ASP A 1 88  ? -2.97330  5.66304   9.59174   1.000 61.92961  ? 88  ASP A CG  1 
ATOM   672 O  OD1 . ASP A 1 88  ? -3.80771  5.52422   10.51355  1.000 69.38951  ? 88  ASP A OD1 1 
ATOM   673 O  OD2 . ASP A 1 88  ? -1.73580  5.68514   9.77758   1.000 58.70059  ? 88  ASP A OD2 1 
ATOM   674 N  N   . VAL A 1 89  ? -5.54309  5.18747   5.82031   1.000 45.83915  ? 89  VAL A N   1 
ATOM   675 C  CA  . VAL A 1 89  ? -6.02580  5.48965   4.48669   1.000 48.46048  ? 89  VAL A CA  1 
ATOM   676 C  C   . VAL A 1 89  ? -7.48743  5.88249   4.54859   1.000 47.21752  ? 89  VAL A C   1 
ATOM   677 O  O   . VAL A 1 89  ? -7.90884  6.84664   3.90069   1.000 47.75538  ? 89  VAL A O   1 
ATOM   678 C  CB  . VAL A 1 89  ? -5.78857  4.29139   3.55066   1.000 45.64456  ? 89  VAL A CB  1 
ATOM   679 C  CG1 . VAL A 1 89  ? -6.52861  4.49281   2.25245   1.000 44.55453  ? 89  VAL A CG1 1 
ATOM   680 C  CG2 . VAL A 1 89  ? -4.31008  4.14517   3.27276   1.000 51.05738  ? 89  VAL A CG2 1 
ATOM   681 N  N   . SER A 1 90  ? -8.27755  5.15262   5.33582   1.000 41.16252  ? 90  SER A N   1 
ATOM   682 C  CA  . SER A 1 90  ? -9.66838  5.51691   5.54274   1.000 43.34543  ? 90  SER A CA  1 
ATOM   683 C  C   . SER A 1 90  ? -9.79971  7.00987   5.78575   1.000 49.14600  ? 90  SER A C   1 
ATOM   684 O  O   . SER A 1 90  ? -10.61976 7.68501   5.15431   1.000 48.00683  ? 90  SER A O   1 
ATOM   685 C  CB  . SER A 1 90  ? -10.24451 4.71956   6.71510   1.000 45.64032  ? 90  SER A CB  1 
ATOM   686 O  OG  . SER A 1 90  ? -11.64062 4.90816   6.83106   1.000 49.52402  ? 90  SER A OG  1 
ATOM   687 N  N   . VAL A 1 91  ? -8.95954  7.55337   6.66023   1.000 50.72196  ? 91  VAL A N   1 
ATOM   688 C  CA  . VAL A 1 91  ? -9.05853  8.98307   6.96649   1.000 56.02575  ? 91  VAL A CA  1 
ATOM   689 C  C   . VAL A 1 91  ? -8.43406  9.82331   5.86153   1.000 51.56163  ? 91  VAL A C   1 
ATOM   690 O  O   . VAL A 1 91  ? -9.11394  10.64068  5.22918   1.000 50.16133  ? 91  VAL A O   1 
ATOM   691 C  CB  . VAL A 1 91  ? -8.44572  9.30906   8.33795   1.000 63.31358  ? 91  VAL A CB  1 
ATOM   692 C  CG1 . VAL A 1 91  ? -8.29789  10.82755  8.49683   1.000 61.08069  ? 91  VAL A CG1 1 
ATOM   693 C  CG2 . VAL A 1 91  ? -9.36348  8.78880   9.41987   1.000 45.91311  ? 91  VAL A CG2 1 
ATOM   694 N  N   . ALA A 1 92  ? -7.12999  9.65194   5.63539   1.000 44.54805  ? 92  ALA A N   1 
ATOM   695 C  CA  . ALA A 1 92  ? -6.43436  10.34819  4.55989   1.000 44.71048  ? 92  ALA A CA  1 
ATOM   696 C  C   . ALA A 1 92  ? -7.26229  10.43057  3.27847   1.000 48.83717  ? 92  ALA A C   1 
ATOM   697 O  O   . ALA A 1 92  ? -7.38418  11.50109  2.66505   1.000 54.78304  ? 92  ALA A O   1 
ATOM   698 C  CB  . ALA A 1 92  ? -5.10603  9.64586   4.28561   1.000 45.84136  ? 92  ALA A CB  1 
ATOM   699 N  N   . ALA A 1 93  ? -7.84408  9.30655   2.87003   1.000 44.48987  ? 93  ALA A N   1 
ATOM   700 C  CA  . ALA A 1 93  ? -8.62599  9.22325   1.64807   1.000 41.59526  ? 93  ALA A CA  1 
ATOM   701 C  C   . ALA A 1 93  ? -10.07710 9.57522   1.86077   1.000 48.13192  ? 93  ALA A C   1 
ATOM   702 O  O   . ALA A 1 93  ? -10.86272 9.47352   0.91090   1.000 47.73700  ? 93  ALA A O   1 
ATOM   703 C  CB  . ALA A 1 93  ? -8.55367  7.81951   1.05832   1.000 44.96426  ? 93  ALA A CB  1 
ATOM   704 N  N   . GLU A 1 94  ? -10.43959 9.96998   3.07591   1.000 48.21436  ? 94  GLU A N   1 
ATOM   705 C  CA  . GLU A 1 94  ? -11.82361 10.16861  3.47607   1.000 43.44267  ? 94  GLU A CA  1 
ATOM   706 C  C   . GLU A 1 94  ? -12.72324 9.14385   2.78088   1.000 43.07086  ? 94  GLU A C   1 
ATOM   707 O  O   . GLU A 1 94  ? -13.66444 9.46841   2.06304   1.000 40.92143  ? 94  GLU A O   1 
ATOM   708 C  CB  . GLU A 1 94  ? -12.24522 11.60790  3.20863   1.000 43.39040  ? 94  GLU A CB  1 
ATOM   709 C  CG  . GLU A 1 94  ? -11.12216 12.62972  3.51566   1.000 60.71070  ? 94  GLU A CG  1 
ATOM   710 C  CD  . GLU A 1 94  ? -10.85637 12.83430  5.01751   1.000 70.37446  ? 94  GLU A CD  1 
ATOM   711 O  OE1 . GLU A 1 94  ? -11.69932 12.39352  5.84133   1.000 61.77779  ? 94  GLU A OE1 1 
ATOM   712 O  OE2 . GLU A 1 94  ? -9.78313  13.40490  5.36954   1.000 62.33343  ? 94  GLU A OE2 1 
ATOM   713 N  N   . ILE A 1 95  ? -12.36291 7.87697   2.97463   1.000 43.54130  ? 95  ILE A N   1 
ATOM   714 C  CA  . ILE A 1 95  ? -13.07800 6.73012   2.43009   1.000 43.36794  ? 95  ILE A CA  1 
ATOM   715 C  C   . ILE A 1 95  ? -13.26127 5.71652   3.55330   1.000 44.94514  ? 95  ILE A C   1 
ATOM   716 O  O   . ILE A 1 95  ? -12.49653 5.70038   4.52010   1.000 47.65216  ? 95  ILE A O   1 
ATOM   717 C  CB  . ILE A 1 95  ? -12.31298 6.11635   1.23058   1.000 46.85437  ? 95  ILE A CB  1 
ATOM   718 C  CG1 . ILE A 1 95  ? -13.18136 5.14657   0.43212   1.000 43.59616  ? 95  ILE A CG1 1 
ATOM   719 C  CG2 . ILE A 1 95  ? -11.07119 5.40446   1.68669   1.000 49.61804  ? 95  ILE A CG2 1 
ATOM   720 C  CD1 . ILE A 1 95  ? -12.79412 5.07381   -1.03295  1.000 45.68164  ? 95  ILE A CD1 1 
ATOM   721 N  N   . ASP A 1 96  ? -14.28968 4.87412   3.44548   1.000 48.25935  ? 96  ASP A N   1 
ATOM   722 C  CA  . ASP A 1 96  ? -14.58205 3.93486   4.52454   1.000 45.87910  ? 96  ASP A CA  1 
ATOM   723 C  C   . ASP A 1 96  ? -13.89225 2.59410   4.33188   1.000 44.61431  ? 96  ASP A C   1 
ATOM   724 O  O   . ASP A 1 96  ? -13.70663 2.10913   3.21357   1.000 44.45457  ? 96  ASP A O   1 
ATOM   725 C  CB  . ASP A 1 96  ? -16.08255 3.68546   4.69628   1.000 57.51619  ? 96  ASP A CB  1 
ATOM   726 C  CG  . ASP A 1 96  ? -16.43651 3.13970   6.10744   1.000 70.34699  ? 96  ASP A CG  1 
ATOM   727 O  OD1 . ASP A 1 96  ? -15.59311 3.23946   7.04585   1.000 58.50160  ? 96  ASP A OD1 1 
ATOM   728 O  OD2 . ASP A 1 96  ? -17.55689 2.59300   6.27158   1.000 69.21757  ? 96  ASP A OD2 1 
ATOM   729 N  N   . ARG A 1 97  ? -13.56863 1.97387   5.46733   1.000 47.43300  ? 97  ARG A N   1 
ATOM   730 C  CA  . ARG A 1 97  ? -12.75986 0.76654   5.48252   1.000 45.47377  ? 97  ARG A CA  1 
ATOM   731 C  C   . ARG A 1 97  ? -13.26606 -0.28789  4.51712   1.000 49.58793  ? 97  ARG A C   1 
ATOM   732 O  O   . ARG A 1 97  ? -12.46117 -0.99664  3.90515   1.000 55.16395  ? 97  ARG A O   1 
ATOM   733 C  CB  . ARG A 1 97  ? -12.72747 0.20376   6.89182   1.000 45.50555  ? 97  ARG A CB  1 
ATOM   734 C  CG  . ARG A 1 97  ? -11.72166 0.90123   7.73224   1.000 50.38492  ? 97  ARG A CG  1 
ATOM   735 C  CD  . ARG A 1 97  ? -11.84106 0.51776   9.16176   1.000 56.84102  ? 97  ARG A CD  1 
ATOM   736 N  NE  . ARG A 1 97  ? -11.75332 1.66120   10.05421  1.000 60.35253  ? 97  ARG A NE  1 
ATOM   737 C  CZ  . ARG A 1 97  ? -11.73932 1.54630   11.37261  1.000 77.28404  ? 97  ARG A CZ  1 
ATOM   738 N  NH1 . ARG A 1 97  ? -11.83618 0.36391   11.95962  1.000 78.69003  ? 97  ARG A NH1 1 
ATOM   739 N  NH2 . ARG A 1 97  ? -11.57335 2.63509   12.11920  1.000 82.02075  ? 97  ARG A NH2 1 
ATOM   740 N  N   . LYS A 1 98  ? -14.58602 -0.40538  4.35422   1.000 45.64669  ? 98  LYS A N   1 
ATOM   741 C  CA  . LYS A 1 98  ? -15.12400 -1.50125  3.56022   1.000 43.00441  ? 98  LYS A CA  1 
ATOM   742 C  C   . LYS A 1 98  ? -14.70452 -1.39894  2.10588   1.000 45.35535  ? 98  LYS A C   1 
ATOM   743 O  O   . LYS A 1 98  ? -14.80257 -2.38961  1.37413   1.000 49.41404  ? 98  LYS A O   1 
ATOM   744 C  CB  . LYS A 1 98  ? -16.65342 -1.55369  3.68781   1.000 54.26818  ? 98  LYS A CB  1 
ATOM   745 C  CG  . LYS A 1 98  ? -17.39938 -0.24082  3.39805   1.000 54.70254  ? 98  LYS A CG  1 
ATOM   746 C  CD  . LYS A 1 98  ? -18.61271 -0.45221  2.46309   1.000 53.18926  ? 98  LYS A CD  1 
ATOM   747 C  CE  . LYS A 1 98  ? -18.18537 -0.97860  1.07718   1.000 61.05848  ? 98  LYS A CE  1 
ATOM   748 N  NZ  . LYS A 1 98  ? -19.31857 -1.32583  0.15959   1.000 54.52855  ? 98  LYS A NZ  1 
ATOM   749 N  N   . HIS A 1 99  ? -14.21438 -0.23080  1.68354   1.000 44.01292  ? 99  HIS A N   1 
ATOM   750 C  CA  . HIS A 1 99  ? -13.71952 -0.03252  0.32728   1.000 48.07982  ? 99  HIS A CA  1 
ATOM   751 C  C   . HIS A 1 99  ? -12.24618 -0.35463  0.16658   1.000 42.66377  ? 99  HIS A C   1 
ATOM   752 O  O   . HIS A 1 99  ? -11.77077 -0.45819  -0.97105  1.000 39.94991  ? 99  HIS A O   1 
ATOM   753 C  CB  . HIS A 1 99  ? -13.94419 1.41466   -0.11991  1.000 46.57864  ? 99  HIS A CB  1 
ATOM   754 C  CG  . HIS A 1 99  ? -15.38323 1.75921   -0.32713  1.000 43.88586  ? 99  HIS A CG  1 
ATOM   755 N  ND1 . HIS A 1 99  ? -16.19478 1.05189   -1.18367  1.000 44.68471  ? 99  HIS A ND1 1 
ATOM   756 C  CD2 . HIS A 1 99  ? -16.15260 2.73906   0.19702   1.000 48.81921  ? 99  HIS A CD2 1 
ATOM   757 C  CE1 . HIS A 1 99  ? -17.40758 1.57137   -1.17054  1.000 50.15933  ? 99  HIS A CE1 1 
ATOM   758 N  NE2 . HIS A 1 99  ? -17.40980 2.59578   -0.33983  1.000 53.42488  ? 99  HIS A NE2 1 
ATOM   759 N  N   . ILE A 1 100 ? -11.51849 -0.49292  1.26807   1.000 42.94304  ? 100 ILE A N   1 
ATOM   760 C  CA  . ILE A 1 100 ? -10.08436 -0.72370  1.22682   1.000 37.06401  ? 100 ILE A CA  1 
ATOM   761 C  C   . ILE A 1 100 ? -9.82225  -2.21016  1.34159   1.000 37.91309  ? 100 ILE A C   1 
ATOM   762 O  O   . ILE A 1 100 ? -10.34855 -2.88225  2.23643   1.000 35.71224  ? 100 ILE A O   1 
ATOM   763 C  CB  . ILE A 1 100 ? -9.36069  0.03611   2.34434   1.000 38.17293  ? 100 ILE A CB  1 
ATOM   764 C  CG1 . ILE A 1 100 ? -10.02870 1.38340   2.61115   1.000 38.45633  ? 100 ILE A CG1 1 
ATOM   765 C  CG2 . ILE A 1 100 ? -7.89279  0.17920   1.98407   1.000 38.77175  ? 100 ILE A CG2 1 
ATOM   766 C  CD1 . ILE A 1 100 ? -9.50913  2.09582   3.81959   1.000 36.02889  ? 100 ILE A CD1 1 
ATOM   767 N  N   . TRP A 1 101 ? -8.99763  -2.71367  0.43618   1.000 36.66423  ? 101 TRP A N   1 
ATOM   768 C  CA  . TRP A 1 101 ? -8.48152  -4.06911  0.47622   1.000 33.37676  ? 101 TRP A CA  1 
ATOM   769 C  C   . TRP A 1 101 ? -6.98082  -3.96545  0.65446   1.000 32.98413  ? 101 TRP A C   1 
ATOM   770 O  O   . TRP A 1 101 ? -6.35939  -3.06285  0.09313   1.000 36.44941  ? 101 TRP A O   1 
ATOM   771 C  CB  . TRP A 1 101 ? -8.81035  -4.80231  -0.81405  1.000 38.42623  ? 101 TRP A CB  1 
ATOM   772 C  CG  . TRP A 1 101 ? -10.27288 -4.96939  -1.05056  1.000 36.68781  ? 101 TRP A CG  1 
ATOM   773 C  CD1 . TRP A 1 101 ? -11.28215 -4.10156  -0.70912  1.000 38.64241  ? 101 TRP A CD1 1 
ATOM   774 C  CD2 . TRP A 1 101 ? -10.89151 -6.07349  -1.68868  1.000 32.81029  ? 101 TRP A CD2 1 
ATOM   775 N  NE1 . TRP A 1 101 ? -12.49264 -4.61496  -1.09440  1.000 38.23592  ? 101 TRP A NE1 1 
ATOM   776 C  CE2 . TRP A 1 101 ? -12.28108 -5.82760  -1.69625  1.000 35.16108  ? 101 TRP A CE2 1 
ATOM   777 C  CE3 . TRP A 1 101 ? -10.40834 -7.26288  -2.24468  1.000 36.26300  ? 101 TRP A CE3 1 
ATOM   778 C  CZ2 . TRP A 1 101 ? -13.19001 -6.72466  -2.24447  1.000 38.18418  ? 101 TRP A CZ2 1 
ATOM   779 C  CZ3 . TRP A 1 101 ? -11.30722 -8.15440  -2.78749  1.000 35.98727  ? 101 TRP A CZ3 1 
ATOM   780 C  CH2 . TRP A 1 101 ? -12.68469 -7.87996  -2.78968  1.000 40.44253  ? 101 TRP A CH2 1 
ATOM   781 N  N   . VAL A 1 102 ? -6.38859  -4.84559  1.46336   1.000 35.73975  ? 102 VAL A N   1 
ATOM   782 C  CA  . VAL A 1 102 ? -4.93908  -4.83149  1.66866   1.000 36.28592  ? 102 VAL A CA  1 
ATOM   783 C  C   . VAL A 1 102 ? -4.38436  -6.25063  1.59178   1.000 39.86406  ? 102 VAL A C   1 
ATOM   784 O  O   . VAL A 1 102 ? -4.79814  -7.13104  2.35677   1.000 38.15531  ? 102 VAL A O   1 
ATOM   785 C  CB  . VAL A 1 102 ? -4.53020  -4.17822  3.00161   1.000 32.49080  ? 102 VAL A CB  1 
ATOM   786 C  CG1 . VAL A 1 102 ? -3.07964  -3.80715  2.94354   1.000 31.77670  ? 102 VAL A CG1 1 
ATOM   787 C  CG2 . VAL A 1 102 ? -5.34295  -2.94165  3.25063   1.000 33.82268  ? 102 VAL A CG2 1 
ATOM   788 N  N   . TYR A 1 103 ? -3.41821  -6.44782  0.68463   1.000 45.93670  ? 103 TYR A N   1 
ATOM   789 C  CA  . TYR A 1 103 ? -2.75467  -7.72746  0.42758   1.000 42.67043  ? 103 TYR A CA  1 
ATOM   790 C  C   . TYR A 1 103 ? -1.24315  -7.53596  0.52589   1.000 33.57905  ? 103 TYR A C   1 
ATOM   791 O  O   . TYR A 1 103 ? -0.67413  -6.73794  -0.22254  1.000 36.56053  ? 103 TYR A O   1 
ATOM   792 C  CB  . TYR A 1 103 ? -3.08792  -8.24778  -0.97893  1.000 42.17327  ? 103 TYR A CB  1 
ATOM   793 C  CG  . TYR A 1 103 ? -4.44295  -8.88675  -1.22332  1.000 42.90051  ? 103 TYR A CG  1 
ATOM   794 C  CD1 . TYR A 1 103 ? -5.51188  -8.73706  -0.34327  1.000 42.10603  ? 103 TYR A CD1 1 
ATOM   795 C  CD2 . TYR A 1 103 ? -4.63812  -9.66340  -2.36119  1.000 46.46974  ? 103 TYR A CD2 1 
ATOM   796 C  CE1 . TYR A 1 103 ? -6.74228  -9.34332  -0.60491  1.000 40.51110  ? 103 TYR A CE1 1 
ATOM   797 C  CE2 . TYR A 1 103 ? -5.85425  -10.26577 -2.62765  1.000 41.98249  ? 103 TYR A CE2 1 
ATOM   798 C  CZ  . TYR A 1 103 ? -6.89778  -10.10560 -1.75711  1.000 41.10202  ? 103 TYR A CZ  1 
ATOM   799 O  OH  . TYR A 1 103 ? -8.08968  -10.72425 -2.05692  1.000 44.13188  ? 103 TYR A OH  1 
ATOM   800 N  N   . PHE A 1 104 ? -0.58289  -8.29020  1.39548   1.000 33.45454  ? 104 PHE A N   1 
ATOM   801 C  CA  . PHE A 1 104 ? 0.87734   -8.29925  1.45527   1.000 38.78512  ? 104 PHE A CA  1 
ATOM   802 C  C   . PHE A 1 104 ? 1.42450   -9.54809  0.76964   1.000 41.68079  ? 104 PHE A C   1 
ATOM   803 O  O   . PHE A 1 104 ? 0.94762   -10.66278 1.01921   1.000 40.16799  ? 104 PHE A O   1 
ATOM   804 C  CB  . PHE A 1 104 ? 1.40089   -8.26394  2.89730   1.000 41.08266  ? 104 PHE A CB  1 
ATOM   805 C  CG  . PHE A 1 104 ? 1.10704   -6.99313  3.63602   1.000 37.44829  ? 104 PHE A CG  1 
ATOM   806 C  CD1 . PHE A 1 104 ? 0.81476   -5.82326  2.95520   1.000 41.34942  ? 104 PHE A CD1 1 
ATOM   807 C  CD2 . PHE A 1 104 ? 1.10900   -6.97908  5.01956   1.000 37.31346  ? 104 PHE A CD2 1 
ATOM   808 C  CE1 . PHE A 1 104 ? 0.54253   -4.65444  3.65159   1.000 40.63369  ? 104 PHE A CE1 1 
ATOM   809 C  CE2 . PHE A 1 104 ? 0.83751   -5.82628  5.71677   1.000 43.25733  ? 104 PHE A CE2 1 
ATOM   810 C  CZ  . PHE A 1 104 ? 0.55303   -4.65733  5.03551   1.000 40.77198  ? 104 PHE A CZ  1 
ATOM   811 N  N   . GLY A 1 105 ? 2.43030   -9.35862  -0.07420  1.000 41.58235  ? 105 GLY A N   1 
ATOM   812 C  CA  . GLY A 1 105 ? 3.19968   -10.44976 -0.64811  1.000 40.70176  ? 105 GLY A CA  1 
ATOM   813 C  C   . GLY A 1 105 ? 4.63011   -10.33990 -0.14233  1.000 42.81361  ? 105 GLY A C   1 
ATOM   814 O  O   . GLY A 1 105 ? 5.12176   -9.23545  0.10542   1.000 43.14733  ? 105 GLY A O   1 
ATOM   815 N  N   . GLU A 1 106 ? 5.27552   -11.48142 0.04109   1.000 44.51893  ? 106 GLU A N   1 
ATOM   816 C  CA  . GLU A 1 106 ? 6.59518   -11.47274 0.64192   1.000 40.19743  ? 106 GLU A CA  1 
ATOM   817 C  C   . GLU A 1 106 ? 7.61055   -12.04328 -0.33356  1.000 43.05315  ? 106 GLU A C   1 
ATOM   818 O  O   . GLU A 1 106 ? 7.28663   -12.81978 -1.23560  1.000 44.75000  ? 106 GLU A O   1 
ATOM   819 C  CB  . GLU A 1 106 ? 6.60843   -12.25465 1.95695   1.000 42.27808  ? 106 GLU A CB  1 
ATOM   820 C  CG  . GLU A 1 106 ? 6.39042   -11.36609 3.18117   1.000 45.84011  ? 106 GLU A CG  1 
ATOM   821 C  CD  . GLU A 1 106 ? 6.06523   -12.16610 4.42449   1.000 49.41418  ? 106 GLU A CD  1 
ATOM   822 O  OE1 . GLU A 1 106 ? 5.34996   -13.17417 4.27265   1.000 52.90826  ? 106 GLU A OE1 1 
ATOM   823 O  OE2 . GLU A 1 106 ? 6.49397   -11.78248 5.54623   1.000 45.71374  ? 106 GLU A OE2 1 
ATOM   824 N  N   . MET A 1 107 ? 8.85426   -11.63395 -0.13272  1.000 41.05471  ? 107 MET A N   1 
ATOM   825 C  CA  . MET A 1 107 ? 9.91477   -11.89218 -1.06096  1.000 38.14900  ? 107 MET A CA  1 
ATOM   826 C  C   . MET A 1 107 ? 11.23061  -11.90341 -0.30972  1.000 44.76690  ? 107 MET A C   1 
ATOM   827 O  O   . MET A 1 107 ? 11.43905  -11.04758 0.56067   1.000 45.74163  ? 107 MET A O   1 
ATOM   828 C  CB  . MET A 1 107 ? 9.93597   -10.79282 -2.09228  1.000 42.59423  ? 107 MET A CB  1 
ATOM   829 C  CG  . MET A 1 107 ? 9.10055   -11.06593 -3.24587  1.000 45.43183  ? 107 MET A CG  1 
ATOM   830 S  SD  . MET A 1 107 ? 9.12990   -9.49283  -4.08310  1.000 49.60825  ? 107 MET A SD  1 
ATOM   831 C  CE  . MET A 1 107 ? 7.58888   -9.73547  -4.97121  1.000 46.89737  ? 107 MET A CE  1 
ATOM   832 N  N   . PRO A 1 108 ? 12.13011  -12.83252 -0.60449  1.000 50.47419  ? 108 PRO A N   1 
ATOM   833 C  CA  . PRO A 1 108 ? 13.44555  -12.77902 0.04127   1.000 47.72353  ? 108 PRO A CA  1 
ATOM   834 C  C   . PRO A 1 108 ? 14.12180  -11.46580 -0.30362  1.000 42.81869  ? 108 PRO A C   1 
ATOM   835 O  O   . PRO A 1 108 ? 14.10757  -11.03287 -1.45297  1.000 46.79630  ? 108 PRO A O   1 
ATOM   836 C  CB  . PRO A 1 108 ? 14.18526  -13.99571 -0.53032  1.000 40.71907  ? 108 PRO A CB  1 
ATOM   837 C  CG  . PRO A 1 108 ? 13.42528  -14.39446 -1.71120  1.000 46.29244  ? 108 PRO A CG  1 
ATOM   838 C  CD  . PRO A 1 108 ? 12.00602  -13.96761 -1.52912  1.000 51.63761  ? 108 PRO A CD  1 
ATOM   839 N  N   . ALA A 1 109 ? 14.67051  -10.80712 0.71852   1.000 44.10334  ? 109 ALA A N   1 
ATOM   840 C  CA  . ALA A 1 109 ? 15.26901  -9.49653  0.50838   1.000 50.01003  ? 109 ALA A CA  1 
ATOM   841 C  C   . ALA A 1 109 ? 16.44215  -9.56235  -0.45431  1.000 47.59996  ? 109 ALA A C   1 
ATOM   842 O  O   . ALA A 1 109 ? 16.79819  -8.54584  -1.06099  1.000 42.73899  ? 109 ALA A O   1 
ATOM   843 C  CB  . ALA A 1 109 ? 15.70183  -8.89501  1.84398   1.000 57.79487  ? 109 ALA A CB  1 
ATOM   844 N  N   . GLN A 1 110 ? 17.03813  -10.74173 -0.61345  1.000 51.97445  ? 110 GLN A N   1 
ATOM   845 C  CA  . GLN A 1 110 ? 18.03733  -10.92821 -1.65395  1.000 50.97958  ? 110 GLN A CA  1 
ATOM   846 C  C   . GLN A 1 110 ? 17.51496  -10.52765 -3.02662  1.000 47.46519  ? 110 GLN A C   1 
ATOM   847 O  O   . GLN A 1 110 ? 18.27489  -10.00463 -3.84463  1.000 49.64964  ? 110 GLN A O   1 
ATOM   848 C  CB  . GLN A 1 110 ? 18.52719  -12.37279 -1.67532  1.000 60.35702  ? 110 GLN A CB  1 
ATOM   849 C  CG  . GLN A 1 110 ? 19.56261  -12.82015 -0.60940  1.000 63.55020  ? 110 GLN A CG  1 
ATOM   850 C  CD  . GLN A 1 110 ? 19.00785  -12.97265 0.79705   1.000 72.64348  ? 110 GLN A CD  1 
ATOM   851 O  OE1 . GLN A 1 110 ? 19.60743  -12.48343 1.75449   1.000 74.09684  ? 110 GLN A OE1 1 
ATOM   852 N  NE2 . GLN A 1 110 ? 17.88997  -13.69259 0.93613   1.000 68.62832  ? 110 GLN A NE2 1 
ATOM   853 N  N   . GLN A 1 111 ? 16.22942  -10.74777 -3.30015  1.000 46.04407  ? 111 GLN A N   1 
ATOM   854 C  CA  . GLN A 1 111 ? 15.62753  -10.37825 -4.58020  1.000 42.25673  ? 111 GLN A CA  1 
ATOM   855 C  C   . GLN A 1 111 ? 14.79430  -9.10127  -4.48943  1.000 50.33973  ? 111 GLN A C   1 
ATOM   856 O  O   . GLN A 1 111 ? 13.71676  -9.00372  -5.09820  1.000 49.34047  ? 111 GLN A O   1 
ATOM   857 C  CB  . GLN A 1 111 ? 14.78991  -11.52521 -5.14855  1.000 41.24905  ? 111 GLN A CB  1 
ATOM   858 C  CG  . GLN A 1 111 ? 13.62733  -12.02815 -4.33109  1.000 40.98654  ? 111 GLN A CG  1 
ATOM   859 C  CD  . GLN A 1 111 ? 13.26494  -13.46183 -4.67477  1.000 42.44615  ? 111 GLN A CD  1 
ATOM   860 O  OE1 . GLN A 1 111 ? 14.08373  -14.36701 -4.53862  1.000 50.26475  ? 111 GLN A OE1 1 
ATOM   861 N  NE2 . GLN A 1 111 ? 12.03222  -13.67828 -5.09769  1.000 42.46118  ? 111 GLN A NE2 1 
ATOM   862 N  N   . MET A 1 112 ? 15.28160  -8.07699  -3.78325  1.000 49.46054  ? 112 MET A N   1 
ATOM   863 C  CA  . MET A 1 112 ? 14.64689  -6.76118  -3.80292  1.000 43.94698  ? 112 MET A CA  1 
ATOM   864 C  C   . MET A 1 112 ? 15.71826  -5.69243  -3.95477  1.000 47.57725  ? 112 MET A C   1 
ATOM   865 O  O   . MET A 1 112 ? 16.64074  -5.62572  -3.13993  1.000 52.26186  ? 112 MET A O   1 
ATOM   866 C  CB  . MET A 1 112 ? 13.82184  -6.52458  -2.53453  1.000 40.25442  ? 112 MET A CB  1 
ATOM   867 C  CG  . MET A 1 112 ? 12.58091  -7.40995  -2.39705  1.000 38.19805  ? 112 MET A CG  1 
ATOM   868 S  SD  . MET A 1 112 ? 11.89433  -7.40565  -0.70351  1.000 37.62070  ? 112 MET A SD  1 
ATOM   869 C  CE  . MET A 1 112 ? 10.87959  -5.92623  -0.68236  1.000 37.71297  ? 112 MET A CE  1 
ATOM   870 N  N   . VAL A 1 113 ? 15.58635  -4.84421  -4.97502  1.000 43.85382  ? 113 VAL A N   1 
ATOM   871 C  CA  . VAL A 1 113 ? 16.52630  -3.75738  -5.22888  1.000 38.02333  ? 113 VAL A CA  1 
ATOM   872 C  C   . VAL A 1 113 ? 15.83534  -2.43185  -4.93164  1.000 40.39381  ? 113 VAL A C   1 
ATOM   873 O  O   . VAL A 1 113 ? 14.74754  -2.14873  -5.45011  1.000 41.21582  ? 113 VAL A O   1 
ATOM   874 C  CB  . VAL A 1 113 ? 17.05683  -3.79675  -6.66870  1.000 38.24883  ? 113 VAL A CB  1 
ATOM   875 C  CG1 . VAL A 1 113 ? 17.87443  -2.54896  -6.98154  1.000 38.00826  ? 113 VAL A CG1 1 
ATOM   876 C  CG2 . VAL A 1 113 ? 17.88532  -5.04498  -6.87619  1.000 39.55335  ? 113 VAL A CG2 1 
ATOM   877 N  N   . GLU A 1 114 ? 16.45923  -1.61669  -4.09690  1.000 41.11158  ? 114 GLU A N   1 
ATOM   878 C  CA  . GLU A 1 114 ? 15.96666  -0.27777  -3.83122  1.000 41.42521  ? 114 GLU A CA  1 
ATOM   879 C  C   . GLU A 1 114 ? 17.09322  0.71384   -4.05597  1.000 41.18090  ? 114 GLU A C   1 
ATOM   880 O  O   . GLU A 1 114 ? 18.19887  0.53760   -3.53346  1.000 39.67574  ? 114 GLU A O   1 
ATOM   881 C  CB  . GLU A 1 114 ? 15.40823  -0.17237  -2.42079  1.000 38.43899  ? 114 GLU A CB  1 
ATOM   882 C  CG  . GLU A 1 114 ? 14.36878  -1.23206  -2.15736  1.000 37.99464  ? 114 GLU A CG  1 
ATOM   883 C  CD  . GLU A 1 114 ? 13.33060  -0.76582  -1.18122  1.000 42.20839  ? 114 GLU A CD  1 
ATOM   884 O  OE1 . GLU A 1 114 ? 13.40885  0.41501   -0.77861  1.000 41.19176  ? 114 GLU A OE1 1 
ATOM   885 O  OE2 . GLU A 1 114 ? 12.44299  -1.57041  -0.81382  1.000 43.33442  ? 114 GLU A OE2 1 
ATOM   886 N  N   . TYR A 1 115 ? 16.81628  1.72862   -4.86746  1.000 39.54527  ? 115 TYR A N   1 
ATOM   887 C  CA  . TYR A 1 115 ? 17.80336  2.74006   -5.20878  1.000 43.55108  ? 115 TYR A CA  1 
ATOM   888 C  C   . TYR A 1 115 ? 18.97913  2.12465   -5.94450  1.000 46.78920  ? 115 TYR A C   1 
ATOM   889 O  O   . TYR A 1 115 ? 20.12140  2.56114   -5.79456  1.000 49.83116  ? 115 TYR A O   1 
ATOM   890 C  CB  . TYR A 1 115 ? 18.27007  3.49176   -3.96155  1.000 45.45806  ? 115 TYR A CB  1 
ATOM   891 C  CG  . TYR A 1 115 ? 17.13380  4.17305   -3.24089  1.000 49.30796  ? 115 TYR A CG  1 
ATOM   892 C  CD1 . TYR A 1 115 ? 16.36858  3.49599   -2.29696  1.000 44.23999  ? 115 TYR A CD1 1 
ATOM   893 C  CD2 . TYR A 1 115 ? 16.81533  5.49264   -3.52017  1.000 46.03953  ? 115 TYR A CD2 1 
ATOM   894 C  CE1 . TYR A 1 115 ? 15.32924  4.12621   -1.64665  1.000 47.08789  ? 115 TYR A CE1 1 
ATOM   895 C  CE2 . TYR A 1 115 ? 15.78195  6.12867   -2.87617  1.000 45.20769  ? 115 TYR A CE2 1 
ATOM   896 C  CZ  . TYR A 1 115 ? 15.04178  5.44624   -1.94001  1.000 54.54809  ? 115 TYR A CZ  1 
ATOM   897 O  OH  . TYR A 1 115 ? 14.00533  6.09594   -1.29693  1.000 61.90361  ? 115 TYR A OH  1 
ATOM   898 N  N   . GLY A 1 116 ? 18.70235  1.09683   -6.74015  1.000 44.01045  ? 116 GLY A N   1 
ATOM   899 C  CA  . GLY A 1 116 ? 19.74926  0.39492   -7.44034  1.000 44.35479  ? 116 GLY A CA  1 
ATOM   900 C  C   . GLY A 1 116 ? 20.58665  -0.50191  -6.56571  1.000 44.71269  ? 116 GLY A C   1 
ATOM   901 O  O   . GLY A 1 116 ? 21.45505  -1.21544  -7.08772  1.000 41.72441  ? 116 GLY A O   1 
ATOM   902 N  N   . ARG A 1 117 ? 20.35441  -0.49903  -5.25690  1.000 47.59275  ? 117 ARG A N   1 
ATOM   903 C  CA  . ARG A 1 117 ? 21.13171  -1.30304  -4.32634  1.000 47.90854  ? 117 ARG A CA  1 
ATOM   904 C  C   . ARG A 1 117 ? 20.29921  -2.46124  -3.81291  1.000 52.95163  ? 117 ARG A C   1 
ATOM   905 O  O   . ARG A 1 117 ? 19.08559  -2.33077  -3.60109  1.000 53.90873  ? 117 ARG A O   1 
ATOM   906 C  CB  . ARG A 1 117 ? 21.63341  -0.48885  -3.13246  1.000 40.29246  ? 117 ARG A CB  1 
ATOM   907 C  CG  . ARG A 1 117 ? 23.00030  0.07399   -3.34553  1.000 44.29045  ? 117 ARG A CG  1 
ATOM   908 C  CD  . ARG A 1 117 ? 22.93593  1.18438   -4.36168  1.000 47.96323  ? 117 ARG A CD  1 
ATOM   909 N  NE  . ARG A 1 117 ? 24.14384  1.28978   -5.17005  1.000 51.97865  ? 117 ARG A NE  1 
ATOM   910 C  CZ  . ARG A 1 117 ? 24.20288  1.94556   -6.32265  1.000 60.51882  ? 117 ARG A CZ  1 
ATOM   911 N  NH1 . ARG A 1 117 ? 23.14831  2.57803   -6.81141  1.000 58.13956  ? 117 ARG A NH1 1 
ATOM   912 N  NH2 . ARG A 1 117 ? 25.34953  1.97275   -6.99881  1.000 61.91683  ? 117 ARG A NH2 1 
ATOM   913 N  N   . PHE A 1 118 ? 20.97047  -3.58834  -3.61020  1.000 53.00274  ? 118 PHE A N   1 
ATOM   914 C  CA  . PHE A 1 118 ? 20.33668  -4.74697  -3.00997  1.000 51.17915  ? 118 PHE A CA  1 
ATOM   915 C  C   . PHE A 1 118 ? 20.15943  -4.52415  -1.51456  1.000 60.38259  ? 118 PHE A C   1 
ATOM   916 O  O   . PHE A 1 118 ? 21.01984  -3.93040  -0.85405  1.000 62.18845  ? 118 PHE A O   1 
ATOM   917 C  CB  . PHE A 1 118 ? 21.18926  -5.99085  -3.23288  1.000 54.43948  ? 118 PHE A CB  1 
ATOM   918 C  CG  . PHE A 1 118 ? 21.00136  -6.63358  -4.56393  1.000 51.58598  ? 118 PHE A CG  1 
ATOM   919 C  CD1 . PHE A 1 118 ? 19.99951  -7.57155  -4.76425  1.000 48.03694  ? 118 PHE A CD1 1 
ATOM   920 C  CD2 . PHE A 1 118 ? 21.83460  -6.30967  -5.61356  1.000 44.17400  ? 118 PHE A CD2 1 
ATOM   921 C  CE1 . PHE A 1 118 ? 19.83096  -8.16314  -5.98298  1.000 42.17067  ? 118 PHE A CE1 1 
ATOM   922 C  CE2 . PHE A 1 118 ? 21.68008  -6.90311  -6.82503  1.000 43.46279  ? 118 PHE A CE2 1 
ATOM   923 C  CZ  . PHE A 1 118 ? 20.67593  -7.83099  -7.01903  1.000 47.98783  ? 118 PHE A CZ  1 
ATOM   924 N  N   . LEU A 1 119 ? 19.04155  -5.02583  -0.98103  1.000 60.97610  ? 119 LEU A N   1 
ATOM   925 C  CA  . LEU A 1 119 ? 18.80151  -5.00134  0.46037   1.000 61.22310  ? 119 LEU A CA  1 
ATOM   926 C  C   . LEU A 1 119 ? 19.69514  -6.00911  1.19990   1.000 70.64849  ? 119 LEU A C   1 
ATOM   927 O  O   . LEU A 1 119 ? 20.49552  -5.62159  2.05845   1.000 77.28026  ? 119 LEU A O   1 
ATOM   928 C  CB  . LEU A 1 119 ? 17.31601  -5.24892  0.73816   1.000 53.64463  ? 119 LEU A CB  1 
ATOM   929 C  CG  . LEU A 1 119 ? 16.28344  -4.24589  0.18292   1.000 46.81959  ? 119 LEU A CG  1 
ATOM   930 C  CD1 . LEU A 1 119 ? 14.92803  -4.49371  0.80228   1.000 49.06367  ? 119 LEU A CD1 1 
ATOM   931 C  CD2 . LEU A 1 119 ? 16.66212  -2.78850  0.37592   1.000 42.71220  ? 119 LEU A CD2 1 
ATOM   932 N  N   . MET A 1 120 ? 19.57608  -7.31193  0.89274   1.000 76.24427  ? 120 MET A N   1 
ATOM   933 C  CA  . MET A 1 120 ? 20.58457  -8.29606  1.29092   1.000 74.15940  ? 120 MET A CA  1 
ATOM   934 C  C   . MET A 1 120 ? 21.20303  -8.89727  0.03598   1.000 64.58299  ? 120 MET A C   1 
ATOM   935 O  O   . MET A 1 120 ? 20.51961  -9.13550  -0.97035  1.000 64.10791  ? 120 MET A O   1 
ATOM   936 C  CB  . MET A 1 120 ? 20.05568  -9.45984  2.18095   1.000 64.33226  ? 120 MET A CB  1 
ATOM   937 C  CG  . MET A 1 120 ? 18.97522  -9.13468  3.20327   1.000 65.08463  ? 120 MET A CG  1 
ATOM   938 S  SD  . MET A 1 120 ? 18.25444  -10.62724 3.96844   1.000 78.95312  ? 120 MET A SD  1 
ATOM   939 C  CE  . MET A 1 120 ? 17.41062  -9.90916  5.39235   1.000 56.07955  ? 120 MET A CE  1 
ATOM   940 N  N   . GLU A 1 121 ? 22.48894  -9.19307  0.13327   1.000 66.72741  ? 121 GLU A N   1 
ATOM   941 C  CA  . GLU A 1 121 ? 23.32207  -9.63269  -0.97289  1.000 67.56352  ? 121 GLU A CA  1 
ATOM   942 C  C   . GLU A 1 121 ? 23.88680  -11.02555 -0.70547  1.000 74.33037  ? 121 GLU A C   1 
ATOM   943 O  O   . GLU A 1 121 ? 23.97586  -11.44278 0.45051   1.000 79.07709  ? 121 GLU A O   1 
ATOM   944 C  CB  . GLU A 1 121 ? 24.46781  -8.63155  -1.17758  1.000 65.61363  ? 121 GLU A CB  1 
ATOM   945 C  CG  . GLU A 1 121 ? 23.93298  -7.21029  -1.43040  1.000 74.63159  ? 121 GLU A CG  1 
ATOM   946 C  CD  . GLU A 1 121 ? 23.70569  -6.35822  -0.16628  1.000 82.38240  ? 121 GLU A CD  1 
ATOM   947 O  OE1 . GLU A 1 121 ? 23.53922  -6.92242  0.93616   1.000 75.46338  ? 121 GLU A OE1 1 
ATOM   948 O  OE2 . GLU A 1 121 ? 23.72428  -5.10841  -0.28142  1.000 81.07725  ? 121 GLU A OE2 1 
ATOM   949 N  N   . PRO A 1 122 ? 24.29170  -11.77376 -1.73965  1.000 76.57216  ? 122 PRO A N   1 
ATOM   950 C  CA  . PRO A 1 122 ? 25.08097  -12.99501 -1.47124  1.000 80.90456  ? 122 PRO A CA  1 
ATOM   951 C  C   . PRO A 1 122 ? 26.41486  -12.73263 -0.76681  1.000 80.30103  ? 122 PRO A C   1 
ATOM   952 O  O   . PRO A 1 122 ? 26.69461  -13.41284 0.22405   1.000 82.69928  ? 122 PRO A O   1 
ATOM   953 C  CB  . PRO A 1 122 ? 25.20594  -13.64937 -2.86380  1.000 71.08908  ? 122 PRO A CB  1 
ATOM   954 C  CG  . PRO A 1 122 ? 24.62438  -12.67348 -3.85393  1.000 69.79436  ? 122 PRO A CG  1 
ATOM   955 C  CD  . PRO A 1 122 ? 24.37105  -11.38439 -3.14272  1.000 70.30786  ? 122 PRO A CD  1 
ATOM   956 N  N   . GLY A 1 123 ? 27.22401  -11.76095 -1.19066  1.000 78.74808  ? 123 GLY A N   1 
ATOM   957 C  CA  . GLY A 1 123 ? 28.31030  -11.28154 -0.34237  1.000 86.93939  ? 123 GLY A CA  1 
ATOM   958 C  C   . GLY A 1 123 ? 29.27493  -12.31904 0.21955   1.000 86.73467  ? 123 GLY A C   1 
ATOM   959 O  O   . GLY A 1 123 ? 29.70016  -13.19313 -0.51599  1.000 102.77695 ? 123 GLY A O   1 
HETATM 960 CL CL  . CL  B 2 .   ? 9.17025   -4.82286  3.48447   1.000 52.37114  ? 201 CL  A CL  1 
HETATM 961 O  O   . HOH C 3 .   ? -11.17391 4.23729   -6.19520  1.000 40.09747  ? 301 HOH A O   1 
HETATM 962 O  O   . HOH C 3 .   ? 2.26749   5.07714   -10.35308 1.000 44.85662  ? 302 HOH A O   1 
HETATM 963 O  O   . HOH C 3 .   ? -14.20971 0.96246   -10.11748 1.000 40.15939  ? 303 HOH A O   1 
HETATM 964 O  O   . HOH C 3 .   ? 6.41799   6.69915   0.66611   1.000 38.57820  ? 304 HOH A O   1 
HETATM 965 O  O   . HOH C 3 .   ? 11.67162  -3.13962  8.71802   1.000 55.28936  ? 305 HOH A O   1 
HETATM 966 O  O   . HOH C 3 .   ? -7.70843  9.16051   -7.68000  1.000 43.44332  ? 306 HOH A O   1 
HETATM 967 O  O   . HOH C 3 .   ? -11.96067 2.24120   -11.57958 1.000 39.03783  ? 307 HOH A O   1 
HETATM 968 O  O   . HOH C 3 .   ? -20.84049 -4.50620  -4.98649  1.000 31.44545  ? 308 HOH A O   1 
HETATM 969 O  O   . HOH C 3 .   ? 2.86381   -10.22425 -6.66405  0.33  22.61068  ? 309 HOH A O   1 
HETATM 970 O  O   . HOH C 3 .   ? 24.26400  -6.49682  4.37431   1.000 46.67946  ? 310 HOH A O   1 
# 
